data_3NDM
#
_entry.id   3NDM
#
_cell.length_a   162.784
_cell.length_b   83.553
_cell.length_c   177.962
_cell.angle_alpha   90.00
_cell.angle_beta   119.95
_cell.angle_gamma   90.00
#
_symmetry.space_group_name_H-M   'C 1 2 1'
#
loop_
_entity.id
_entity.type
_entity.pdbx_description
1 polymer 'Rho-Associated Protein Kinase (ROCK1)'
2 non-polymer (3S,4R)-N-(7-chloro-1-oxo-1,4-dihydroisoquinolin-6-yl)-4-(4-chlorophenyl)pyrrolidine-3-carboxamide
3 water water
#
_entity_poly.entity_id   1
_entity_poly.type   'polypeptide(L)'
_entity_poly.pdbx_seq_one_letter_code
;GSLHMSFETRFEKMDNLLRDPKSEVNSDCLLDGLDALVYDLDFPALRKNKNIDNFLSRYKDTINKIRDLRMKAEDYEVVK
VIGRGAFGEVQLVRHKSTRKVYAMKLLSKFEMIKRSDSAFFWEERDIMAFANSPWVVQLFYAFQDDRYLYMVMEYMPGGD
LVNLMSNYDVPEKWARFYTAEVVLALDAIHSMGFIHRDVKPDNMLLDKSGHLKLADFGTCMKMNKEGMVRCDTAVGTPDY
ISPEVLKSQGGDGYYGRECDWWSVGVFLYEMLVGDTPFYADSLVGTYSKIMNHKNSLTFPDDNDISKEAKNLICAFLTDR
EVRLGRNGVEEIKRHLFFKNDQWAWETLRDTVAPVVPDLSSDIDTSNFDDLEEDKGEEETFPIPKAFVGNQLPFVGFTYY
SNRRYLSSANPNDNR
;
_entity_poly.pdbx_strand_id   A,B,C,D
#
# COMPACT_ATOMS: atom_id res chain seq x y z
N MET A 5 43.84 -15.20 16.32
CA MET A 5 44.72 -15.98 15.45
C MET A 5 44.28 -17.47 15.38
N SER A 6 42.97 -17.68 15.54
CA SER A 6 42.33 -18.98 15.35
C SER A 6 40.79 -18.85 15.53
N PHE A 7 40.01 -19.66 14.83
CA PHE A 7 38.53 -19.56 14.88
C PHE A 7 38.04 -19.40 16.32
N GLU A 8 38.30 -20.41 17.13
CA GLU A 8 37.95 -20.38 18.54
C GLU A 8 38.62 -19.18 19.22
N THR A 9 39.74 -18.74 18.65
CA THR A 9 40.52 -17.62 19.17
C THR A 9 39.79 -16.27 19.06
N ARG A 10 39.88 -15.61 17.91
CA ARG A 10 39.22 -14.31 17.70
C ARG A 10 37.84 -14.30 18.35
N PHE A 11 37.07 -15.35 18.13
CA PHE A 11 35.72 -15.47 18.67
C PHE A 11 35.68 -15.24 20.17
N GLU A 12 36.80 -15.47 20.83
CA GLU A 12 36.95 -15.04 22.21
C GLU A 12 37.23 -13.53 22.22
N LYS A 13 38.30 -13.12 21.51
CA LYS A 13 38.69 -11.70 21.36
C LYS A 13 37.50 -10.76 21.06
N MET A 14 36.45 -11.33 20.47
CA MET A 14 35.28 -10.57 20.01
C MET A 14 34.38 -10.19 21.18
N ASP A 15 33.88 -11.21 21.86
CA ASP A 15 32.99 -11.04 23.00
C ASP A 15 33.40 -9.89 23.93
N ASN A 16 34.68 -9.85 24.27
CA ASN A 16 35.20 -8.79 25.11
C ASN A 16 34.67 -7.48 24.59
N LEU A 17 35.04 -7.17 23.35
CA LEU A 17 34.72 -5.88 22.73
C LEU A 17 33.25 -5.55 22.80
N LEU A 18 32.42 -6.57 22.97
CA LEU A 18 30.97 -6.35 22.96
C LEU A 18 30.42 -6.16 24.34
N ARG A 19 31.29 -6.41 25.32
CA ARG A 19 30.89 -6.42 26.71
C ARG A 19 31.62 -5.36 27.57
N ASP A 20 32.89 -5.13 27.29
CA ASP A 20 33.69 -4.18 28.07
C ASP A 20 33.32 -2.71 27.82
N PRO A 21 32.71 -2.05 28.81
CA PRO A 21 32.25 -0.67 28.59
C PRO A 21 33.34 0.32 28.19
N LYS A 22 34.61 0.05 28.45
CA LYS A 22 35.65 0.98 27.99
C LYS A 22 35.80 0.89 26.47
N SER A 23 35.21 -0.15 25.89
CA SER A 23 35.30 -0.41 24.44
C SER A 23 34.40 0.51 23.64
N GLU A 24 34.89 0.93 22.48
CA GLU A 24 34.15 1.86 21.64
C GLU A 24 33.00 1.16 20.91
N VAL A 25 33.01 -0.16 20.95
CA VAL A 25 32.07 -0.99 20.22
C VAL A 25 31.23 -1.86 21.16
N ASN A 26 31.01 -1.41 22.38
CA ASN A 26 30.21 -2.22 23.28
C ASN A 26 28.77 -2.28 22.82
N SER A 27 28.00 -3.18 23.41
CA SER A 27 26.60 -3.33 23.00
C SER A 27 25.94 -1.98 22.79
N ASP A 28 25.98 -1.16 23.83
CA ASP A 28 25.26 0.11 23.88
C ASP A 28 25.82 1.16 22.91
N CYS A 29 27.03 0.94 22.42
CA CYS A 29 27.62 1.83 21.43
C CYS A 29 27.10 1.51 20.04
N LEU A 30 27.13 0.22 19.70
CA LEU A 30 26.64 -0.29 18.43
C LEU A 30 25.32 0.36 18.09
N LEU A 31 24.40 0.23 19.04
CA LEU A 31 23.06 0.76 18.89
C LEU A 31 23.06 2.23 18.54
N ASP A 32 23.95 3.00 19.16
CA ASP A 32 23.93 4.44 18.98
C ASP A 32 24.16 4.79 17.53
N GLY A 33 24.97 3.99 16.85
CA GLY A 33 25.31 4.23 15.47
C GLY A 33 24.14 3.86 14.60
N LEU A 34 23.58 2.72 14.93
CA LEU A 34 22.40 2.26 14.24
C LEU A 34 21.27 3.26 14.47
N ASP A 35 21.20 3.78 15.68
CA ASP A 35 20.21 4.78 16.02
C ASP A 35 20.47 6.06 15.28
N ALA A 36 21.73 6.49 15.28
CA ALA A 36 22.10 7.77 14.71
C ALA A 36 21.77 7.85 13.23
N LEU A 37 22.15 6.82 12.46
CA LEU A 37 21.81 6.74 11.04
C LEU A 37 20.32 6.99 10.83
N VAL A 38 19.52 6.24 11.55
CA VAL A 38 18.07 6.39 11.50
C VAL A 38 17.63 7.85 11.68
N TYR A 39 18.41 8.64 12.41
CA TYR A 39 18.09 10.06 12.57
C TYR A 39 18.52 10.82 11.35
N ASP A 40 19.81 10.73 11.03
CA ASP A 40 20.40 11.54 9.97
C ASP A 40 20.02 11.08 8.55
N LEU A 41 19.01 10.25 8.44
CA LEU A 41 18.61 9.76 7.14
C LEU A 41 17.13 10.01 6.90
N ASP A 42 16.36 10.04 7.98
CA ASP A 42 14.89 10.03 7.95
C ASP A 42 14.27 11.27 7.31
N PHE A 43 15.12 12.20 6.86
CA PHE A 43 14.65 13.42 6.21
C PHE A 43 14.27 13.18 4.75
N PRO A 44 12.98 13.25 4.45
CA PRO A 44 12.35 13.07 3.13
C PRO A 44 13.31 13.37 2.00
N ALA A 45 14.03 14.47 2.14
CA ALA A 45 14.95 14.93 1.11
C ALA A 45 15.88 13.82 0.64
N LEU A 46 16.20 12.90 1.55
CA LEU A 46 17.12 11.82 1.26
C LEU A 46 16.39 10.52 0.90
N ARG A 47 15.28 10.26 1.57
CA ARG A 47 14.51 9.05 1.32
C ARG A 47 14.23 8.87 -0.19
N LYS A 48 14.66 9.85 -0.99
CA LYS A 48 14.58 9.75 -2.45
C LYS A 48 15.71 8.89 -3.01
N ASN A 49 16.53 8.34 -2.11
CA ASN A 49 17.58 7.38 -2.48
C ASN A 49 17.12 5.93 -2.26
N LYS A 50 17.12 5.14 -3.33
CA LYS A 50 16.64 3.77 -3.28
C LYS A 50 17.10 3.06 -2.01
N ASN A 51 18.42 3.03 -1.82
CA ASN A 51 19.03 2.36 -0.68
C ASN A 51 18.59 2.92 0.66
N ILE A 52 18.63 4.24 0.77
CA ILE A 52 18.24 4.91 2.01
C ILE A 52 16.78 4.69 2.39
N ASP A 53 15.87 4.66 1.43
CA ASP A 53 14.50 4.34 1.77
C ASP A 53 14.42 2.86 2.17
N ASN A 54 14.81 1.97 1.25
CA ASN A 54 14.76 0.54 1.53
C ASN A 54 15.27 0.21 2.93
N PHE A 55 16.16 1.09 3.43
CA PHE A 55 16.84 0.88 4.70
C PHE A 55 15.97 1.23 5.90
N LEU A 56 15.49 2.47 5.93
CA LEU A 56 14.55 2.90 6.95
C LEU A 56 13.31 2.01 6.93
N SER A 57 13.02 1.45 5.76
CA SER A 57 11.94 0.48 5.64
C SER A 57 12.21 -0.58 6.68
N ARG A 58 13.41 -1.14 6.60
CA ARG A 58 13.76 -2.34 7.34
C ARG A 58 13.93 -2.11 8.82
N TYR A 59 14.19 -0.87 9.23
CA TYR A 59 14.45 -0.61 10.64
C TYR A 59 13.54 0.42 11.31
N LYS A 60 13.50 1.64 10.78
CA LYS A 60 12.65 2.70 11.32
C LYS A 60 11.76 2.23 12.47
N ASP A 61 10.81 1.32 12.24
CA ASP A 61 9.93 0.89 13.32
C ASP A 61 10.64 0.09 14.44
N THR A 62 11.41 -0.93 14.06
CA THR A 62 12.25 -1.66 15.01
C THR A 62 13.00 -0.68 15.94
N ILE A 63 13.82 0.19 15.34
CA ILE A 63 14.53 1.22 16.09
C ILE A 63 13.64 2.02 17.00
N ASN A 64 12.47 2.42 16.49
CA ASN A 64 11.50 3.16 17.28
C ASN A 64 11.13 2.44 18.58
N LYS A 65 11.08 1.11 18.54
CA LYS A 65 10.82 0.32 19.73
C LYS A 65 12.06 0.27 20.60
N ILE A 66 13.22 0.12 19.97
CA ILE A 66 14.48 0.13 20.69
C ILE A 66 14.67 1.46 21.42
N ARG A 67 14.15 2.54 20.85
CA ARG A 67 14.22 3.86 21.50
C ARG A 67 13.28 3.97 22.69
N ASP A 68 12.38 3.01 22.81
CA ASP A 68 11.47 3.01 23.94
C ASP A 68 12.00 2.17 25.10
N LEU A 69 12.84 1.18 24.81
CA LEU A 69 13.51 0.44 25.89
C LEU A 69 14.71 1.20 26.42
N ARG A 70 15.60 1.62 25.53
CA ARG A 70 16.77 2.39 25.93
C ARG A 70 16.33 3.47 26.91
N MET A 71 17.24 3.89 27.79
CA MET A 71 16.94 4.93 28.77
C MET A 71 16.65 6.25 28.07
N LYS A 72 15.38 6.53 27.81
CA LYS A 72 15.00 7.79 27.19
C LYS A 72 14.84 8.86 28.27
N ALA A 73 15.02 10.12 27.90
CA ALA A 73 15.00 11.18 28.90
C ALA A 73 13.66 11.28 29.58
N GLU A 74 12.62 10.78 28.93
CA GLU A 74 11.30 10.71 29.52
C GLU A 74 11.36 9.97 30.86
N ASP A 75 12.17 8.91 30.89
CA ASP A 75 12.29 8.04 32.08
C ASP A 75 12.53 8.80 33.37
N TYR A 76 12.78 10.11 33.27
CA TYR A 76 13.11 10.91 34.45
C TYR A 76 12.09 12.01 34.78
N GLU A 77 11.94 12.27 36.07
CA GLU A 77 11.06 13.32 36.58
C GLU A 77 11.85 14.61 36.84
N VAL A 78 11.58 15.64 36.07
CA VAL A 78 12.33 16.89 36.18
C VAL A 78 12.01 17.59 37.48
N VAL A 79 13.03 18.02 38.22
CA VAL A 79 12.81 18.69 39.50
C VAL A 79 13.00 20.18 39.37
N LYS A 80 14.25 20.59 39.20
CA LYS A 80 14.53 21.99 39.08
C LYS A 80 15.94 22.19 38.60
N VAL A 81 16.13 23.25 37.81
CA VAL A 81 17.38 23.53 37.12
C VAL A 81 18.50 23.97 38.06
N ILE A 82 19.05 23.03 38.81
CA ILE A 82 20.09 23.38 39.78
C ILE A 82 21.35 23.99 39.15
N GLY A 83 21.47 23.90 37.83
CA GLY A 83 22.66 24.40 37.18
C GLY A 83 22.40 24.89 35.78
N ARG A 84 23.38 25.58 35.20
CA ARG A 84 23.21 26.14 33.89
C ARG A 84 24.58 26.55 33.37
N GLY A 85 24.85 26.16 32.13
CA GLY A 85 26.10 26.51 31.49
C GLY A 85 25.88 26.97 30.07
N ALA A 86 26.95 27.41 29.42
CA ALA A 86 26.87 27.91 28.07
C ALA A 86 26.26 26.86 27.13
N PHE A 87 26.76 25.64 27.26
CA PHE A 87 26.42 24.57 26.34
C PHE A 87 25.15 23.78 26.77
N GLY A 88 24.56 24.10 27.92
CA GLY A 88 23.42 23.32 28.39
C GLY A 88 23.00 23.64 29.80
N GLU A 89 23.05 22.65 30.69
CA GLU A 89 22.55 22.81 32.07
C GLU A 89 22.46 21.52 32.88
N VAL A 90 22.58 21.65 34.21
CA VAL A 90 22.48 20.53 35.14
C VAL A 90 21.10 20.53 35.83
N GLN A 91 20.55 19.35 36.13
CA GLN A 91 19.23 19.27 36.73
C GLN A 91 19.11 18.18 37.79
N LEU A 92 18.30 18.44 38.81
CA LEU A 92 18.01 17.40 39.78
C LEU A 92 16.76 16.71 39.30
N VAL A 93 16.70 15.40 39.49
CA VAL A 93 15.58 14.63 39.00
C VAL A 93 15.46 13.26 39.64
N ARG A 94 14.23 12.77 39.68
CA ARG A 94 13.95 11.45 40.24
C ARG A 94 13.60 10.46 39.11
N HIS A 95 14.36 9.38 39.04
CA HIS A 95 14.10 8.33 38.07
C HIS A 95 12.65 7.85 38.19
N LYS A 96 11.80 8.27 37.25
CA LYS A 96 10.37 7.96 37.31
C LYS A 96 10.06 6.50 37.66
N SER A 97 10.94 5.59 37.25
CA SER A 97 10.79 4.19 37.61
C SER A 97 11.16 3.98 39.07
N THR A 98 12.43 3.72 39.31
CA THR A 98 12.88 3.33 40.64
C THR A 98 13.13 4.53 41.57
N ARG A 99 12.36 5.59 41.36
CA ARG A 99 12.30 6.76 42.24
C ARG A 99 13.63 7.27 42.78
N LYS A 100 14.73 6.83 42.21
CA LYS A 100 16.04 7.27 42.64
C LYS A 100 16.25 8.72 42.23
N VAL A 101 17.21 9.37 42.87
CA VAL A 101 17.41 10.80 42.64
C VAL A 101 18.84 11.12 42.25
N TYR A 102 19.00 11.68 41.06
CA TYR A 102 20.33 11.98 40.52
C TYR A 102 20.44 13.43 40.00
N ALA A 103 21.62 13.76 39.48
CA ALA A 103 21.87 15.05 38.86
C ALA A 103 22.19 14.85 37.38
N MET A 104 21.27 15.30 36.52
CA MET A 104 21.36 15.04 35.09
C MET A 104 21.68 16.29 34.29
N LYS A 105 22.92 16.41 33.88
CA LYS A 105 23.35 17.52 33.05
C LYS A 105 23.01 17.20 31.62
N LEU A 106 22.53 18.20 30.90
CA LEU A 106 22.25 18.05 29.48
C LEU A 106 23.22 18.86 28.66
N LEU A 107 23.57 18.34 27.48
CA LEU A 107 24.41 19.05 26.53
C LEU A 107 23.63 19.24 25.25
N SER A 108 23.96 20.30 24.53
CA SER A 108 23.20 20.65 23.35
C SER A 108 23.96 20.14 22.14
N LYS A 109 23.44 19.08 21.51
CA LYS A 109 24.06 18.60 20.28
C LYS A 109 24.11 19.74 19.27
N PHE A 110 23.06 20.56 19.23
CA PHE A 110 23.06 21.74 18.36
C PHE A 110 24.21 22.69 18.66
N GLU A 111 24.15 23.34 19.82
CA GLU A 111 25.18 24.30 20.16
C GLU A 111 26.58 23.71 20.01
N MET A 112 26.74 22.45 20.39
CA MET A 112 28.05 21.80 20.33
C MET A 112 28.64 21.68 18.93
N ILE A 113 27.79 21.73 17.92
CA ILE A 113 28.29 21.76 16.55
C ILE A 113 28.51 23.18 16.08
N LYS A 114 27.51 24.04 16.27
CA LYS A 114 27.68 25.44 15.92
C LYS A 114 28.92 26.00 16.59
N ARG A 115 29.09 25.71 17.88
CA ARG A 115 30.33 26.01 18.60
C ARG A 115 31.45 25.14 18.09
N SER A 116 32.60 25.75 17.83
CA SER A 116 33.65 25.06 17.09
C SER A 116 33.97 23.65 17.60
N ASP A 117 33.92 23.45 18.91
CA ASP A 117 34.32 22.14 19.44
C ASP A 117 33.20 21.31 20.06
N SER A 118 33.32 20.01 19.84
CA SER A 118 32.37 19.02 20.31
C SER A 118 33.08 17.72 20.63
N ALA A 119 34.17 17.81 21.39
CA ALA A 119 34.95 16.62 21.73
C ALA A 119 35.23 16.53 23.23
N PHE A 120 34.91 17.57 23.96
CA PHE A 120 35.32 17.71 25.35
C PHE A 120 34.59 16.77 26.28
N PHE A 121 33.39 16.35 25.89
CA PHE A 121 32.56 15.53 26.75
C PHE A 121 33.08 14.11 26.89
N TRP A 122 33.99 13.71 26.01
CA TRP A 122 34.53 12.35 26.06
C TRP A 122 35.40 12.19 27.31
N GLU A 123 36.32 13.13 27.52
CA GLU A 123 37.13 13.17 28.73
C GLU A 123 36.22 13.09 29.94
N GLU A 124 35.22 13.96 29.97
CA GLU A 124 34.27 13.96 31.07
C GLU A 124 33.73 12.57 31.30
N ARG A 125 32.83 12.11 30.43
CA ARG A 125 32.25 10.77 30.52
C ARG A 125 33.24 9.71 31.02
N ASP A 126 34.31 9.48 30.26
CA ASP A 126 35.35 8.52 30.64
C ASP A 126 35.66 8.63 32.14
N ILE A 127 36.05 9.83 32.58
CA ILE A 127 36.39 10.11 33.99
C ILE A 127 35.25 9.85 34.97
N MET A 128 34.24 10.72 34.99
CA MET A 128 33.14 10.66 35.95
C MET A 128 32.59 9.25 36.15
N ALA A 129 32.72 8.43 35.12
CA ALA A 129 32.13 7.10 35.13
C ALA A 129 33.11 6.00 35.55
N PHE A 130 34.39 6.18 35.23
CA PHE A 130 35.36 5.14 35.56
C PHE A 130 36.32 5.51 36.69
N ALA A 131 36.27 6.77 37.10
CA ALA A 131 37.11 7.28 38.17
C ALA A 131 37.09 6.35 39.37
N ASN A 132 35.90 5.94 39.79
CA ASN A 132 35.74 5.14 41.01
C ASN A 132 36.53 5.78 42.14
N SER A 133 36.13 6.99 42.50
CA SER A 133 36.79 7.70 43.59
C SER A 133 35.76 8.51 44.35
N PRO A 134 35.98 8.67 45.66
CA PRO A 134 35.13 9.52 46.48
C PRO A 134 35.46 10.96 46.11
N TRP A 135 36.57 11.11 45.40
CA TRP A 135 37.05 12.41 44.98
C TRP A 135 36.40 12.94 43.71
N VAL A 136 35.85 12.02 42.91
CA VAL A 136 35.19 12.36 41.65
C VAL A 136 33.70 12.06 41.68
N VAL A 137 32.89 13.01 41.22
CA VAL A 137 31.48 12.76 41.10
C VAL A 137 31.37 11.52 40.25
N GLN A 138 30.35 10.71 40.49
CA GLN A 138 30.21 9.48 39.74
C GLN A 138 29.13 9.58 38.67
N LEU A 139 29.35 8.85 37.59
CA LEU A 139 28.40 8.80 36.49
C LEU A 139 27.74 7.45 36.46
N PHE A 140 26.42 7.48 36.47
CA PHE A 140 25.68 6.25 36.49
C PHE A 140 25.23 5.91 35.09
N TYR A 141 24.74 6.91 34.38
CA TYR A 141 24.19 6.67 33.06
C TYR A 141 24.51 7.80 32.11
N ALA A 142 24.44 7.49 30.81
CA ALA A 142 24.68 8.47 29.77
C ALA A 142 23.92 8.04 28.54
N PHE A 143 23.44 8.98 27.76
CA PHE A 143 22.64 8.62 26.62
C PHE A 143 22.25 9.88 25.89
N GLN A 144 21.52 9.72 24.80
CA GLN A 144 21.29 10.83 23.91
C GLN A 144 20.00 10.72 23.13
N ASP A 145 19.71 11.75 22.37
CA ASP A 145 18.67 11.69 21.35
C ASP A 145 19.07 12.71 20.30
N ASP A 146 18.14 13.04 19.39
CA ASP A 146 18.52 13.89 18.27
C ASP A 146 18.89 15.29 18.72
N ARG A 147 18.61 15.62 19.98
CA ARG A 147 18.82 16.99 20.43
C ARG A 147 19.86 17.17 21.55
N TYR A 148 19.88 16.26 22.53
CA TYR A 148 20.72 16.44 23.72
C TYR A 148 21.54 15.21 24.09
N LEU A 149 22.66 15.43 24.77
CA LEU A 149 23.36 14.36 25.47
C LEU A 149 23.04 14.49 26.97
N TYR A 150 22.84 13.37 27.64
CA TYR A 150 22.44 13.40 29.04
C TYR A 150 23.46 12.65 29.88
N MET A 151 23.75 13.16 31.07
CA MET A 151 24.66 12.52 32.01
C MET A 151 24.00 12.41 33.36
N VAL A 152 23.67 11.20 33.76
CA VAL A 152 23.03 10.98 35.05
C VAL A 152 24.09 10.73 36.11
N MET A 153 24.27 11.71 36.99
CA MET A 153 25.34 11.65 37.99
C MET A 153 24.81 11.74 39.40
N GLU A 154 25.62 11.30 40.36
CA GLU A 154 25.26 11.40 41.76
C GLU A 154 24.99 12.84 42.14
N TYR A 155 23.80 13.09 42.65
CA TYR A 155 23.44 14.42 43.10
C TYR A 155 24.42 14.88 44.16
N MET A 156 24.64 16.19 44.24
CA MET A 156 25.42 16.75 45.35
C MET A 156 24.62 17.81 46.09
N PRO A 157 23.85 17.38 47.11
CA PRO A 157 23.07 18.34 47.89
C PRO A 157 23.99 19.43 48.39
N GLY A 158 25.22 19.03 48.75
CA GLY A 158 26.23 19.96 49.24
C GLY A 158 26.27 21.30 48.54
N GLY A 159 26.81 21.34 47.33
CA GLY A 159 26.83 22.58 46.57
C GLY A 159 28.21 23.00 46.11
N ASP A 160 28.25 24.09 45.34
CA ASP A 160 29.53 24.61 44.83
C ASP A 160 30.30 25.40 45.89
N LEU A 161 31.62 25.36 45.81
CA LEU A 161 32.47 25.95 46.83
C LEU A 161 32.63 27.45 46.66
N VAL A 162 31.91 28.03 45.71
CA VAL A 162 31.89 29.47 45.57
C VAL A 162 30.65 30.01 46.28
N ASN A 163 29.63 29.16 46.40
CA ASN A 163 28.41 29.47 47.16
C ASN A 163 28.70 29.43 48.66
N LEU A 164 29.52 28.47 49.07
CA LEU A 164 29.98 28.43 50.45
C LEU A 164 30.69 29.74 50.79
N MET A 165 31.38 30.31 49.81
CA MET A 165 32.10 31.56 50.00
C MET A 165 31.24 32.81 49.83
N SER A 166 29.93 32.68 50.04
CA SER A 166 29.04 33.82 49.94
C SER A 166 28.09 33.88 51.13
N ASN A 167 28.01 32.78 51.86
CA ASN A 167 27.25 32.76 53.11
C ASN A 167 28.01 33.45 54.26
N GLU A 172 40.89 29.33 58.88
CA GLU A 172 41.88 28.54 58.14
C GLU A 172 41.95 27.08 58.60
N LYS A 173 41.34 26.78 59.74
CA LYS A 173 41.08 25.38 60.13
C LYS A 173 40.02 24.88 59.16
N TRP A 174 39.46 25.82 58.41
CA TRP A 174 38.49 25.52 57.38
C TRP A 174 39.14 25.38 56.01
N ALA A 175 40.01 26.33 55.69
CA ALA A 175 40.69 26.38 54.39
C ALA A 175 41.68 25.24 54.21
N ARG A 176 42.39 24.88 55.26
CA ARG A 176 43.36 23.80 55.16
C ARG A 176 42.65 22.49 54.86
N PHE A 177 41.38 22.42 55.24
CA PHE A 177 40.55 21.23 54.97
C PHE A 177 40.10 21.14 53.51
N TYR A 178 39.43 22.19 53.00
CA TYR A 178 39.02 22.25 51.59
C TYR A 178 40.22 22.10 50.66
N THR A 179 41.16 23.03 50.73
CA THR A 179 42.40 22.96 49.95
C THR A 179 43.05 21.56 49.96
N ALA A 180 43.03 20.90 51.12
CA ALA A 180 43.59 19.55 51.22
C ALA A 180 42.81 18.59 50.32
N GLU A 181 41.49 18.51 50.52
CA GLU A 181 40.64 17.65 49.70
C GLU A 181 40.86 17.90 48.21
N VAL A 182 40.93 19.17 47.82
CA VAL A 182 41.16 19.54 46.42
C VAL A 182 42.53 19.11 45.96
N VAL A 183 43.50 19.22 46.84
CA VAL A 183 44.81 18.73 46.52
C VAL A 183 44.76 17.22 46.30
N LEU A 184 43.91 16.53 47.05
CA LEU A 184 43.82 15.08 46.92
C LEU A 184 42.99 14.65 45.70
N ALA A 185 41.81 15.23 45.58
CA ALA A 185 40.92 14.92 44.46
C ALA A 185 41.68 15.07 43.15
N LEU A 186 42.46 16.13 43.06
CA LEU A 186 43.17 16.44 41.85
C LEU A 186 44.27 15.42 41.55
N ASP A 187 44.97 14.94 42.57
CA ASP A 187 46.01 13.94 42.34
C ASP A 187 45.40 12.69 41.77
N ALA A 188 44.15 12.42 42.13
CA ALA A 188 43.42 11.31 41.55
C ALA A 188 43.44 11.43 40.04
N ILE A 189 42.93 12.57 39.56
CA ILE A 189 42.90 12.90 38.14
C ILE A 189 44.26 12.68 37.48
N HIS A 190 45.27 13.38 37.98
CA HIS A 190 46.61 13.29 37.41
C HIS A 190 47.04 11.82 37.27
N SER A 191 46.79 11.03 38.32
CA SER A 191 47.18 9.62 38.31
C SER A 191 46.43 8.84 37.25
N MET A 192 45.25 9.33 36.86
CA MET A 192 44.48 8.74 35.78
C MET A 192 45.08 9.14 34.44
N GLY A 193 46.05 10.04 34.47
CA GLY A 193 46.69 10.55 33.26
C GLY A 193 46.02 11.79 32.69
N PHE A 194 45.25 12.48 33.52
CA PHE A 194 44.49 13.66 33.11
C PHE A 194 44.97 14.92 33.82
N ILE A 195 44.94 16.03 33.10
CA ILE A 195 45.25 17.35 33.66
C ILE A 195 44.03 18.21 33.47
N HIS A 196 43.37 18.55 34.56
CA HIS A 196 42.04 19.16 34.45
C HIS A 196 42.02 20.42 33.62
N ARG A 197 42.84 21.40 34.00
CA ARG A 197 42.98 22.65 33.25
C ARG A 197 41.86 23.65 33.48
N ASP A 198 41.23 23.59 34.64
CA ASP A 198 40.14 24.53 34.92
C ASP A 198 39.66 24.37 36.34
N VAL A 199 40.55 24.48 37.30
CA VAL A 199 40.14 24.42 38.69
C VAL A 199 39.39 25.73 38.99
N LYS A 200 38.46 25.71 39.95
CA LYS A 200 37.69 26.88 40.40
C LYS A 200 36.54 26.45 41.31
N PRO A 201 36.03 27.37 42.16
CA PRO A 201 35.02 26.94 43.15
C PRO A 201 33.73 26.54 42.45
N ASP A 202 33.60 26.94 41.20
CA ASP A 202 32.44 26.56 40.40
C ASP A 202 32.41 25.04 40.16
N ASN A 203 33.58 24.42 40.06
CA ASN A 203 33.67 23.00 39.73
C ASN A 203 33.80 22.09 40.96
N MET A 204 33.63 22.68 42.14
CA MET A 204 33.81 21.97 43.40
C MET A 204 32.47 21.75 44.11
N LEU A 205 32.08 20.49 44.28
CA LEU A 205 30.79 20.21 44.89
C LEU A 205 30.92 19.44 46.19
N LEU A 206 29.89 19.52 47.02
CA LEU A 206 29.92 18.90 48.34
C LEU A 206 28.80 17.88 48.48
N ASP A 207 29.10 16.74 49.13
CA ASP A 207 28.13 15.65 49.26
C ASP A 207 27.26 15.76 50.50
N LYS A 208 26.39 14.77 50.69
CA LYS A 208 25.53 14.72 51.87
C LYS A 208 26.33 14.99 53.13
N SER A 209 27.64 14.76 53.06
CA SER A 209 28.52 14.87 54.23
C SER A 209 29.52 16.01 54.15
N GLY A 210 29.14 17.10 53.48
CA GLY A 210 30.00 18.27 53.40
C GLY A 210 31.40 18.03 52.84
N HIS A 211 31.60 16.88 52.19
CA HIS A 211 32.87 16.54 51.52
C HIS A 211 32.85 16.85 50.01
N LEU A 212 33.99 17.33 49.52
CA LEU A 212 34.07 17.83 48.14
C LEU A 212 34.47 16.79 47.10
N LYS A 213 33.94 16.98 45.91
CA LYS A 213 34.34 16.23 44.73
C LYS A 213 34.48 17.24 43.60
N LEU A 214 34.98 16.80 42.45
CA LEU A 214 35.03 17.65 41.26
C LEU A 214 33.91 17.31 40.29
N ALA A 215 33.38 18.31 39.59
CA ALA A 215 32.17 18.05 38.82
C ALA A 215 32.26 18.28 37.32
N ASP A 216 33.03 19.27 36.90
CA ASP A 216 33.15 19.49 35.46
C ASP A 216 34.54 19.08 35.03
N PHE A 217 34.64 18.58 33.80
CA PHE A 217 35.90 18.06 33.29
C PHE A 217 36.07 18.42 31.80
N GLY A 218 35.12 19.20 31.27
CA GLY A 218 35.09 19.60 29.88
C GLY A 218 36.27 20.44 29.49
N THR A 219 37.45 19.88 29.70
CA THR A 219 38.68 20.63 29.61
C THR A 219 39.78 19.62 29.72
N CYS A 220 39.65 18.70 30.67
CA CYS A 220 40.66 17.68 30.91
C CYS A 220 41.31 17.20 29.62
N MET A 221 42.58 16.85 29.70
CA MET A 221 43.28 16.36 28.54
C MET A 221 44.30 15.35 28.98
N LYS A 222 44.41 14.23 28.27
CA LYS A 222 45.33 13.19 28.70
C LYS A 222 46.79 13.50 28.37
N MET A 223 47.62 13.53 29.42
CA MET A 223 49.05 13.75 29.25
C MET A 223 49.72 12.52 28.67
N ASN A 224 50.66 12.74 27.75
CA ASN A 224 51.41 11.63 27.17
C ASN A 224 52.29 10.96 28.22
N LYS A 225 52.94 9.87 27.83
CA LYS A 225 53.69 9.06 28.77
C LYS A 225 54.71 9.85 29.59
N GLU A 226 54.95 11.09 29.16
CA GLU A 226 55.94 11.95 29.79
C GLU A 226 55.28 13.02 30.67
N GLY A 227 54.06 12.75 31.12
CA GLY A 227 53.34 13.66 31.98
C GLY A 227 53.08 15.01 31.37
N MET A 228 53.40 15.14 30.09
CA MET A 228 53.27 16.43 29.41
C MET A 228 52.06 16.43 28.49
N VAL A 229 51.68 17.61 28.01
CA VAL A 229 50.59 17.76 27.06
C VAL A 229 51.01 18.75 25.99
N ARG A 230 50.55 18.52 24.75
CA ARG A 230 50.99 19.33 23.62
C ARG A 230 49.90 20.28 23.10
N CYS A 231 49.18 20.94 24.01
CA CYS A 231 48.12 21.85 23.58
C CYS A 231 48.68 23.23 23.21
N ASP A 232 47.85 24.03 22.54
CA ASP A 232 48.20 25.40 22.19
C ASP A 232 46.94 26.27 22.04
N THR A 233 46.01 26.14 22.99
CA THR A 233 44.84 27.01 23.10
C THR A 233 44.47 27.14 24.57
N ALA A 234 44.11 28.34 24.99
CA ALA A 234 43.78 28.60 26.40
C ALA A 234 42.38 28.09 26.78
N VAL A 235 42.27 27.46 27.95
CA VAL A 235 40.97 27.12 28.52
C VAL A 235 40.88 27.42 30.02
N GLY A 236 39.66 27.61 30.49
CA GLY A 236 39.39 27.74 31.91
C GLY A 236 38.52 28.92 32.31
N THR A 237 38.92 29.59 33.39
CA THR A 237 38.32 30.82 33.86
C THR A 237 39.43 31.84 33.98
N PRO A 238 39.17 33.09 33.58
CA PRO A 238 40.21 34.13 33.56
C PRO A 238 40.99 34.21 34.88
N ASP A 239 40.27 34.54 35.94
CA ASP A 239 40.88 34.84 37.23
C ASP A 239 41.73 33.69 37.74
N TYR A 240 41.79 32.61 36.99
CA TYR A 240 42.49 31.41 37.44
C TYR A 240 43.58 30.94 36.48
N ILE A 241 43.29 30.96 35.20
CA ILE A 241 44.22 30.46 34.20
C ILE A 241 45.67 30.74 34.61
N SER A 242 46.55 29.78 34.39
CA SER A 242 47.96 29.94 34.74
C SER A 242 48.75 30.59 33.63
N PRO A 243 49.92 31.17 33.95
CA PRO A 243 50.79 31.85 32.99
C PRO A 243 51.17 31.00 31.76
N GLU A 244 51.59 29.76 31.96
CA GLU A 244 52.04 28.94 30.84
C GLU A 244 50.90 28.60 29.89
N VAL A 245 49.67 28.66 30.38
CA VAL A 245 48.50 28.38 29.56
C VAL A 245 48.15 29.57 28.67
N LEU A 246 48.62 30.76 29.06
CA LEU A 246 48.40 31.98 28.26
C LEU A 246 49.47 32.13 27.18
N LYS A 247 50.69 31.72 27.51
CA LYS A 247 51.78 31.70 26.56
C LYS A 247 51.60 30.50 25.63
N SER A 248 50.50 29.78 25.83
CA SER A 248 50.26 28.56 25.08
C SER A 248 50.30 28.89 23.61
N GLN A 249 50.00 30.16 23.33
CA GLN A 249 50.05 30.70 21.98
C GLN A 249 51.47 31.16 21.65
N TYR A 254 52.84 23.26 25.12
CA TYR A 254 53.44 22.07 25.70
C TYR A 254 53.67 22.26 27.20
N TYR A 255 53.04 21.42 28.02
CA TYR A 255 53.21 21.48 29.46
C TYR A 255 52.63 20.27 30.18
N GLY A 256 52.27 20.43 31.45
CA GLY A 256 51.88 19.31 32.28
C GLY A 256 51.02 19.71 33.47
N ARG A 257 50.94 18.83 34.46
CA ARG A 257 49.97 18.94 35.55
C ARG A 257 50.22 20.11 36.47
N GLU A 258 51.45 20.59 36.50
CA GLU A 258 51.82 21.67 37.41
C GLU A 258 50.86 22.86 37.34
N CYS A 259 50.23 23.03 36.19
CA CYS A 259 49.36 24.18 36.01
C CYS A 259 48.07 24.05 36.79
N ASP A 260 47.70 22.82 37.12
CA ASP A 260 46.50 22.57 37.91
C ASP A 260 46.73 23.00 39.36
N TRP A 261 47.98 23.03 39.76
CA TRP A 261 48.32 23.47 41.10
C TRP A 261 48.25 24.98 41.16
N TRP A 262 48.73 25.65 40.12
CA TRP A 262 48.67 27.10 40.09
C TRP A 262 47.27 27.54 40.50
N SER A 263 46.27 26.88 39.93
CA SER A 263 44.89 27.16 40.23
C SER A 263 44.63 26.97 41.72
N VAL A 264 45.26 25.93 42.28
CA VAL A 264 45.09 25.63 43.69
C VAL A 264 45.44 26.84 44.54
N GLY A 265 46.55 27.50 44.24
CA GLY A 265 46.92 28.73 44.91
C GLY A 265 45.85 29.79 44.76
N VAL A 266 45.27 29.86 43.57
CA VAL A 266 44.23 30.83 43.25
C VAL A 266 42.97 30.58 44.07
N PHE A 267 42.71 29.31 44.39
CA PHE A 267 41.60 28.95 45.26
C PHE A 267 41.92 29.39 46.70
N LEU A 268 43.04 28.89 47.23
CA LEU A 268 43.47 29.22 48.60
C LEU A 268 43.42 30.72 48.83
N TYR A 269 43.92 31.49 47.85
CA TYR A 269 43.90 32.94 47.96
C TYR A 269 42.47 33.47 48.13
N GLU A 270 41.64 33.32 47.10
CA GLU A 270 40.28 33.85 47.15
C GLU A 270 39.52 33.28 48.34
N MET A 271 39.89 32.09 48.77
CA MET A 271 39.22 31.46 49.89
C MET A 271 39.45 32.25 51.18
N LEU A 272 40.71 32.52 51.48
CA LEU A 272 41.07 33.31 52.65
C LEU A 272 40.70 34.78 52.45
N VAL A 273 41.23 35.36 51.37
CA VAL A 273 41.02 36.78 51.04
C VAL A 273 39.55 37.18 50.86
N GLY A 274 39.10 37.25 49.61
CA GLY A 274 37.73 37.62 49.32
C GLY A 274 37.55 37.68 47.82
N ASP A 275 38.62 38.07 47.13
CA ASP A 275 38.64 38.05 45.69
C ASP A 275 39.95 37.49 45.17
N THR A 276 39.90 37.09 43.90
CA THR A 276 41.03 36.51 43.18
C THR A 276 42.32 37.35 43.31
N PRO A 277 43.49 36.69 43.34
CA PRO A 277 44.79 37.39 43.42
C PRO A 277 45.24 38.00 42.10
N PHE A 278 44.29 38.25 41.20
CA PHE A 278 44.57 39.02 39.98
C PHE A 278 43.31 39.72 39.43
N TYR A 279 42.30 39.85 40.29
CA TYR A 279 41.04 40.51 39.93
C TYR A 279 41.27 41.79 39.14
N ALA A 280 40.34 42.11 38.24
CA ALA A 280 40.41 43.34 37.46
C ALA A 280 39.03 43.84 37.06
N ASP A 281 38.80 45.15 37.18
CA ASP A 281 37.55 45.75 36.73
C ASP A 281 37.37 45.38 35.28
N SER A 282 38.49 45.36 34.57
CA SER A 282 38.51 44.95 33.19
C SER A 282 39.33 43.68 33.13
N LEU A 283 38.64 42.57 32.98
CA LEU A 283 39.28 41.27 32.90
C LEU A 283 40.53 41.35 32.05
N VAL A 284 40.43 42.03 30.91
CA VAL A 284 41.55 42.25 30.00
C VAL A 284 42.87 42.42 30.76
N GLY A 285 42.82 43.23 31.82
CA GLY A 285 44.00 43.49 32.63
C GLY A 285 44.50 42.23 33.30
N THR A 286 43.56 41.49 33.88
CA THR A 286 43.87 40.24 34.56
C THR A 286 44.88 39.37 33.76
N TYR A 287 44.91 39.56 32.45
CA TYR A 287 45.87 38.86 31.59
C TYR A 287 47.29 39.21 31.97
N SER A 288 47.61 40.50 31.90
CA SER A 288 48.94 40.97 32.25
C SER A 288 49.20 40.80 33.74
N LYS A 289 48.14 40.94 34.55
CA LYS A 289 48.22 40.61 35.97
C LYS A 289 48.93 39.30 36.18
N ILE A 290 48.32 38.23 35.69
CA ILE A 290 48.83 36.86 35.87
C ILE A 290 50.23 36.66 35.29
N MET A 291 50.51 37.30 34.16
CA MET A 291 51.81 37.22 33.51
C MET A 291 52.91 37.80 34.40
N ASN A 292 52.55 38.82 35.17
CA ASN A 292 53.47 39.44 36.12
C ASN A 292 53.20 38.93 37.52
N HIS A 293 52.98 37.62 37.62
CA HIS A 293 52.66 36.97 38.89
C HIS A 293 53.66 37.37 39.96
N LYS A 294 54.93 37.37 39.56
CA LYS A 294 56.00 37.83 40.42
C LYS A 294 55.60 39.15 41.08
N ASN A 295 55.31 40.16 40.25
CA ASN A 295 54.97 41.49 40.75
C ASN A 295 53.52 41.59 41.19
N SER A 296 52.66 41.67 40.19
CA SER A 296 51.22 41.85 40.36
C SER A 296 50.70 41.30 41.69
N LEU A 297 51.26 40.18 42.12
CA LEU A 297 50.86 39.53 43.36
C LEU A 297 50.77 40.50 44.56
N THR A 298 49.56 40.98 44.84
CA THR A 298 49.33 41.88 45.97
C THR A 298 49.02 41.10 47.24
N PHE A 299 48.61 41.83 48.29
CA PHE A 299 48.35 41.25 49.62
C PHE A 299 47.80 42.30 50.58
N PRO A 300 46.71 41.95 51.29
CA PRO A 300 46.05 42.84 52.28
C PRO A 300 46.95 43.22 53.47
N ASP A 304 49.42 38.49 57.28
CA ASP A 304 48.20 39.06 57.86
C ASP A 304 47.28 37.92 58.33
N ILE A 305 47.48 36.72 57.81
CA ILE A 305 46.73 35.55 58.26
C ILE A 305 47.67 34.48 58.77
N SER A 306 48.25 33.73 57.86
CA SER A 306 49.21 32.70 58.22
C SER A 306 50.53 32.90 57.50
N LYS A 307 51.62 32.46 58.14
CA LYS A 307 52.93 32.41 57.51
C LYS A 307 52.98 31.17 56.62
N GLU A 308 52.23 30.15 57.03
CA GLU A 308 52.13 28.90 56.27
C GLU A 308 51.24 29.07 55.05
N ALA A 309 50.15 29.81 55.23
CA ALA A 309 49.27 30.15 54.12
C ALA A 309 50.10 30.81 53.04
N LYS A 310 50.72 31.93 53.40
CA LYS A 310 51.56 32.67 52.46
C LYS A 310 52.63 31.79 51.78
N ASN A 311 53.44 31.10 52.58
CA ASN A 311 54.51 30.25 52.03
C ASN A 311 54.01 29.21 51.03
N LEU A 312 52.75 28.83 51.18
CA LEU A 312 52.07 27.98 50.21
C LEU A 312 51.73 28.79 48.96
N ILE A 313 50.80 29.73 49.11
CA ILE A 313 50.36 30.62 48.02
C ILE A 313 51.50 31.02 47.10
N CYS A 314 52.44 31.79 47.63
CA CYS A 314 53.53 32.29 46.81
C CYS A 314 54.55 31.21 46.51
N ALA A 315 54.10 29.97 46.55
CA ALA A 315 54.89 28.85 46.08
C ALA A 315 54.15 28.13 44.94
N PHE A 316 52.84 28.38 44.86
CA PHE A 316 52.03 27.92 43.74
C PHE A 316 52.03 28.99 42.66
N LEU A 317 51.74 30.23 43.06
CA LEU A 317 51.71 31.37 42.15
C LEU A 317 53.12 31.74 41.70
N THR A 318 53.98 30.73 41.63
CA THR A 318 55.34 30.90 41.16
C THR A 318 55.41 30.47 39.72
N ASP A 319 56.51 30.81 39.04
CA ASP A 319 56.67 30.45 37.64
C ASP A 319 56.71 28.93 37.46
N ARG A 320 56.05 28.45 36.41
CA ARG A 320 55.87 27.03 36.12
C ARG A 320 57.10 26.17 36.40
N GLU A 321 58.23 26.58 35.85
CA GLU A 321 59.44 25.78 35.91
C GLU A 321 59.85 25.58 37.37
N VAL A 322 59.18 26.28 38.27
CA VAL A 322 59.49 26.24 39.69
C VAL A 322 58.21 26.46 40.50
N ARG A 323 57.39 25.42 40.60
CA ARG A 323 56.11 25.53 41.30
C ARG A 323 55.94 24.36 42.27
N LEU A 324 55.37 24.64 43.44
CA LEU A 324 55.19 23.63 44.46
C LEU A 324 54.59 22.39 43.82
N GLY A 325 55.40 21.34 43.68
CA GLY A 325 54.91 20.10 43.10
C GLY A 325 55.42 19.88 41.69
N ARG A 326 56.41 20.67 41.28
CA ARG A 326 57.12 20.44 40.02
C ARG A 326 57.18 18.95 39.71
N ASN A 327 57.71 18.19 40.66
CA ASN A 327 57.59 16.73 40.64
C ASN A 327 57.32 16.18 42.04
N GLY A 328 56.50 15.13 42.09
CA GLY A 328 56.15 14.50 43.35
C GLY A 328 55.20 15.39 44.12
N VAL A 329 53.93 15.04 44.12
CA VAL A 329 52.97 15.90 44.78
C VAL A 329 53.01 15.70 46.31
N GLU A 330 53.91 14.82 46.75
CA GLU A 330 54.12 14.62 48.17
C GLU A 330 54.71 15.87 48.82
N GLU A 331 55.59 16.58 48.11
CA GLU A 331 56.18 17.79 48.65
C GLU A 331 55.14 18.87 48.99
N ILE A 332 54.06 18.94 48.19
CA ILE A 332 52.94 19.84 48.47
C ILE A 332 52.25 19.42 49.76
N LYS A 333 52.12 18.11 49.93
CA LYS A 333 51.55 17.51 51.14
C LYS A 333 52.41 17.89 52.34
N ARG A 334 53.70 17.57 52.25
CA ARG A 334 54.67 17.91 53.28
C ARG A 334 55.10 19.37 53.22
N HIS A 335 54.14 20.29 53.03
CA HIS A 335 54.41 21.72 53.21
C HIS A 335 53.69 22.17 54.48
N LEU A 336 54.38 22.98 55.29
CA LEU A 336 53.98 23.25 56.67
C LEU A 336 52.51 23.64 56.85
N PHE A 337 51.95 24.35 55.89
CA PHE A 337 50.56 24.80 55.96
C PHE A 337 49.58 23.68 56.37
N PHE A 338 49.87 22.46 55.94
CA PHE A 338 49.01 21.31 56.21
C PHE A 338 49.19 20.72 57.60
N LYS A 339 50.33 20.98 58.23
CA LYS A 339 50.60 20.49 59.58
C LYS A 339 49.40 20.79 60.47
N ASN A 340 48.78 19.75 61.01
CA ASN A 340 47.62 19.91 61.88
C ASN A 340 47.31 18.67 62.70
N ASP A 341 46.27 18.75 63.50
CA ASP A 341 45.85 17.64 64.34
C ASP A 341 44.33 17.58 64.51
N GLN A 342 43.63 17.25 63.42
CA GLN A 342 42.19 17.02 63.46
C GLN A 342 41.81 16.10 62.31
N TRP A 343 42.75 15.91 61.38
CA TRP A 343 42.62 14.99 60.26
C TRP A 343 44.01 14.68 59.72
N ALA A 344 44.12 13.66 58.89
CA ALA A 344 45.39 13.33 58.26
C ALA A 344 45.17 12.88 56.83
N TRP A 345 46.15 13.12 55.98
CA TRP A 345 46.04 12.73 54.58
C TRP A 345 45.19 11.49 54.45
N GLU A 346 45.74 10.37 54.91
CA GLU A 346 45.06 9.08 54.75
C GLU A 346 43.89 8.91 55.71
N THR A 347 43.03 9.93 55.76
CA THR A 347 41.77 9.83 56.51
C THR A 347 40.87 11.04 56.31
N LEU A 348 41.44 12.13 55.80
CA LEU A 348 40.75 13.41 55.68
C LEU A 348 39.25 13.28 55.41
N ARG A 349 38.88 12.34 54.55
CA ARG A 349 37.49 12.22 54.14
C ARG A 349 36.63 11.59 55.24
N ASP A 350 37.21 10.65 55.99
CA ASP A 350 36.50 9.96 57.05
C ASP A 350 36.07 10.93 58.14
N THR A 351 36.89 11.94 58.36
CA THR A 351 36.60 12.95 59.37
C THR A 351 35.25 13.56 59.08
N VAL A 352 34.98 14.69 59.71
CA VAL A 352 33.74 15.39 59.43
C VAL A 352 34.03 16.76 58.83
N ALA A 353 33.24 17.13 57.84
CA ALA A 353 33.46 18.35 57.08
C ALA A 353 33.13 19.61 57.89
N PRO A 354 33.87 20.69 57.64
CA PRO A 354 33.65 21.99 58.27
C PRO A 354 32.20 22.42 58.12
N VAL A 355 31.53 21.91 57.09
CA VAL A 355 30.12 22.21 56.88
C VAL A 355 29.37 20.94 56.51
N VAL A 356 28.20 20.74 57.11
CA VAL A 356 27.38 19.54 56.89
C VAL A 356 26.00 19.86 56.32
N PRO A 357 25.61 19.17 55.24
CA PRO A 357 24.31 19.40 54.61
C PRO A 357 23.14 19.32 55.58
N ASP A 358 22.54 20.46 55.87
CA ASP A 358 21.31 20.48 56.62
C ASP A 358 20.14 20.33 55.63
N LEU A 359 19.94 19.10 55.16
CA LEU A 359 18.93 18.82 54.14
C LEU A 359 17.57 18.53 54.75
N SER A 360 16.52 19.06 54.12
CA SER A 360 15.17 18.77 54.60
C SER A 360 14.74 17.38 54.14
N SER A 361 15.15 17.01 52.94
CA SER A 361 14.86 15.67 52.43
C SER A 361 15.88 15.30 51.37
N ASP A 362 15.45 14.45 50.44
CA ASP A 362 16.35 13.99 49.39
C ASP A 362 16.46 15.01 48.26
N ILE A 363 15.53 15.96 48.21
CA ILE A 363 15.51 16.91 47.12
C ILE A 363 15.59 18.38 47.55
N ASP A 364 16.42 18.63 48.56
CA ASP A 364 16.57 19.98 49.08
C ASP A 364 17.53 20.79 48.22
N THR A 365 16.99 21.55 47.27
CA THR A 365 17.84 22.38 46.43
C THR A 365 18.14 23.74 47.04
N SER A 366 18.34 23.74 48.35
CA SER A 366 18.55 24.98 49.08
C SER A 366 19.90 25.64 48.77
N ASN A 367 20.94 24.84 48.67
CA ASN A 367 22.29 25.36 48.48
C ASN A 367 22.52 25.90 47.08
N PHE A 368 21.51 25.76 46.23
CA PHE A 368 21.61 26.16 44.84
C PHE A 368 20.59 27.22 44.47
N ASP A 369 21.06 28.33 43.91
CA ASP A 369 20.19 29.43 43.59
C ASP A 369 19.24 29.10 42.43
N ASP A 370 17.99 28.83 42.76
CA ASP A 370 16.93 28.59 41.78
C ASP A 370 17.13 29.42 40.51
N LEU A 371 16.96 28.82 39.33
CA LEU A 371 17.19 29.54 38.06
C LEU A 371 16.11 29.31 36.99
N GLU A 372 15.69 30.41 36.34
CA GLU A 372 14.59 30.43 35.36
C GLU A 372 14.73 29.35 34.28
N GLU A 377 16.73 29.38 23.56
CA GLU A 377 16.87 30.26 22.40
C GLU A 377 15.76 30.14 21.35
N GLU A 378 15.35 28.92 20.97
CA GLU A 378 15.92 27.64 21.42
C GLU A 378 16.38 26.75 20.24
N GLU A 379 17.42 27.25 19.57
CA GLU A 379 18.00 26.64 18.37
C GLU A 379 17.71 25.16 18.18
N THR A 380 17.32 24.80 16.96
CA THR A 380 17.11 23.42 16.58
C THR A 380 17.72 23.17 15.20
N PHE A 381 18.38 22.03 15.04
CA PHE A 381 19.06 21.70 13.79
C PHE A 381 18.24 22.06 12.57
N PRO A 382 18.92 22.37 11.46
CA PRO A 382 18.29 22.67 10.17
C PRO A 382 17.99 21.37 9.42
N ILE A 383 16.85 21.26 8.76
CA ILE A 383 16.61 20.08 7.95
C ILE A 383 17.57 20.14 6.77
N PRO A 384 18.36 19.07 6.58
CA PRO A 384 19.33 18.90 5.50
C PRO A 384 18.74 18.65 4.11
N LYS A 385 19.44 19.15 3.09
CA LYS A 385 19.07 18.91 1.69
C LYS A 385 20.01 17.87 1.09
N ALA A 386 20.66 17.12 1.98
CA ALA A 386 21.56 16.04 1.62
C ALA A 386 22.12 15.50 2.91
N PHE A 387 22.95 14.46 2.84
CA PHE A 387 23.48 13.88 4.07
C PHE A 387 24.48 14.80 4.78
N VAL A 388 24.23 15.04 6.06
CA VAL A 388 25.16 15.83 6.87
C VAL A 388 25.82 14.94 7.91
N GLY A 389 25.00 14.12 8.56
CA GLY A 389 25.45 13.26 9.64
C GLY A 389 25.82 14.03 10.89
N ASN A 390 24.88 14.80 11.42
CA ASN A 390 25.20 15.62 12.58
C ASN A 390 25.22 14.82 13.88
N GLN A 391 24.72 13.59 13.83
CA GLN A 391 24.71 12.71 15.01
C GLN A 391 25.91 11.74 15.09
N LEU A 392 26.77 11.77 14.08
CA LEU A 392 27.95 10.90 14.04
C LEU A 392 28.96 11.19 15.13
N PRO A 393 29.11 12.45 15.52
CA PRO A 393 30.21 12.66 16.46
C PRO A 393 29.83 12.24 17.87
N PHE A 394 28.54 11.98 18.10
CA PHE A 394 28.05 11.57 19.43
C PHE A 394 27.65 10.10 19.44
N VAL A 395 28.13 9.38 18.45
CA VAL A 395 27.89 7.96 18.38
C VAL A 395 28.79 7.26 19.38
N GLY A 396 28.19 6.59 20.37
CA GLY A 396 28.94 5.77 21.31
C GLY A 396 28.91 6.34 22.70
N PHE A 397 28.36 7.54 22.79
CA PHE A 397 28.20 8.20 24.06
C PHE A 397 27.49 7.26 25.03
N THR A 398 26.28 6.80 24.66
CA THR A 398 25.43 5.98 25.54
C THR A 398 26.23 5.02 26.45
N TYR A 399 25.91 5.10 27.75
CA TYR A 399 26.61 4.32 28.79
C TYR A 399 25.74 3.90 29.97
N TYR A 400 25.23 2.67 29.93
CA TYR A 400 24.52 2.09 31.06
C TYR A 400 25.58 1.45 31.91
N SER A 401 25.63 1.84 33.17
CA SER A 401 26.72 1.42 34.03
C SER A 401 26.24 0.62 35.19
N ASN A 402 26.37 -0.69 35.00
CA ASN A 402 25.94 -1.79 35.86
C ASN A 402 24.45 -2.03 35.87
N PHE B 7 7.13 -1.33 34.89
CA PHE B 7 8.45 -0.76 34.56
C PHE B 7 9.30 -1.79 33.85
N GLU B 8 9.71 -2.83 34.59
CA GLU B 8 10.60 -3.85 34.03
C GLU B 8 9.96 -4.63 32.89
N THR B 9 9.03 -3.97 32.21
CA THR B 9 8.37 -4.51 31.04
C THR B 9 9.24 -4.32 29.79
N ARG B 10 10.37 -3.63 29.96
CA ARG B 10 11.25 -3.31 28.84
C ARG B 10 12.62 -4.00 28.95
N PHE B 11 13.36 -3.68 30.01
CA PHE B 11 14.72 -4.20 30.17
C PHE B 11 14.79 -5.69 29.87
N GLU B 12 13.68 -6.38 30.09
CA GLU B 12 13.57 -7.77 29.73
C GLU B 12 13.32 -7.90 28.21
N LYS B 13 12.26 -7.24 27.73
CA LYS B 13 11.92 -7.26 26.31
C LYS B 13 13.11 -6.90 25.40
N MET B 14 14.10 -6.24 25.99
CA MET B 14 15.26 -5.77 25.24
C MET B 14 16.21 -6.89 24.87
N ASP B 15 16.72 -7.57 25.89
CA ASP B 15 17.71 -8.63 25.69
C ASP B 15 17.29 -9.65 24.63
N ASN B 16 16.00 -9.97 24.58
CA ASN B 16 15.47 -10.86 23.55
C ASN B 16 16.00 -10.38 22.23
N LEU B 17 15.63 -9.15 21.89
CA LEU B 17 15.99 -8.50 20.64
C LEU B 17 17.47 -8.56 20.33
N LEU B 18 18.32 -8.56 21.35
CA LEU B 18 19.76 -8.56 21.13
C LEU B 18 20.35 -9.96 21.16
N ARG B 19 19.49 -10.97 21.08
CA ARG B 19 19.98 -12.35 21.04
C ARG B 19 19.22 -13.17 19.99
N ASP B 20 17.95 -12.84 19.81
CA ASP B 20 17.01 -13.55 18.93
C ASP B 20 17.42 -13.57 17.46
N PRO B 21 17.97 -14.71 16.99
CA PRO B 21 18.44 -14.78 15.60
C PRO B 21 17.39 -14.32 14.60
N LYS B 22 16.13 -14.42 14.96
CA LYS B 22 15.08 -13.96 14.06
C LYS B 22 14.96 -12.43 14.07
N SER B 23 15.59 -11.79 15.06
CA SER B 23 15.48 -10.33 15.24
C SER B 23 16.33 -9.50 14.30
N GLU B 24 15.78 -8.38 13.84
CA GLU B 24 16.50 -7.52 12.91
C GLU B 24 17.69 -6.78 13.56
N VAL B 25 17.68 -6.68 14.89
CA VAL B 25 18.74 -5.93 15.60
C VAL B 25 19.55 -6.76 16.58
N ASN B 26 19.72 -8.04 16.30
CA ASN B 26 20.52 -8.90 17.18
C ASN B 26 22.01 -8.54 17.17
N SER B 27 22.80 -9.20 18.00
CA SER B 27 24.22 -8.84 18.15
C SER B 27 24.85 -8.48 16.81
N ASP B 28 24.97 -9.50 15.98
CA ASP B 28 25.71 -9.43 14.73
C ASP B 28 25.10 -8.45 13.73
N CYS B 29 23.81 -8.22 13.85
CA CYS B 29 23.14 -7.21 13.02
C CYS B 29 23.71 -5.83 13.28
N LEU B 30 23.66 -5.39 14.55
CA LEU B 30 24.01 -4.02 14.94
C LEU B 30 25.42 -3.72 14.49
N LEU B 31 26.24 -4.75 14.49
CA LEU B 31 27.58 -4.60 13.99
C LEU B 31 27.56 -4.29 12.52
N ASP B 32 26.72 -4.99 11.77
CA ASP B 32 26.70 -4.83 10.33
C ASP B 32 26.44 -3.39 9.99
N GLY B 33 25.55 -2.77 10.73
CA GLY B 33 25.30 -1.36 10.53
C GLY B 33 26.54 -0.51 10.76
N LEU B 34 27.17 -0.67 11.93
CA LEU B 34 28.36 0.11 12.22
C LEU B 34 29.40 -0.18 11.17
N ASP B 35 29.62 -1.46 10.90
CA ASP B 35 30.54 -1.90 9.86
C ASP B 35 30.25 -1.16 8.57
N ALA B 36 28.99 -1.14 8.14
CA ALA B 36 28.64 -0.53 6.86
C ALA B 36 28.96 0.95 6.79
N LEU B 37 28.54 1.70 7.80
CA LEU B 37 28.92 3.10 7.95
C LEU B 37 30.38 3.27 7.58
N VAL B 38 31.23 2.64 8.38
CA VAL B 38 32.66 2.66 8.18
C VAL B 38 33.05 2.48 6.72
N TYR B 39 32.26 1.74 5.96
CA TYR B 39 32.51 1.53 4.54
C TYR B 39 32.10 2.74 3.73
N ASP B 40 30.83 3.08 3.85
CA ASP B 40 30.20 4.03 2.94
C ASP B 40 30.55 5.45 3.31
N LEU B 41 31.57 5.61 4.14
CA LEU B 41 31.96 6.96 4.53
C LEU B 41 33.44 7.22 4.38
N ASP B 42 34.25 6.16 4.36
CA ASP B 42 35.70 6.30 4.44
C ASP B 42 36.38 6.65 3.12
N PHE B 43 35.61 7.14 2.14
CA PHE B 43 36.24 7.72 0.95
C PHE B 43 36.48 9.20 1.18
N PRO B 44 37.77 9.57 1.33
CA PRO B 44 38.29 10.89 1.69
C PRO B 44 37.38 12.07 1.28
N ALA B 45 36.74 11.95 0.12
CA ALA B 45 35.78 12.95 -0.38
C ALA B 45 34.73 13.30 0.68
N LEU B 46 34.57 12.44 1.67
CA LEU B 46 33.56 12.67 2.68
C LEU B 46 34.25 13.06 3.96
N ARG B 47 35.43 12.48 4.18
CA ARG B 47 36.27 12.80 5.31
C ARG B 47 36.38 14.32 5.47
N LYS B 48 35.94 15.04 4.44
CA LYS B 48 35.93 16.50 4.45
C LYS B 48 34.84 17.07 5.35
N ASN B 49 34.07 16.18 5.97
CA ASN B 49 33.01 16.56 6.90
C ASN B 49 33.46 16.32 8.33
N LYS B 50 33.65 17.43 9.05
CA LYS B 50 34.09 17.38 10.44
C LYS B 50 33.52 16.12 11.09
N ASN B 51 32.19 16.04 11.10
CA ASN B 51 31.46 14.95 11.73
C ASN B 51 31.93 13.59 11.26
N ILE B 52 32.03 13.43 9.94
CA ILE B 52 32.41 12.16 9.38
C ILE B 52 33.84 11.80 9.75
N ASP B 53 34.69 12.81 9.80
CA ASP B 53 36.08 12.56 10.11
C ASP B 53 36.18 12.13 11.56
N ASN B 54 35.71 13.00 12.45
CA ASN B 54 35.68 12.75 13.88
C ASN B 54 35.17 11.35 14.15
N PHE B 55 34.30 10.89 13.26
CA PHE B 55 33.73 9.58 13.35
C PHE B 55 34.73 8.46 13.05
N LEU B 56 35.22 8.40 11.81
CA LEU B 56 36.16 7.36 11.44
C LEU B 56 37.31 7.29 12.41
N SER B 57 37.73 8.46 12.89
CA SER B 57 38.78 8.53 13.91
C SER B 57 38.47 7.57 15.05
N ARG B 58 37.36 7.80 15.75
CA ARG B 58 36.97 6.99 16.89
C ARG B 58 36.89 5.47 16.61
N TYR B 59 36.41 5.08 15.43
CA TYR B 59 36.21 3.66 15.18
C TYR B 59 37.26 3.05 14.32
N LYS B 60 37.40 3.58 13.12
CA LYS B 60 38.32 3.01 12.15
C LYS B 60 39.01 1.78 12.72
N ASP B 61 40.01 2.02 13.57
CA ASP B 61 40.85 0.96 14.13
C ASP B 61 40.08 -0.16 14.82
N THR B 62 39.28 0.19 15.82
CA THR B 62 38.41 -0.78 16.44
C THR B 62 37.82 -1.59 15.30
N ILE B 63 36.92 -0.99 14.54
CA ILE B 63 36.28 -1.64 13.40
C ILE B 63 37.18 -2.64 12.70
N ASN B 64 38.33 -2.17 12.26
CA ASN B 64 39.29 -3.05 11.60
C ASN B 64 39.51 -4.34 12.40
N LYS B 65 39.63 -4.21 13.72
CA LYS B 65 39.86 -5.35 14.61
C LYS B 65 38.63 -6.23 14.68
N ILE B 66 37.47 -5.60 14.84
CA ILE B 66 36.18 -6.27 14.77
C ILE B 66 36.09 -7.06 13.46
N ARG B 67 36.65 -6.50 12.41
CA ARG B 67 36.63 -7.11 11.09
C ARG B 67 37.58 -8.32 10.99
N ASP B 68 38.49 -8.42 11.96
CA ASP B 68 39.44 -9.52 12.01
C ASP B 68 38.81 -10.68 12.76
N LEU B 69 37.93 -10.38 13.71
CA LEU B 69 37.28 -11.41 14.51
C LEU B 69 36.08 -12.03 13.79
N ARG B 70 35.24 -11.18 13.24
CA ARG B 70 34.07 -11.65 12.52
C ARG B 70 34.51 -12.64 11.45
N MET B 71 33.63 -13.58 11.13
CA MET B 71 33.92 -14.62 10.17
C MET B 71 34.19 -14.00 8.82
N LYS B 72 35.47 -13.80 8.50
CA LYS B 72 35.87 -13.24 7.19
C LYS B 72 36.05 -14.31 6.11
N ALA B 73 35.97 -13.91 4.85
CA ALA B 73 36.00 -14.84 3.74
C ALA B 73 37.29 -15.63 3.75
N GLU B 74 38.35 -14.96 4.23
CA GLU B 74 39.66 -15.56 4.32
C GLU B 74 39.59 -16.87 5.09
N ASP B 75 38.82 -16.85 6.18
CA ASP B 75 38.65 -18.01 7.06
C ASP B 75 38.32 -19.28 6.29
N TYR B 76 38.09 -19.13 4.99
CA TYR B 76 37.71 -20.26 4.18
C TYR B 76 38.74 -20.56 3.13
N GLU B 77 38.88 -21.85 2.82
CA GLU B 77 39.81 -22.32 1.80
C GLU B 77 39.01 -22.70 0.57
N VAL B 78 39.34 -22.10 -0.57
CA VAL B 78 38.55 -22.30 -1.78
C VAL B 78 38.99 -23.55 -2.56
N VAL B 79 38.04 -24.46 -2.81
CA VAL B 79 38.32 -25.74 -3.48
C VAL B 79 38.15 -25.66 -4.98
N LYS B 80 36.90 -25.57 -5.42
CA LYS B 80 36.64 -25.37 -6.84
C LYS B 80 35.26 -24.78 -7.02
N VAL B 81 35.09 -24.08 -8.14
CA VAL B 81 33.84 -23.42 -8.48
C VAL B 81 32.75 -24.44 -8.86
N ILE B 82 32.08 -24.95 -7.84
CA ILE B 82 31.03 -25.95 -8.01
C ILE B 82 29.87 -25.42 -8.85
N GLY B 83 29.63 -24.12 -8.78
CA GLY B 83 28.50 -23.52 -9.47
C GLY B 83 28.70 -22.04 -9.72
N ARG B 84 27.87 -21.50 -10.59
CA ARG B 84 27.92 -20.07 -10.88
C ARG B 84 26.59 -19.65 -11.47
N GLY B 85 26.17 -18.44 -11.15
CA GLY B 85 24.91 -17.92 -11.63
C GLY B 85 25.04 -16.47 -12.05
N ALA B 86 23.92 -15.86 -12.41
CA ALA B 86 23.95 -14.48 -12.86
C ALA B 86 24.62 -13.56 -11.82
N PHE B 87 24.17 -13.70 -10.57
CA PHE B 87 24.51 -12.78 -9.48
C PHE B 87 25.80 -13.07 -8.73
N GLY B 88 26.35 -14.26 -8.93
CA GLY B 88 27.52 -14.71 -8.19
C GLY B 88 27.90 -16.13 -8.56
N GLU B 89 28.16 -16.95 -7.56
CA GLU B 89 28.66 -18.30 -7.76
C GLU B 89 28.65 -19.08 -6.44
N VAL B 90 28.65 -20.40 -6.53
CA VAL B 90 28.71 -21.26 -5.35
C VAL B 90 30.08 -21.93 -5.31
N GLN B 91 30.63 -22.14 -4.11
CA GLN B 91 31.95 -22.76 -3.99
C GLN B 91 31.96 -23.90 -3.00
N LEU B 92 32.83 -24.88 -3.23
CA LEU B 92 33.08 -25.90 -2.22
C LEU B 92 34.29 -25.45 -1.42
N VAL B 93 34.18 -25.48 -0.10
CA VAL B 93 35.25 -24.95 0.75
C VAL B 93 35.50 -25.77 1.98
N ARG B 94 36.73 -25.67 2.47
CA ARG B 94 37.05 -26.19 3.79
C ARG B 94 37.32 -25.01 4.71
N HIS B 95 36.66 -25.00 5.85
CA HIS B 95 36.88 -23.95 6.83
C HIS B 95 38.30 -24.00 7.30
N LYS B 96 39.11 -23.01 6.93
CA LYS B 96 40.54 -23.10 7.19
C LYS B 96 40.89 -23.41 8.65
N SER B 97 40.05 -22.96 9.58
CA SER B 97 40.23 -23.34 10.97
C SER B 97 39.72 -24.77 11.20
N THR B 98 38.42 -24.91 11.46
CA THR B 98 37.82 -26.18 11.85
C THR B 98 37.70 -27.22 10.71
N ARG B 99 38.51 -27.05 9.67
CA ARG B 99 38.56 -27.95 8.50
C ARG B 99 37.24 -28.56 8.03
N LYS B 100 36.13 -27.97 8.46
CA LYS B 100 34.81 -28.36 8.01
C LYS B 100 34.67 -27.97 6.54
N VAL B 101 33.85 -28.71 5.81
CA VAL B 101 33.67 -28.49 4.39
C VAL B 101 32.24 -28.15 4.11
N TYR B 102 32.02 -26.99 3.53
CA TYR B 102 30.67 -26.51 3.27
C TYR B 102 30.53 -26.14 1.81
N ALA B 103 29.36 -25.64 1.43
CA ALA B 103 29.18 -24.99 0.14
C ALA B 103 28.93 -23.50 0.38
N MET B 104 29.78 -22.64 -0.19
CA MET B 104 29.66 -21.21 0.04
C MET B 104 29.33 -20.37 -1.18
N LYS B 105 28.06 -19.95 -1.27
CA LYS B 105 27.52 -19.15 -2.35
C LYS B 105 27.88 -17.69 -2.13
N LEU B 106 28.44 -17.03 -3.14
CA LEU B 106 28.74 -15.62 -3.05
C LEU B 106 27.81 -14.82 -3.92
N LEU B 107 27.34 -13.70 -3.42
CA LEU B 107 26.51 -12.83 -4.23
C LEU B 107 27.20 -11.52 -4.39
N SER B 108 26.84 -10.81 -5.45
CA SER B 108 27.57 -9.62 -5.82
C SER B 108 26.84 -8.41 -5.31
N LYS B 109 27.35 -7.81 -4.25
CA LYS B 109 26.81 -6.55 -3.81
C LYS B 109 26.80 -5.58 -4.98
N PHE B 110 27.78 -5.69 -5.87
CA PHE B 110 27.79 -4.81 -7.02
C PHE B 110 26.64 -5.13 -7.94
N GLU B 111 26.71 -6.30 -8.55
CA GLU B 111 25.69 -6.69 -9.52
C GLU B 111 24.33 -6.39 -8.96
N MET B 112 24.08 -6.90 -7.76
CA MET B 112 22.76 -6.78 -7.16
C MET B 112 22.29 -5.36 -6.95
N ILE B 113 23.19 -4.40 -7.09
CA ILE B 113 22.77 -3.02 -7.08
C ILE B 113 22.49 -2.65 -8.53
N LYS B 114 23.48 -2.81 -9.40
CA LYS B 114 23.31 -2.57 -10.84
C LYS B 114 21.97 -3.15 -11.32
N ARG B 115 21.75 -4.44 -11.07
CA ARG B 115 20.51 -5.11 -11.42
C ARG B 115 19.36 -4.56 -10.57
N SER B 116 18.15 -4.57 -11.11
CA SER B 116 17.03 -3.91 -10.43
C SER B 116 16.78 -4.38 -8.99
N ASP B 117 16.74 -5.68 -8.75
CA ASP B 117 16.38 -6.19 -7.42
C ASP B 117 17.56 -6.72 -6.61
N SER B 118 17.54 -6.34 -5.33
CA SER B 118 18.50 -6.74 -4.32
C SER B 118 17.80 -6.99 -2.99
N ALA B 119 16.70 -7.72 -3.01
CA ALA B 119 16.00 -8.07 -1.78
C ALA B 119 15.67 -9.56 -1.72
N PHE B 120 15.99 -10.29 -2.78
CA PHE B 120 15.62 -11.70 -2.91
C PHE B 120 16.31 -12.61 -1.92
N PHE B 121 17.48 -12.22 -1.48
CA PHE B 121 18.29 -13.08 -0.63
C PHE B 121 17.81 -13.14 0.81
N TRP B 122 17.14 -12.09 1.24
CA TRP B 122 16.54 -12.13 2.56
C TRP B 122 15.71 -13.42 2.71
N GLU B 123 14.73 -13.60 1.82
CA GLU B 123 13.81 -14.73 1.93
C GLU B 123 14.62 -16.01 1.98
N GLU B 124 15.68 -16.08 1.17
CA GLU B 124 16.48 -17.29 1.09
C GLU B 124 17.13 -17.58 2.45
N ARG B 125 18.03 -16.71 2.89
CA ARG B 125 18.71 -16.85 4.18
C ARG B 125 17.79 -17.23 5.28
N ASP B 126 16.78 -16.42 5.51
CA ASP B 126 15.86 -16.71 6.56
C ASP B 126 15.48 -18.18 6.49
N ILE B 127 15.16 -18.69 5.30
CA ILE B 127 14.61 -20.05 5.17
C ILE B 127 15.63 -21.15 5.37
N MET B 128 16.67 -21.14 4.53
CA MET B 128 17.74 -22.13 4.60
C MET B 128 18.30 -22.25 5.99
N ALA B 129 18.17 -21.19 6.78
CA ALA B 129 18.79 -21.16 8.08
C ALA B 129 17.83 -21.63 9.14
N PHE B 130 16.57 -21.27 9.00
CA PHE B 130 15.63 -21.62 10.04
C PHE B 130 14.66 -22.73 9.66
N ALA B 131 14.67 -23.13 8.39
CA ALA B 131 13.69 -24.10 7.91
C ALA B 131 13.73 -25.36 8.75
N ASN B 132 14.95 -25.79 9.07
CA ASN B 132 15.19 -26.98 9.86
C ASN B 132 14.38 -28.19 9.42
N SER B 133 14.84 -28.81 8.35
CA SER B 133 14.11 -29.85 7.66
C SER B 133 15.03 -30.45 6.61
N PRO B 134 15.03 -31.79 6.49
CA PRO B 134 15.99 -32.47 5.64
C PRO B 134 15.58 -32.24 4.21
N TRP B 135 14.50 -31.51 3.96
CA TRP B 135 14.08 -31.17 2.59
C TRP B 135 14.73 -29.89 2.08
N VAL B 136 15.20 -29.08 3.01
CA VAL B 136 15.84 -27.82 2.73
C VAL B 136 17.30 -27.88 3.07
N VAL B 137 18.16 -27.49 2.12
CA VAL B 137 19.58 -27.31 2.39
C VAL B 137 19.66 -26.44 3.64
N GLN B 138 20.75 -26.57 4.40
CA GLN B 138 20.92 -25.85 5.67
C GLN B 138 21.96 -24.68 5.69
N LEU B 139 21.57 -23.52 6.19
CA LEU B 139 22.53 -22.41 6.28
C LEU B 139 23.19 -22.36 7.64
N PHE B 140 24.51 -22.27 7.66
CA PHE B 140 25.22 -22.27 8.92
C PHE B 140 25.73 -20.88 9.26
N TYR B 141 26.27 -20.19 8.26
CA TYR B 141 26.79 -18.87 8.49
C TYR B 141 26.42 -17.98 7.34
N ALA B 142 26.32 -16.68 7.62
CA ALA B 142 26.12 -15.69 6.58
C ALA B 142 26.85 -14.42 6.94
N PHE B 143 27.35 -13.72 5.93
CA PHE B 143 28.11 -12.52 6.20
C PHE B 143 28.50 -11.77 4.94
N GLN B 144 29.14 -10.63 5.12
CA GLN B 144 29.39 -9.76 3.99
C GLN B 144 30.74 -9.07 4.10
N ASP B 145 31.27 -8.67 2.95
CA ASP B 145 32.29 -7.63 2.94
C ASP B 145 31.71 -6.46 2.17
N ASP B 146 32.56 -5.64 1.57
CA ASP B 146 32.04 -4.51 0.83
C ASP B 146 31.79 -4.93 -0.61
N ARG B 147 32.17 -6.15 -0.94
CA ARG B 147 31.99 -6.65 -2.28
C ARG B 147 30.96 -7.78 -2.41
N TYR B 148 30.93 -8.72 -1.46
CA TYR B 148 30.04 -9.88 -1.56
C TYR B 148 29.25 -10.24 -0.28
N LEU B 149 28.13 -10.92 -0.49
CA LEU B 149 27.45 -11.67 0.57
C LEU B 149 27.88 -13.12 0.38
N TYR B 150 28.08 -13.80 1.51
CA TYR B 150 28.52 -15.20 1.55
C TYR B 150 27.54 -16.00 2.34
N MET B 151 27.12 -17.12 1.80
CA MET B 151 26.24 -18.01 2.53
C MET B 151 26.89 -19.37 2.59
N VAL B 152 27.16 -19.83 3.81
CA VAL B 152 27.86 -21.08 4.00
C VAL B 152 26.85 -22.15 4.29
N MET B 153 26.85 -23.19 3.47
CA MET B 153 25.82 -24.19 3.60
C MET B 153 26.32 -25.62 3.52
N GLU B 154 25.50 -26.52 4.06
CA GLU B 154 25.70 -27.96 3.96
C GLU B 154 25.97 -28.40 2.52
N TYR B 155 27.23 -28.69 2.22
CA TYR B 155 27.59 -29.17 0.91
C TYR B 155 26.68 -30.31 0.46
N MET B 156 26.41 -30.38 -0.82
CA MET B 156 25.61 -31.49 -1.30
C MET B 156 26.41 -32.26 -2.34
N PRO B 157 27.20 -33.22 -1.88
CA PRO B 157 27.97 -34.10 -2.77
C PRO B 157 27.13 -34.74 -3.89
N GLY B 158 25.83 -34.85 -3.63
CA GLY B 158 24.90 -35.50 -4.52
C GLY B 158 24.90 -34.90 -5.90
N GLY B 159 24.46 -33.64 -6.04
CA GLY B 159 24.40 -32.98 -7.33
C GLY B 159 23.01 -32.58 -7.79
N ASP B 160 22.93 -31.76 -8.83
CA ASP B 160 21.62 -31.31 -9.32
C ASP B 160 20.92 -32.46 -10.01
N LEU B 161 19.61 -32.35 -10.13
CA LEU B 161 18.88 -33.42 -10.73
C LEU B 161 18.78 -33.22 -12.20
N VAL B 162 19.36 -32.13 -12.67
CA VAL B 162 19.30 -31.84 -14.09
C VAL B 162 20.42 -32.67 -14.66
N ASN B 163 21.42 -32.86 -13.82
CA ASN B 163 22.59 -33.62 -14.16
C ASN B 163 22.27 -35.11 -14.12
N LEU B 164 21.60 -35.55 -13.07
CA LEU B 164 21.13 -36.93 -13.04
C LEU B 164 20.29 -37.29 -14.25
N MET B 165 19.77 -36.30 -14.96
CA MET B 165 19.00 -36.61 -16.16
C MET B 165 19.90 -36.34 -17.36
N SER B 166 21.20 -36.31 -17.12
CA SER B 166 22.17 -36.19 -18.19
C SER B 166 23.15 -37.32 -18.02
N ASN B 167 22.80 -38.24 -17.13
CA ASN B 167 23.68 -39.33 -16.77
C ASN B 167 22.83 -40.55 -16.42
N TYR B 168 21.59 -40.59 -16.91
CA TYR B 168 20.71 -41.75 -16.69
C TYR B 168 19.55 -41.72 -17.66
N ASP B 169 18.65 -42.70 -17.56
CA ASP B 169 17.36 -42.62 -18.26
C ASP B 169 16.19 -42.95 -17.34
N VAL B 170 16.04 -42.13 -16.30
CA VAL B 170 15.06 -42.33 -15.24
C VAL B 170 13.94 -43.27 -15.60
N PRO B 171 13.85 -44.37 -14.86
CA PRO B 171 12.76 -45.34 -14.88
C PRO B 171 11.59 -44.83 -14.04
N GLU B 172 10.37 -45.11 -14.49
CA GLU B 172 9.22 -44.65 -13.74
C GLU B 172 9.36 -44.83 -12.20
N LYS B 173 9.84 -45.98 -11.72
CA LYS B 173 9.97 -46.13 -10.28
C LYS B 173 10.83 -45.01 -9.71
N TRP B 174 11.97 -44.78 -10.32
CA TRP B 174 12.84 -43.68 -9.91
C TRP B 174 12.12 -42.35 -9.98
N ALA B 175 11.29 -42.21 -11.01
CA ALA B 175 10.51 -40.99 -11.16
C ALA B 175 9.57 -40.79 -9.98
N ARG B 176 8.76 -41.82 -9.71
CA ARG B 176 7.84 -41.77 -8.59
C ARG B 176 8.57 -41.30 -7.36
N PHE B 177 9.71 -41.91 -7.07
CA PHE B 177 10.48 -41.55 -5.89
C PHE B 177 10.94 -40.10 -5.90
N TYR B 178 11.58 -39.65 -6.98
CA TYR B 178 12.04 -38.27 -7.02
C TYR B 178 10.87 -37.31 -6.93
N THR B 179 9.86 -37.54 -7.75
CA THR B 179 8.65 -36.71 -7.71
C THR B 179 8.04 -36.60 -6.30
N ALA B 180 7.97 -37.71 -5.59
CA ALA B 180 7.42 -37.67 -4.23
C ALA B 180 8.26 -36.82 -3.27
N GLU B 181 9.59 -36.95 -3.34
CA GLU B 181 10.44 -36.15 -2.48
C GLU B 181 10.19 -34.67 -2.77
N VAL B 182 9.96 -34.33 -4.04
CA VAL B 182 9.76 -32.93 -4.41
C VAL B 182 8.39 -32.45 -4.00
N VAL B 183 7.42 -33.34 -4.11
CA VAL B 183 6.11 -33.05 -3.59
C VAL B 183 6.20 -32.81 -2.08
N LEU B 184 7.19 -33.41 -1.42
CA LEU B 184 7.36 -33.25 0.03
C LEU B 184 8.15 -32.00 0.37
N ALA B 185 9.27 -31.86 -0.31
CA ALA B 185 10.16 -30.77 -0.08
C ALA B 185 9.37 -29.49 -0.10
N LEU B 186 8.44 -29.42 -1.05
CA LEU B 186 7.67 -28.21 -1.30
C LEU B 186 6.62 -27.90 -0.22
N ASP B 187 5.89 -28.92 0.18
CA ASP B 187 4.92 -28.79 1.25
C ASP B 187 5.59 -28.25 2.52
N ALA B 188 6.89 -28.43 2.62
CA ALA B 188 7.67 -27.87 3.72
C ALA B 188 7.59 -26.35 3.66
N ILE B 189 8.08 -25.85 2.54
CA ILE B 189 8.13 -24.44 2.20
C ILE B 189 6.77 -23.84 2.16
N HIS B 190 5.80 -24.60 1.68
CA HIS B 190 4.42 -24.14 1.67
C HIS B 190 3.96 -23.86 3.10
N SER B 191 4.34 -24.78 3.97
CA SER B 191 3.95 -24.75 5.36
C SER B 191 4.57 -23.58 6.11
N MET B 192 5.72 -23.11 5.64
CA MET B 192 6.31 -21.92 6.22
C MET B 192 5.74 -20.69 5.57
N GLY B 193 4.65 -20.84 4.84
CA GLY B 193 3.94 -19.72 4.28
C GLY B 193 4.70 -19.10 3.13
N PHE B 194 5.43 -19.93 2.39
CA PHE B 194 6.19 -19.46 1.27
C PHE B 194 5.80 -20.16 0.00
N ILE B 195 5.61 -19.42 -1.09
CA ILE B 195 5.51 -20.11 -2.36
C ILE B 195 6.90 -20.08 -2.97
N HIS B 196 7.34 -21.20 -3.56
CA HIS B 196 8.71 -21.25 -4.08
C HIS B 196 8.89 -20.35 -5.28
N ARG B 197 8.23 -20.70 -6.37
CA ARG B 197 8.19 -19.82 -7.52
C ARG B 197 9.39 -19.96 -8.47
N ASP B 198 10.07 -21.10 -8.42
CA ASP B 198 11.10 -21.42 -9.39
C ASP B 198 11.52 -22.84 -9.17
N VAL B 199 10.57 -23.74 -9.29
CA VAL B 199 10.91 -25.13 -9.25
C VAL B 199 11.54 -25.50 -10.62
N LYS B 200 12.42 -26.49 -10.58
CA LYS B 200 13.17 -26.96 -11.72
C LYS B 200 14.35 -27.73 -11.16
N PRO B 201 14.80 -28.76 -11.88
CA PRO B 201 16.00 -29.57 -11.65
C PRO B 201 17.20 -28.76 -11.15
N ASP B 202 17.55 -27.68 -11.85
CA ASP B 202 18.58 -26.73 -11.40
C ASP B 202 18.65 -26.58 -9.88
N ASN B 203 17.48 -26.61 -9.22
CA ASN B 203 17.38 -26.20 -7.82
C ASN B 203 17.17 -27.36 -6.87
N MET B 204 17.29 -28.58 -7.38
CA MET B 204 17.11 -29.77 -6.55
C MET B 204 18.42 -30.52 -6.43
N LEU B 205 19.03 -30.53 -5.25
CA LEU B 205 20.33 -31.14 -5.08
C LEU B 205 20.23 -32.40 -4.25
N LEU B 206 21.31 -33.17 -4.17
CA LEU B 206 21.32 -34.41 -3.39
C LEU B 206 22.44 -34.43 -2.37
N ASP B 207 22.19 -35.13 -1.26
CA ASP B 207 23.16 -35.23 -0.19
C ASP B 207 23.90 -36.54 -0.27
N LYS B 208 24.84 -36.74 0.65
CA LYS B 208 25.66 -37.95 0.70
C LYS B 208 24.86 -39.23 0.50
N SER B 209 23.55 -39.17 0.71
CA SER B 209 22.72 -40.35 0.66
C SER B 209 21.71 -40.30 -0.49
N GLY B 210 22.06 -39.65 -1.59
CA GLY B 210 21.19 -39.63 -2.75
C GLY B 210 19.75 -39.18 -2.53
N HIS B 211 19.52 -38.40 -1.45
CA HIS B 211 18.20 -37.82 -1.16
C HIS B 211 18.17 -36.31 -1.41
N LEU B 212 17.00 -35.81 -1.82
CA LEU B 212 16.88 -34.46 -2.38
C LEU B 212 16.53 -33.38 -1.38
N LYS B 213 17.04 -32.17 -1.64
CA LYS B 213 16.63 -30.97 -0.94
C LYS B 213 16.51 -29.88 -2.01
N LEU B 214 15.96 -28.73 -1.68
CA LEU B 214 15.92 -27.61 -2.62
C LEU B 214 16.98 -26.59 -2.24
N ALA B 215 17.50 -25.80 -3.16
CA ALA B 215 18.69 -25.03 -2.81
C ALA B 215 18.75 -23.55 -3.22
N ASP B 216 17.95 -23.15 -4.19
CA ASP B 216 17.80 -21.73 -4.48
C ASP B 216 16.40 -21.34 -4.09
N PHE B 217 16.29 -20.18 -3.46
CA PHE B 217 15.03 -19.62 -2.99
C PHE B 217 14.89 -18.19 -3.53
N GLY B 218 15.73 -17.92 -4.54
CA GLY B 218 15.79 -16.68 -5.29
C GLY B 218 14.50 -16.14 -5.87
N THR B 219 13.39 -16.46 -5.23
CA THR B 219 12.08 -16.09 -5.73
C THR B 219 11.12 -16.07 -4.58
N CYS B 220 11.28 -17.08 -3.74
CA CYS B 220 10.42 -17.29 -2.58
C CYS B 220 9.69 -16.04 -2.12
N MET B 221 8.37 -16.17 -2.03
CA MET B 221 7.58 -15.08 -1.50
C MET B 221 6.57 -15.60 -0.48
N LYS B 222 6.29 -14.81 0.55
CA LYS B 222 5.42 -15.29 1.59
C LYS B 222 3.99 -14.98 1.28
N MET B 223 3.14 -15.99 1.31
CA MET B 223 1.72 -15.80 1.06
C MET B 223 1.05 -15.13 2.23
N ASN B 224 0.00 -14.38 1.92
CA ASN B 224 -0.84 -13.73 2.93
C ASN B 224 -1.56 -14.75 3.81
N LYS B 225 -2.39 -14.23 4.71
CA LYS B 225 -3.13 -15.05 5.64
C LYS B 225 -4.07 -16.03 4.94
N GLU B 226 -4.40 -15.75 3.69
CA GLU B 226 -5.26 -16.66 2.90
C GLU B 226 -4.59 -17.30 1.68
N GLY B 227 -3.36 -17.76 1.88
CA GLY B 227 -2.72 -18.62 0.91
C GLY B 227 -2.27 -17.96 -0.36
N MET B 228 -2.58 -16.68 -0.51
CA MET B 228 -2.34 -15.99 -1.77
C MET B 228 -1.13 -15.07 -1.77
N VAL B 229 -0.85 -14.45 -2.91
CA VAL B 229 0.22 -13.48 -3.00
C VAL B 229 -0.15 -12.51 -4.11
N ARG B 230 0.32 -11.28 -3.99
CA ARG B 230 -0.15 -10.22 -4.87
C ARG B 230 0.95 -9.75 -5.77
N CYS B 231 1.81 -10.66 -6.21
CA CYS B 231 2.95 -10.25 -7.05
C CYS B 231 2.47 -9.72 -8.42
N ASP B 232 3.36 -9.11 -9.19
CA ASP B 232 2.99 -8.57 -10.50
C ASP B 232 4.18 -8.42 -11.45
N THR B 233 5.07 -9.41 -11.39
CA THR B 233 6.16 -9.59 -12.34
C THR B 233 6.54 -11.07 -12.37
N ALA B 234 6.74 -11.59 -13.57
CA ALA B 234 7.02 -13.00 -13.75
C ALA B 234 8.31 -13.39 -13.09
N VAL B 235 8.35 -14.62 -12.60
CA VAL B 235 9.56 -15.21 -12.01
C VAL B 235 9.73 -16.72 -12.26
N GLY B 236 10.99 -17.12 -12.47
CA GLY B 236 11.34 -18.51 -12.60
C GLY B 236 12.24 -18.78 -13.78
N THR B 237 11.82 -19.72 -14.64
CA THR B 237 12.61 -20.11 -15.80
C THR B 237 11.64 -20.45 -16.91
N PRO B 238 11.87 -19.90 -18.10
CA PRO B 238 10.95 -20.07 -19.20
C PRO B 238 10.20 -21.39 -19.19
N ASP B 239 10.91 -22.51 -19.11
CA ASP B 239 10.30 -23.78 -19.48
C ASP B 239 9.35 -24.30 -18.42
N TYR B 240 9.38 -23.64 -17.27
CA TYR B 240 8.66 -24.14 -16.10
C TYR B 240 7.56 -23.23 -15.65
N ILE B 241 7.81 -21.96 -15.74
CA ILE B 241 6.85 -21.02 -15.23
C ILE B 241 5.47 -21.45 -15.66
N SER B 242 4.49 -21.11 -14.81
CA SER B 242 3.08 -21.42 -15.04
C SER B 242 2.33 -20.27 -15.69
N PRO B 243 1.13 -20.54 -16.19
CA PRO B 243 0.33 -19.54 -16.90
C PRO B 243 0.07 -18.30 -16.04
N GLU B 244 -0.40 -18.53 -14.82
CA GLU B 244 -0.74 -17.48 -13.89
C GLU B 244 0.34 -16.47 -13.72
N VAL B 245 1.58 -16.93 -13.80
CA VAL B 245 2.69 -16.09 -13.42
C VAL B 245 3.21 -15.39 -14.65
N LEU B 246 2.60 -15.71 -15.79
CA LEU B 246 2.93 -15.01 -17.00
C LEU B 246 1.86 -13.93 -17.24
N LYS B 247 0.59 -14.30 -17.02
CA LYS B 247 -0.48 -13.33 -17.03
C LYS B 247 -0.23 -12.41 -15.85
N SER B 248 0.96 -12.56 -15.26
CA SER B 248 1.37 -11.87 -14.03
C SER B 248 1.46 -10.38 -14.31
N GLN B 249 2.24 -10.09 -15.34
CA GLN B 249 2.32 -8.76 -15.94
C GLN B 249 1.45 -7.71 -15.26
N GLY B 250 2.02 -6.95 -14.32
CA GLY B 250 1.31 -5.89 -13.59
C GLY B 250 0.08 -5.28 -14.26
N GLY B 251 -1.05 -5.21 -13.55
CA GLY B 251 -1.19 -5.58 -12.16
C GLY B 251 -2.41 -6.41 -11.84
N ASP B 252 -2.37 -7.67 -12.25
CA ASP B 252 -3.40 -8.60 -11.84
C ASP B 252 -2.76 -9.81 -11.16
N GLY B 253 -1.43 -9.90 -11.23
CA GLY B 253 -0.75 -11.00 -10.58
C GLY B 253 -1.37 -11.27 -9.22
N TYR B 254 -2.00 -12.43 -9.07
CA TYR B 254 -2.65 -12.79 -7.82
C TYR B 254 -2.82 -14.29 -7.80
N TYR B 255 -1.91 -14.97 -7.11
CA TYR B 255 -1.82 -16.41 -7.23
C TYR B 255 -1.48 -17.04 -5.91
N GLY B 256 -1.63 -18.35 -5.80
CA GLY B 256 -1.34 -19.01 -4.55
C GLY B 256 -0.38 -20.16 -4.73
N ARG B 257 -0.42 -21.09 -3.77
CA ARG B 257 0.34 -22.34 -3.83
C ARG B 257 0.36 -22.99 -5.22
N GLU B 258 -0.82 -23.19 -5.81
CA GLU B 258 -0.99 -23.95 -7.04
C GLU B 258 0.16 -23.86 -8.04
N CYS B 259 0.65 -22.66 -8.29
CA CYS B 259 1.71 -22.48 -9.27
C CYS B 259 2.95 -23.36 -9.06
N ASP B 260 3.27 -23.68 -7.82
CA ASP B 260 4.46 -24.46 -7.55
C ASP B 260 4.24 -25.90 -7.98
N TRP B 261 2.98 -26.31 -8.07
CA TRP B 261 2.64 -27.68 -8.50
C TRP B 261 2.80 -27.82 -10.01
N TRP B 262 2.35 -26.82 -10.76
CA TRP B 262 2.55 -26.77 -12.20
C TRP B 262 3.99 -27.11 -12.53
N SER B 263 4.94 -26.40 -11.93
CA SER B 263 6.35 -26.68 -12.15
C SER B 263 6.64 -28.13 -11.88
N VAL B 264 6.00 -28.68 -10.86
CA VAL B 264 6.16 -30.10 -10.59
C VAL B 264 5.82 -30.91 -11.82
N GLY B 265 4.68 -30.62 -12.45
CA GLY B 265 4.29 -31.31 -13.66
C GLY B 265 5.40 -31.31 -14.71
N VAL B 266 5.97 -30.12 -14.92
CA VAL B 266 7.10 -29.93 -15.84
C VAL B 266 8.29 -30.77 -15.40
N PHE B 267 8.53 -30.86 -14.11
CA PHE B 267 9.60 -31.72 -13.62
C PHE B 267 9.28 -33.10 -14.09
N LEU B 268 8.22 -33.67 -13.49
CA LEU B 268 7.78 -35.02 -13.81
C LEU B 268 7.85 -35.31 -15.30
N TYR B 269 7.33 -34.40 -16.09
CA TYR B 269 7.47 -34.48 -17.53
C TYR B 269 8.93 -34.63 -18.01
N GLU B 270 9.68 -33.54 -18.05
CA GLU B 270 11.05 -33.60 -18.54
C GLU B 270 11.77 -34.87 -18.09
N MET B 271 11.41 -35.34 -16.90
CA MET B 271 12.11 -36.46 -16.29
C MET B 271 11.88 -37.79 -16.99
N LEU B 272 10.62 -38.10 -17.27
CA LEU B 272 10.30 -39.31 -17.99
C LEU B 272 10.62 -39.12 -19.47
N VAL B 273 10.08 -38.06 -20.05
CA VAL B 273 10.32 -37.78 -21.46
C VAL B 273 11.76 -37.47 -21.83
N GLY B 274 12.21 -36.24 -21.69
CA GLY B 274 13.58 -35.95 -22.05
C GLY B 274 13.72 -34.48 -22.32
N ASP B 275 12.60 -33.87 -22.69
CA ASP B 275 12.51 -32.42 -22.86
C ASP B 275 11.27 -31.81 -22.21
N THR B 276 11.37 -30.54 -21.85
CA THR B 276 10.25 -29.81 -21.28
C THR B 276 9.03 -29.88 -22.20
N PRO B 277 7.83 -29.87 -21.61
CA PRO B 277 6.55 -30.02 -22.28
C PRO B 277 6.22 -28.81 -23.11
N PHE B 278 7.04 -27.77 -22.98
CA PHE B 278 6.81 -26.53 -23.74
C PHE B 278 8.09 -26.03 -24.34
N TYR B 279 8.99 -26.96 -24.66
CA TYR B 279 10.25 -26.58 -25.25
C TYR B 279 9.98 -25.93 -26.58
N ALA B 280 10.80 -24.95 -26.92
CA ALA B 280 10.64 -24.27 -28.20
C ALA B 280 11.94 -23.67 -28.72
N ASP B 281 12.16 -23.86 -30.01
CA ASP B 281 13.39 -23.48 -30.66
C ASP B 281 13.59 -21.98 -30.49
N SER B 282 12.49 -21.29 -30.21
CA SER B 282 12.52 -19.87 -29.88
C SER B 282 11.77 -19.62 -28.59
N LEU B 283 12.49 -19.32 -27.51
CA LEU B 283 11.93 -19.19 -26.17
C LEU B 283 10.58 -18.46 -26.18
N VAL B 284 10.60 -17.25 -26.72
CA VAL B 284 9.39 -16.49 -26.99
C VAL B 284 8.22 -17.37 -27.37
N GLY B 285 8.48 -18.51 -27.99
CA GLY B 285 7.44 -19.46 -28.36
C GLY B 285 6.93 -20.21 -27.14
N THR B 286 7.87 -20.73 -26.35
CA THR B 286 7.54 -21.36 -25.08
C THR B 286 6.49 -20.52 -24.33
N TYR B 287 6.40 -19.23 -24.64
CA TYR B 287 5.45 -18.39 -23.98
C TYR B 287 4.05 -18.77 -24.43
N SER B 288 3.84 -18.73 -25.74
CA SER B 288 2.58 -19.11 -26.35
C SER B 288 2.20 -20.51 -25.91
N LYS B 289 3.15 -21.41 -26.09
CA LYS B 289 2.99 -22.79 -25.66
C LYS B 289 2.33 -22.91 -24.27
N ILE B 290 2.95 -22.27 -23.28
CA ILE B 290 2.48 -22.34 -21.90
C ILE B 290 1.04 -21.90 -21.76
N MET B 291 0.64 -20.89 -22.49
CA MET B 291 -0.70 -20.38 -22.31
C MET B 291 -1.70 -21.27 -23.03
N ASN B 292 -1.20 -22.04 -24.00
CA ASN B 292 -1.99 -23.08 -24.69
C ASN B 292 -1.86 -24.46 -24.06
N HIS B 293 -1.54 -24.53 -22.77
CA HIS B 293 -1.27 -25.83 -22.16
C HIS B 293 -2.33 -26.85 -22.54
N LYS B 294 -3.57 -26.40 -22.55
CA LYS B 294 -4.70 -27.22 -22.94
C LYS B 294 -4.36 -27.89 -24.27
N ASN B 295 -4.04 -27.07 -25.27
CA ASN B 295 -3.61 -27.56 -26.56
C ASN B 295 -2.21 -28.08 -26.54
N SER B 296 -1.30 -27.14 -26.79
CA SER B 296 0.14 -27.36 -26.92
C SER B 296 0.70 -28.62 -26.28
N LEU B 297 0.07 -29.06 -25.19
CA LEU B 297 0.47 -30.28 -24.50
C LEU B 297 0.44 -31.51 -25.42
N THR B 298 1.54 -31.81 -26.12
CA THR B 298 1.64 -33.03 -26.93
C THR B 298 2.32 -34.12 -26.10
N PHE B 299 2.64 -35.25 -26.73
CA PHE B 299 3.21 -36.38 -26.02
C PHE B 299 3.93 -37.32 -27.01
N PRO B 300 4.86 -38.17 -26.54
CA PRO B 300 5.47 -39.13 -27.47
C PRO B 300 4.53 -40.21 -27.97
N ASP B 301 4.32 -40.24 -29.29
CA ASP B 301 3.38 -41.15 -29.94
C ASP B 301 3.69 -42.60 -29.60
N ASP B 302 4.84 -42.77 -28.95
CA ASP B 302 5.21 -44.04 -28.36
C ASP B 302 4.92 -44.03 -26.86
N ASN B 303 3.76 -44.57 -26.50
CA ASN B 303 3.33 -44.68 -25.12
C ASN B 303 4.30 -45.50 -24.28
N ASP B 304 5.45 -44.90 -23.98
CA ASP B 304 6.44 -45.52 -23.14
C ASP B 304 6.19 -45.12 -21.69
N ILE B 305 4.94 -44.78 -21.37
CA ILE B 305 4.59 -44.24 -20.05
C ILE B 305 3.28 -44.78 -19.44
N SER B 306 3.07 -44.52 -18.15
CA SER B 306 1.93 -45.03 -17.35
C SER B 306 0.63 -44.26 -17.47
N LYS B 307 -0.48 -44.94 -17.26
CA LYS B 307 -1.75 -44.25 -17.24
C LYS B 307 -1.72 -43.31 -16.03
N GLU B 308 -0.99 -43.73 -15.00
CA GLU B 308 -0.94 -42.98 -13.74
C GLU B 308 -0.04 -41.76 -13.82
N ALA B 309 1.04 -41.91 -14.56
CA ALA B 309 1.93 -40.80 -14.83
C ALA B 309 1.20 -39.74 -15.63
N LYS B 310 0.58 -40.10 -16.74
CA LYS B 310 -0.20 -39.14 -17.49
C LYS B 310 -1.29 -38.46 -16.62
N ASN B 311 -2.15 -39.26 -16.00
CA ASN B 311 -3.27 -38.71 -15.24
C ASN B 311 -2.82 -37.74 -14.16
N LEU B 312 -1.56 -37.87 -13.77
CA LEU B 312 -0.95 -36.97 -12.83
C LEU B 312 -0.59 -35.67 -13.55
N ILE B 313 0.35 -35.78 -14.49
CA ILE B 313 0.90 -34.66 -15.26
C ILE B 313 -0.16 -33.77 -15.86
N CYS B 314 -1.09 -34.35 -16.58
CA CYS B 314 -2.07 -33.54 -17.22
C CYS B 314 -3.09 -33.08 -16.20
N ALA B 315 -2.82 -33.32 -14.93
CA ALA B 315 -3.65 -32.84 -13.83
C ALA B 315 -2.95 -31.69 -13.13
N PHE B 316 -1.65 -31.58 -13.39
CA PHE B 316 -0.82 -30.51 -12.85
C PHE B 316 -0.72 -29.41 -13.86
N LEU B 317 -0.53 -29.83 -15.11
CA LEU B 317 -0.41 -28.93 -16.24
C LEU B 317 -1.78 -28.59 -16.76
N THR B 318 -2.72 -28.35 -15.85
CA THR B 318 -4.08 -27.90 -16.16
C THR B 318 -4.29 -26.49 -15.64
N ASP B 319 -5.43 -25.92 -15.94
CA ASP B 319 -5.64 -24.53 -15.58
C ASP B 319 -5.69 -24.34 -14.08
N ARG B 320 -5.05 -23.27 -13.58
CA ARG B 320 -4.95 -22.99 -12.15
C ARG B 320 -6.26 -23.27 -11.44
N GLU B 321 -7.33 -22.76 -12.02
CA GLU B 321 -8.67 -22.85 -11.48
C GLU B 321 -8.99 -24.26 -11.06
N VAL B 322 -8.20 -25.19 -11.56
CA VAL B 322 -8.46 -26.61 -11.39
C VAL B 322 -7.20 -27.42 -11.61
N ARG B 323 -6.34 -27.44 -10.60
CA ARG B 323 -5.07 -28.15 -10.63
C ARG B 323 -4.98 -29.10 -9.42
N LEU B 324 -4.40 -30.27 -9.64
CA LEU B 324 -4.23 -31.16 -8.54
C LEU B 324 -3.61 -30.30 -7.47
N GLY B 325 -4.27 -30.19 -6.33
CA GLY B 325 -3.70 -29.50 -5.19
C GLY B 325 -4.22 -28.10 -5.04
N ARG B 326 -5.14 -27.71 -5.89
CA ARG B 326 -5.75 -26.41 -5.74
C ARG B 326 -6.06 -26.26 -4.27
N ASN B 327 -6.43 -27.39 -3.66
CA ASN B 327 -6.74 -27.45 -2.23
C ASN B 327 -6.24 -28.75 -1.60
N GLY B 328 -5.39 -28.64 -0.59
CA GLY B 328 -4.86 -29.80 0.11
C GLY B 328 -3.79 -30.53 -0.69
N VAL B 329 -2.63 -30.73 -0.08
CA VAL B 329 -1.57 -31.54 -0.68
C VAL B 329 -2.01 -32.97 -0.67
N GLU B 330 -2.93 -33.28 0.24
CA GLU B 330 -3.40 -34.63 0.42
C GLU B 330 -3.71 -35.18 -0.94
N GLU B 331 -4.57 -34.47 -1.67
CA GLU B 331 -5.07 -34.96 -2.95
C GLU B 331 -3.97 -35.33 -3.94
N ILE B 332 -2.82 -34.67 -3.88
CA ILE B 332 -1.75 -35.09 -4.78
C ILE B 332 -1.17 -36.40 -4.30
N LYS B 333 -1.01 -36.53 -2.99
CA LYS B 333 -0.36 -37.69 -2.39
C LYS B 333 -1.13 -38.97 -2.66
N ARG B 334 -2.40 -38.96 -2.29
CA ARG B 334 -3.26 -40.09 -2.54
C ARG B 334 -3.72 -40.03 -3.99
N HIS B 335 -2.79 -39.82 -4.91
CA HIS B 335 -3.07 -39.98 -6.34
C HIS B 335 -2.39 -41.24 -6.88
N LEU B 336 -3.07 -41.90 -7.81
CA LEU B 336 -2.70 -43.24 -8.22
C LEU B 336 -1.24 -43.39 -8.49
N PHE B 337 -0.66 -42.38 -9.11
CA PHE B 337 0.68 -42.52 -9.64
C PHE B 337 1.67 -42.90 -8.54
N PHE B 338 1.38 -42.46 -7.32
CA PHE B 338 2.30 -42.66 -6.22
C PHE B 338 2.11 -44.02 -5.54
N LYS B 339 0.97 -44.66 -5.77
CA LYS B 339 0.72 -46.00 -5.27
C LYS B 339 1.95 -46.88 -5.50
N ASN B 340 2.47 -47.47 -4.43
CA ASN B 340 3.62 -48.34 -4.58
C ASN B 340 3.92 -49.02 -3.26
N ASP B 341 5.00 -49.81 -3.26
CA ASP B 341 5.34 -50.66 -2.14
C ASP B 341 6.85 -50.83 -2.06
N GLN B 342 7.55 -49.75 -1.74
CA GLN B 342 9.00 -49.75 -1.59
C GLN B 342 9.38 -48.58 -0.69
N TRP B 343 8.42 -47.68 -0.52
CA TRP B 343 8.50 -46.57 0.43
C TRP B 343 7.08 -46.16 0.83
N ALA B 344 6.96 -45.38 1.90
CA ALA B 344 5.69 -44.83 2.32
C ALA B 344 5.88 -43.36 2.65
N TRP B 345 4.93 -42.54 2.22
CA TRP B 345 5.02 -41.10 2.45
C TRP B 345 5.73 -40.76 3.78
N GLU B 346 5.24 -41.33 4.88
CA GLU B 346 5.85 -41.04 6.18
C GLU B 346 7.09 -41.89 6.42
N THR B 347 8.06 -41.80 5.51
CA THR B 347 9.32 -42.50 5.68
C THR B 347 10.22 -42.42 4.46
N LEU B 348 9.66 -42.00 3.33
CA LEU B 348 10.37 -42.00 2.06
C LEU B 348 11.85 -41.68 2.19
N ARG B 349 12.18 -40.69 3.01
CA ARG B 349 13.57 -40.25 3.13
C ARG B 349 14.46 -41.26 3.86
N ASP B 350 13.87 -42.06 4.74
CA ASP B 350 14.66 -43.03 5.48
C ASP B 350 15.06 -44.17 4.55
N THR B 351 14.28 -44.40 3.50
CA THR B 351 14.56 -45.49 2.57
C THR B 351 15.83 -45.25 1.79
N VAL B 352 15.95 -45.90 0.63
CA VAL B 352 17.17 -45.85 -0.14
C VAL B 352 17.02 -45.23 -1.51
N ALA B 353 17.65 -44.07 -1.68
CA ALA B 353 17.56 -43.35 -2.93
C ALA B 353 18.01 -44.20 -4.10
N PRO B 354 17.31 -44.07 -5.22
CA PRO B 354 17.55 -44.63 -6.55
C PRO B 354 18.97 -44.43 -7.01
N VAL B 355 19.67 -43.45 -6.48
CA VAL B 355 21.09 -43.26 -6.80
C VAL B 355 21.82 -42.90 -5.53
N VAL B 356 23.01 -43.48 -5.32
CA VAL B 356 23.78 -43.10 -4.14
C VAL B 356 25.14 -42.50 -4.51
N PRO B 357 25.60 -41.51 -3.74
CA PRO B 357 26.89 -40.86 -4.02
C PRO B 357 28.10 -41.78 -3.94
N ASP B 358 28.72 -42.04 -5.09
CA ASP B 358 29.97 -42.80 -5.15
C ASP B 358 31.11 -41.83 -4.91
N LEU B 359 31.24 -41.40 -3.65
CA LEU B 359 32.19 -40.37 -3.30
C LEU B 359 33.56 -40.97 -3.04
N SER B 360 34.60 -40.31 -3.53
CA SER B 360 35.94 -40.76 -3.21
C SER B 360 36.33 -40.23 -1.83
N SER B 361 35.89 -39.01 -1.52
CA SER B 361 36.26 -38.37 -0.26
C SER B 361 35.21 -37.36 0.18
N ASP B 362 35.60 -36.45 1.07
CA ASP B 362 34.72 -35.40 1.54
C ASP B 362 34.57 -34.29 0.49
N ILE B 363 35.42 -34.32 -0.54
CA ILE B 363 35.41 -33.27 -1.56
C ILE B 363 35.41 -33.80 -2.98
N ASP B 364 34.66 -34.87 -3.18
CA ASP B 364 34.49 -35.47 -4.50
C ASP B 364 33.53 -34.68 -5.34
N THR B 365 34.06 -33.73 -6.08
CA THR B 365 33.26 -32.88 -6.91
C THR B 365 33.11 -33.45 -8.30
N SER B 366 32.75 -34.73 -8.36
CA SER B 366 32.67 -35.41 -9.64
C SER B 366 31.30 -35.25 -10.30
N ASN B 367 30.27 -35.05 -9.48
CA ASN B 367 28.92 -34.85 -10.01
C ASN B 367 28.69 -33.43 -10.53
N PHE B 368 29.69 -32.58 -10.36
CA PHE B 368 29.60 -31.17 -10.74
C PHE B 368 30.62 -30.82 -11.83
N ASP B 369 30.12 -30.37 -12.97
CA ASP B 369 30.95 -30.07 -14.14
C ASP B 369 31.90 -28.89 -13.91
N ASP B 370 33.20 -29.18 -13.88
CA ASP B 370 34.24 -28.21 -13.52
C ASP B 370 34.11 -26.82 -14.15
N LEU B 371 34.54 -25.80 -13.41
CA LEU B 371 34.47 -24.41 -13.88
C LEU B 371 35.76 -23.60 -13.71
N GLU B 372 35.87 -22.57 -14.55
CA GLU B 372 37.06 -21.74 -14.74
C GLU B 372 37.65 -21.07 -13.49
N GLU B 373 36.79 -20.59 -12.59
CA GLU B 373 37.23 -20.01 -11.33
C GLU B 373 37.85 -18.59 -11.45
N ASP B 374 37.05 -17.64 -11.91
CA ASP B 374 37.47 -16.23 -11.93
C ASP B 374 36.95 -15.50 -10.67
N LYS B 375 37.88 -14.90 -9.93
CA LYS B 375 37.53 -14.25 -8.66
C LYS B 375 37.85 -12.75 -8.68
N GLY B 376 36.82 -11.93 -8.45
CA GLY B 376 36.99 -10.49 -8.39
C GLY B 376 36.97 -9.83 -9.76
N GLU B 377 37.07 -10.65 -10.81
CA GLU B 377 37.12 -10.18 -12.20
C GLU B 377 36.05 -9.16 -12.55
N GLU B 378 34.82 -9.46 -12.15
CA GLU B 378 33.68 -8.66 -12.58
C GLU B 378 33.76 -7.22 -12.08
N GLU B 379 32.64 -6.73 -11.56
CA GLU B 379 32.43 -5.32 -11.30
C GLU B 379 33.04 -4.77 -10.01
N THR B 380 33.23 -3.46 -9.99
CA THR B 380 33.85 -2.75 -8.88
C THR B 380 33.06 -1.48 -8.60
N PHE B 381 32.58 -1.31 -7.38
CA PHE B 381 31.85 -0.10 -7.04
C PHE B 381 32.68 1.17 -7.32
N PRO B 382 32.02 2.24 -7.80
CA PRO B 382 32.63 3.54 -8.08
C PRO B 382 32.87 4.33 -6.80
N ILE B 383 33.96 5.09 -6.74
CA ILE B 383 34.20 5.94 -5.57
C ILE B 383 33.38 7.23 -5.64
N PRO B 384 32.47 7.40 -4.68
CA PRO B 384 31.54 8.54 -4.79
C PRO B 384 32.02 9.92 -4.34
N LYS B 385 31.24 10.91 -4.76
CA LYS B 385 31.53 12.31 -4.52
C LYS B 385 30.72 12.79 -3.34
N ALA B 386 30.02 11.86 -2.70
CA ALA B 386 29.23 12.15 -1.53
C ALA B 386 28.57 10.87 -1.10
N PHE B 387 27.75 10.94 -0.06
CA PHE B 387 27.17 9.72 0.50
C PHE B 387 26.18 9.06 -0.44
N VAL B 388 26.29 7.74 -0.59
CA VAL B 388 25.28 6.96 -1.31
C VAL B 388 24.74 5.79 -0.49
N GLY B 389 25.52 5.34 0.48
CA GLY B 389 25.13 4.22 1.32
C GLY B 389 24.85 2.97 0.53
N ASN B 390 25.86 2.47 -0.17
CA ASN B 390 25.64 1.26 -0.94
C ASN B 390 25.49 0.04 -0.03
N GLN B 391 26.05 0.10 1.18
CA GLN B 391 26.02 -1.08 2.05
C GLN B 391 24.74 -1.20 2.89
N LEU B 392 23.83 -0.24 2.74
CA LEU B 392 22.67 -0.17 3.62
C LEU B 392 21.60 -1.24 3.38
N PRO B 393 21.51 -1.78 2.17
CA PRO B 393 20.41 -2.74 2.19
C PRO B 393 20.87 -4.15 2.54
N PHE B 394 22.17 -4.33 2.75
CA PHE B 394 22.74 -5.60 3.20
C PHE B 394 23.10 -5.55 4.67
N VAL B 395 22.57 -4.53 5.35
CA VAL B 395 22.77 -4.36 6.78
C VAL B 395 21.82 -5.26 7.58
N GLY B 396 22.35 -6.38 8.03
CA GLY B 396 21.58 -7.27 8.85
C GLY B 396 21.74 -8.68 8.35
N PHE B 397 22.42 -8.81 7.23
CA PHE B 397 22.51 -10.10 6.61
C PHE B 397 23.18 -11.08 7.55
N THR B 398 24.27 -10.65 8.17
CA THR B 398 25.16 -11.52 8.93
C THR B 398 24.43 -12.44 9.89
N TYR B 399 24.75 -13.73 9.84
CA TYR B 399 24.17 -14.66 10.79
C TYR B 399 25.10 -15.80 11.10
N TYR B 400 25.52 -15.82 12.36
CA TYR B 400 26.25 -16.94 12.95
C TYR B 400 25.24 -17.81 13.66
N SER B 401 25.37 -19.13 13.50
CA SER B 401 24.66 -20.12 14.30
C SER B 401 24.73 -21.47 13.58
N ASN B 402 24.93 -22.58 14.30
CA ASN B 402 24.95 -22.67 15.76
C ASN B 402 25.95 -21.74 16.42
N MET C 5 -47.84 10.03 -13.28
CA MET C 5 -49.05 9.49 -13.90
C MET C 5 -49.51 10.30 -15.10
N SER C 6 -48.59 11.05 -15.71
CA SER C 6 -48.82 11.60 -17.05
C SER C 6 -47.53 11.60 -17.87
N PHE C 7 -47.51 10.78 -18.92
CA PHE C 7 -46.31 10.45 -19.71
C PHE C 7 -45.09 11.37 -19.52
N GLU C 8 -45.02 12.42 -20.33
CA GLU C 8 -43.93 13.36 -20.32
C GLU C 8 -43.46 13.84 -18.95
N THR C 9 -44.31 13.70 -17.93
CA THR C 9 -43.95 14.22 -16.60
C THR C 9 -42.97 13.29 -15.90
N ARG C 10 -43.36 12.03 -15.68
CA ARG C 10 -42.41 11.00 -15.30
C ARG C 10 -41.08 11.41 -15.84
N PHE C 11 -41.03 11.55 -17.15
CA PHE C 11 -39.80 11.95 -17.83
C PHE C 11 -39.10 13.16 -17.16
N GLU C 12 -39.88 14.07 -16.58
CA GLU C 12 -39.34 15.15 -15.74
C GLU C 12 -38.76 14.52 -14.47
N LYS C 13 -39.60 13.79 -13.72
CA LYS C 13 -39.23 13.21 -12.42
C LYS C 13 -38.01 12.36 -12.50
N MET C 14 -37.72 11.88 -13.70
CA MET C 14 -36.63 10.96 -13.94
C MET C 14 -35.29 11.70 -13.87
N ASP C 15 -35.10 12.69 -14.73
CA ASP C 15 -33.82 13.42 -14.81
C ASP C 15 -33.30 13.89 -13.44
N ASN C 16 -34.20 14.40 -12.60
CA ASN C 16 -33.85 14.77 -11.24
C ASN C 16 -32.95 13.69 -10.65
N LEU C 17 -33.46 12.45 -10.70
CA LEU C 17 -32.85 11.27 -10.08
C LEU C 17 -31.46 10.97 -10.57
N LEU C 18 -31.17 11.37 -11.79
CA LEU C 18 -29.87 11.03 -12.35
C LEU C 18 -28.90 12.17 -12.25
N ARG C 19 -29.36 13.29 -11.70
CA ARG C 19 -28.47 14.42 -11.51
C ARG C 19 -28.36 14.86 -10.05
N ASP C 20 -29.43 14.71 -9.28
CA ASP C 20 -29.45 15.02 -7.86
C ASP C 20 -28.52 14.14 -7.00
N PRO C 21 -27.36 14.67 -6.56
CA PRO C 21 -26.34 13.89 -5.85
C PRO C 21 -26.83 13.23 -4.56
N LYS C 22 -27.93 13.72 -4.01
CA LYS C 22 -28.51 13.09 -2.83
C LYS C 22 -29.26 11.82 -3.25
N SER C 23 -29.42 11.62 -4.55
CA SER C 23 -30.15 10.45 -5.07
C SER C 23 -29.29 9.19 -5.04
N GLU C 24 -29.94 8.04 -4.80
CA GLU C 24 -29.24 6.77 -4.76
C GLU C 24 -28.89 6.34 -6.18
N VAL C 25 -29.63 6.91 -7.13
CA VAL C 25 -29.54 6.51 -8.54
C VAL C 25 -28.89 7.56 -9.43
N ASN C 26 -27.98 8.33 -8.90
CA ASN C 26 -27.40 9.36 -9.74
C ASN C 26 -26.43 8.80 -10.76
N SER C 27 -26.15 9.58 -11.79
CA SER C 27 -25.14 9.24 -12.76
C SER C 27 -24.08 8.36 -12.13
N ASP C 28 -23.30 8.96 -11.22
CA ASP C 28 -22.11 8.32 -10.68
C ASP C 28 -22.40 7.05 -9.84
N CYS C 29 -23.63 6.90 -9.38
CA CYS C 29 -24.02 5.71 -8.64
C CYS C 29 -24.28 4.52 -9.55
N LEU C 30 -24.94 4.80 -10.65
CA LEU C 30 -25.31 3.76 -11.59
C LEU C 30 -24.09 3.03 -12.09
N LEU C 31 -23.08 3.78 -12.49
CA LEU C 31 -21.88 3.14 -12.96
C LEU C 31 -21.27 2.28 -11.86
N ASP C 32 -21.49 2.65 -10.60
CA ASP C 32 -20.93 1.92 -9.47
C ASP C 32 -21.31 0.47 -9.55
N GLY C 33 -22.58 0.23 -9.80
CA GLY C 33 -23.10 -1.13 -9.88
C GLY C 33 -22.65 -1.83 -11.13
N LEU C 34 -22.65 -1.09 -12.25
CA LEU C 34 -22.09 -1.54 -13.51
C LEU C 34 -20.66 -1.91 -13.29
N ASP C 35 -19.94 -1.03 -12.59
CA ASP C 35 -18.55 -1.26 -12.24
C ASP C 35 -18.49 -2.47 -11.34
N ALA C 36 -19.35 -2.47 -10.34
CA ALA C 36 -19.33 -3.51 -9.31
C ALA C 36 -19.53 -4.91 -9.87
N LEU C 37 -20.62 -5.10 -10.60
CA LEU C 37 -20.86 -6.34 -11.30
C LEU C 37 -19.55 -6.80 -11.96
N VAL C 38 -19.04 -5.95 -12.84
CA VAL C 38 -17.89 -6.33 -13.64
C VAL C 38 -16.83 -6.99 -12.77
N TYR C 39 -16.79 -6.62 -11.50
CA TYR C 39 -15.79 -7.15 -10.57
C TYR C 39 -16.21 -8.50 -10.06
N ASP C 40 -17.40 -8.55 -9.47
CA ASP C 40 -17.85 -9.76 -8.79
C ASP C 40 -18.15 -10.90 -9.71
N LEU C 41 -17.95 -10.70 -11.01
CA LEU C 41 -18.29 -11.72 -11.99
C LEU C 41 -17.06 -12.29 -12.72
N ASP C 42 -15.99 -11.51 -12.81
CA ASP C 42 -14.86 -11.79 -13.72
C ASP C 42 -13.95 -12.97 -13.34
N PHE C 43 -14.26 -13.70 -12.29
CA PHE C 43 -13.43 -14.85 -11.97
C PHE C 43 -13.92 -16.05 -12.77
N PRO C 44 -13.06 -16.58 -13.66
CA PRO C 44 -13.38 -17.64 -14.62
C PRO C 44 -14.25 -18.75 -14.03
N ALA C 45 -14.09 -19.04 -12.75
CA ALA C 45 -15.00 -19.98 -12.13
C ALA C 45 -16.44 -19.68 -12.55
N LEU C 46 -16.76 -18.39 -12.68
CA LEU C 46 -18.12 -17.91 -12.97
C LEU C 46 -18.38 -17.77 -14.43
N ARG C 47 -17.39 -17.29 -15.16
CA ARG C 47 -17.48 -17.20 -16.62
C ARG C 47 -17.78 -18.57 -17.27
N LYS C 48 -18.03 -19.59 -16.44
CA LYS C 48 -18.48 -20.89 -16.91
C LYS C 48 -20.01 -20.81 -17.16
N ASN C 49 -20.58 -19.68 -16.77
CA ASN C 49 -21.99 -19.38 -16.97
C ASN C 49 -22.20 -18.58 -18.25
N LYS C 50 -22.95 -19.17 -19.19
CA LYS C 50 -23.07 -18.58 -20.51
C LYS C 50 -23.43 -17.08 -20.44
N ASN C 51 -24.41 -16.75 -19.60
CA ASN C 51 -24.89 -15.37 -19.46
C ASN C 51 -23.80 -14.46 -18.96
N ILE C 52 -23.18 -14.86 -17.85
CA ILE C 52 -22.12 -14.06 -17.24
C ILE C 52 -20.98 -13.78 -18.19
N ASP C 53 -20.58 -14.78 -18.95
CA ASP C 53 -19.55 -14.52 -19.93
C ASP C 53 -20.07 -13.55 -20.99
N ASN C 54 -21.14 -13.93 -21.69
CA ASN C 54 -21.71 -13.07 -22.74
C ASN C 54 -21.83 -11.61 -22.31
N PHE C 55 -21.95 -11.39 -21.00
CA PHE C 55 -22.10 -10.05 -20.46
C PHE C 55 -20.77 -9.33 -20.43
N LEU C 56 -19.79 -9.95 -19.81
CA LEU C 56 -18.50 -9.32 -19.69
C LEU C 56 -17.95 -9.14 -21.09
N SER C 57 -18.33 -10.02 -22.01
CA SER C 57 -17.93 -9.84 -23.39
C SER C 57 -18.25 -8.41 -23.80
N ARG C 58 -19.50 -8.03 -23.53
CA ARG C 58 -20.05 -6.79 -24.07
C ARG C 58 -19.60 -5.55 -23.31
N TYR C 59 -19.17 -5.73 -22.07
CA TYR C 59 -18.72 -4.56 -21.30
C TYR C 59 -17.24 -4.58 -20.97
N LYS C 60 -16.78 -5.61 -20.27
CA LYS C 60 -15.38 -5.70 -19.85
C LYS C 60 -14.51 -4.57 -20.38
N ASP C 61 -14.34 -4.53 -21.71
CA ASP C 61 -13.57 -3.49 -22.39
C ASP C 61 -14.06 -2.07 -22.06
N THR C 62 -15.31 -1.74 -22.42
CA THR C 62 -15.88 -0.42 -22.08
C THR C 62 -15.62 -0.04 -20.63
N ILE C 63 -16.22 -0.78 -19.69
CA ILE C 63 -15.96 -0.54 -18.28
C ILE C 63 -14.50 -0.26 -18.04
N ASN C 64 -13.62 -1.09 -18.61
CA ASN C 64 -12.19 -0.87 -18.46
C ASN C 64 -11.79 0.57 -18.77
N LYS C 65 -12.31 1.14 -19.85
CA LYS C 65 -11.99 2.54 -20.14
C LYS C 65 -12.77 3.53 -19.22
N ILE C 66 -14.01 3.17 -18.89
CA ILE C 66 -14.81 3.91 -17.95
C ILE C 66 -14.03 4.08 -16.67
N ARG C 67 -13.25 3.06 -16.33
CA ARG C 67 -12.46 3.07 -15.12
C ARG C 67 -11.20 3.90 -15.24
N ASP C 68 -10.81 4.21 -16.47
CA ASP C 68 -9.68 5.09 -16.68
C ASP C 68 -10.15 6.54 -16.64
N LEU C 69 -11.37 6.76 -17.09
CA LEU C 69 -12.03 8.05 -16.94
C LEU C 69 -12.30 8.45 -15.47
N ARG C 70 -13.08 7.61 -14.80
CA ARG C 70 -13.47 7.90 -13.43
C ARG C 70 -12.22 8.17 -12.64
N MET C 71 -12.39 8.93 -11.58
CA MET C 71 -11.28 9.28 -10.73
C MET C 71 -10.69 8.08 -10.04
N LYS C 72 -9.61 7.54 -10.61
CA LYS C 72 -8.96 6.37 -10.03
C LYS C 72 -7.90 6.76 -9.00
N ALA C 73 -7.63 5.90 -8.04
CA ALA C 73 -6.69 6.24 -6.97
C ALA C 73 -5.32 6.72 -7.49
N GLU C 74 -4.90 6.24 -8.65
CA GLU C 74 -3.61 6.67 -9.17
C GLU C 74 -3.55 8.16 -9.41
N ASP C 75 -4.67 8.77 -9.81
CA ASP C 75 -4.74 10.21 -10.06
C ASP C 75 -4.11 11.03 -8.92
N TYR C 76 -3.74 10.36 -7.84
CA TYR C 76 -3.22 11.04 -6.67
C TYR C 76 -1.76 10.73 -6.39
N GLU C 77 -1.04 11.74 -5.91
CA GLU C 77 0.33 11.55 -5.47
C GLU C 77 0.36 11.44 -3.97
N VAL C 78 0.80 10.30 -3.50
CA VAL C 78 0.78 10.09 -2.07
C VAL C 78 1.96 10.80 -1.42
N VAL C 79 1.67 11.40 -0.27
CA VAL C 79 2.63 12.21 0.44
C VAL C 79 3.18 11.47 1.65
N LYS C 80 2.42 11.46 2.72
CA LYS C 80 2.77 10.69 3.90
C LYS C 80 1.50 10.34 4.66
N VAL C 81 1.53 9.21 5.35
CA VAL C 81 0.37 8.64 5.98
C VAL C 81 -0.03 9.40 7.25
N ILE C 82 -0.57 10.61 7.06
CA ILE C 82 -0.99 11.45 8.18
C ILE C 82 -1.85 10.74 9.26
N GLY C 83 -2.51 9.66 8.93
CA GLY C 83 -3.31 8.99 9.94
C GLY C 83 -3.36 7.48 9.76
N ARG C 84 -3.97 6.78 10.71
CA ARG C 84 -4.13 5.33 10.60
C ARG C 84 -5.13 4.83 11.63
N GLY C 85 -6.04 3.96 11.21
CA GLY C 85 -7.05 3.47 12.11
C GLY C 85 -7.23 1.99 11.90
N ALA C 86 -8.17 1.40 12.63
CA ALA C 86 -8.40 -0.03 12.53
C ALA C 86 -8.76 -0.48 11.10
N PHE C 87 -9.65 0.27 10.47
CA PHE C 87 -10.18 -0.12 9.17
C PHE C 87 -9.43 0.44 7.99
N GLY C 88 -8.38 1.22 8.24
CA GLY C 88 -7.71 1.86 7.13
C GLY C 88 -6.73 2.93 7.51
N GLU C 89 -6.92 4.13 6.98
CA GLU C 89 -5.95 5.21 7.17
C GLU C 89 -6.27 6.46 6.36
N VAL C 90 -5.84 7.61 6.86
CA VAL C 90 -5.86 8.82 6.04
C VAL C 90 -4.47 9.23 5.53
N GLN C 91 -4.41 9.87 4.35
CA GLN C 91 -3.12 10.32 3.80
C GLN C 91 -3.18 11.78 3.38
N LEU C 92 -2.01 12.38 3.23
CA LEU C 92 -1.91 13.68 2.61
C LEU C 92 -1.57 13.35 1.18
N VAL C 93 -2.05 14.13 0.21
CA VAL C 93 -1.82 13.83 -1.19
C VAL C 93 -2.06 15.04 -2.08
N ARG C 94 -1.27 15.14 -3.14
CA ARG C 94 -1.45 16.18 -4.15
C ARG C 94 -2.06 15.67 -5.48
N HIS C 95 -3.31 16.03 -5.72
CA HIS C 95 -3.97 15.69 -6.97
C HIS C 95 -3.03 15.78 -8.18
N LYS C 96 -2.44 14.65 -8.58
CA LYS C 96 -1.47 14.59 -9.70
C LYS C 96 -1.78 15.50 -10.90
N SER C 97 -3.06 15.70 -11.21
CA SER C 97 -3.45 16.64 -12.25
C SER C 97 -3.36 18.05 -11.74
N THR C 98 -4.44 18.54 -11.14
CA THR C 98 -4.53 19.94 -10.73
C THR C 98 -3.75 20.25 -9.45
N ARG C 99 -2.71 19.47 -9.19
CA ARG C 99 -1.77 19.74 -8.10
C ARG C 99 -2.37 20.21 -6.77
N LYS C 100 -3.69 20.10 -6.62
CA LYS C 100 -4.34 20.49 -5.38
C LYS C 100 -3.93 19.51 -4.28
N VAL C 101 -4.10 19.92 -3.04
CA VAL C 101 -3.72 19.05 -1.93
C VAL C 101 -4.81 18.79 -0.89
N TYR C 102 -5.11 17.51 -0.69
CA TYR C 102 -6.23 17.14 0.15
C TYR C 102 -5.79 16.07 1.11
N ALA C 103 -6.75 15.57 1.87
CA ALA C 103 -6.53 14.49 2.82
C ALA C 103 -7.45 13.32 2.50
N MET C 104 -6.84 12.23 2.03
CA MET C 104 -7.57 11.06 1.52
C MET C 104 -7.47 9.85 2.43
N LYS C 105 -8.55 9.63 3.15
CA LYS C 105 -8.70 8.45 3.99
C LYS C 105 -9.19 7.29 3.15
N LEU C 106 -8.57 6.14 3.35
CA LEU C 106 -8.98 4.93 2.66
C LEU C 106 -9.65 4.03 3.66
N LEU C 107 -10.59 3.25 3.16
CA LEU C 107 -11.24 2.24 3.93
C LEU C 107 -10.97 0.87 3.26
N SER C 108 -11.03 -0.20 4.04
CA SER C 108 -10.77 -1.51 3.45
C SER C 108 -12.06 -2.18 3.12
N LYS C 109 -12.32 -2.34 1.83
CA LYS C 109 -13.46 -3.12 1.44
C LYS C 109 -13.30 -4.42 2.20
N PHE C 110 -12.10 -5.01 2.14
CA PHE C 110 -11.93 -6.30 2.80
C PHE C 110 -12.24 -6.32 4.29
N GLU C 111 -11.49 -5.59 5.10
CA GLU C 111 -11.69 -5.60 6.56
C GLU C 111 -13.13 -5.29 6.89
N MET C 112 -13.74 -4.43 6.08
CA MET C 112 -15.10 -3.97 6.32
C MET C 112 -16.09 -5.11 6.23
N ILE C 113 -15.72 -6.15 5.48
CA ILE C 113 -16.56 -7.34 5.34
C ILE C 113 -16.27 -8.34 6.46
N LYS C 114 -14.99 -8.66 6.66
CA LYS C 114 -14.59 -9.50 7.77
C LYS C 114 -15.20 -8.97 9.06
N ARG C 115 -14.97 -7.69 9.36
CA ARG C 115 -15.54 -7.08 10.56
C ARG C 115 -17.05 -6.93 10.45
N SER C 116 -17.77 -7.21 11.53
CA SER C 116 -19.22 -7.30 11.49
C SER C 116 -19.91 -6.21 10.68
N ASP C 117 -19.54 -4.96 10.92
CA ASP C 117 -20.29 -3.87 10.31
C ASP C 117 -19.58 -3.21 9.13
N SER C 118 -20.36 -2.86 8.11
CA SER C 118 -19.89 -2.07 6.97
C SER C 118 -20.99 -1.14 6.46
N ALA C 119 -21.56 -0.35 7.37
CA ALA C 119 -22.66 0.56 7.06
C ALA C 119 -22.31 1.98 7.49
N PHE C 120 -21.28 2.09 8.31
CA PHE C 120 -21.00 3.31 9.04
C PHE C 120 -20.61 4.47 8.17
N PHE C 121 -19.96 4.16 7.06
CA PHE C 121 -19.38 5.20 6.27
C PHE C 121 -20.43 5.96 5.54
N TRP C 122 -21.62 5.40 5.40
CA TRP C 122 -22.68 6.10 4.72
C TRP C 122 -22.98 7.45 5.36
N GLU C 123 -23.16 7.40 6.68
CA GLU C 123 -23.40 8.60 7.50
C GLU C 123 -22.25 9.59 7.35
N GLU C 124 -21.01 9.10 7.35
CA GLU C 124 -19.82 9.93 7.13
C GLU C 124 -19.96 10.70 5.82
N ARG C 125 -19.70 10.02 4.70
CA ARG C 125 -19.92 10.52 3.33
C ARG C 125 -21.02 11.55 3.21
N ASP C 126 -22.25 11.12 3.48
CA ASP C 126 -23.40 12.02 3.44
C ASP C 126 -23.07 13.31 4.16
N ILE C 127 -22.65 13.21 5.41
CA ILE C 127 -22.34 14.39 6.21
C ILE C 127 -21.21 15.27 5.65
N MET C 128 -20.00 14.71 5.62
CA MET C 128 -18.77 15.44 5.27
C MET C 128 -18.90 16.16 3.95
N ALA C 129 -19.84 15.71 3.12
CA ALA C 129 -19.97 16.27 1.80
C ALA C 129 -21.09 17.27 1.68
N PHE C 130 -22.14 17.07 2.46
CA PHE C 130 -23.31 17.90 2.29
C PHE C 130 -23.46 18.86 3.44
N ALA C 131 -22.72 18.60 4.52
CA ALA C 131 -22.77 19.46 5.70
C ALA C 131 -22.76 20.96 5.34
N ASN C 132 -21.84 21.32 4.44
CA ASN C 132 -21.58 22.72 4.08
C ASN C 132 -21.55 23.65 5.28
N SER C 133 -20.48 23.53 6.06
CA SER C 133 -20.28 24.32 7.26
C SER C 133 -18.81 24.34 7.56
N PRO C 134 -18.33 25.43 8.15
CA PRO C 134 -16.91 25.54 8.49
C PRO C 134 -16.64 24.77 9.76
N TRP C 135 -17.70 24.14 10.28
CA TRP C 135 -17.60 23.35 11.50
C TRP C 135 -17.33 21.86 11.21
N VAL C 136 -17.58 21.49 9.95
CA VAL C 136 -17.37 20.13 9.48
C VAL C 136 -16.36 20.06 8.32
N VAL C 137 -15.54 19.04 8.36
CA VAL C 137 -14.57 18.86 7.32
C VAL C 137 -15.36 18.64 6.06
N GLN C 138 -14.87 19.13 4.94
CA GLN C 138 -15.63 19.03 3.71
C GLN C 138 -15.11 17.83 2.95
N LEU C 139 -15.99 17.16 2.21
CA LEU C 139 -15.59 16.07 1.33
C LEU C 139 -15.74 16.51 -0.09
N PHE C 140 -14.68 16.35 -0.85
CA PHE C 140 -14.69 16.88 -2.20
C PHE C 140 -14.92 15.75 -3.16
N TYR C 141 -14.40 14.58 -2.81
CA TYR C 141 -14.45 13.44 -3.69
C TYR C 141 -14.56 12.12 -2.92
N ALA C 142 -15.19 11.13 -3.55
CA ALA C 142 -15.40 9.81 -2.99
C ALA C 142 -15.49 8.81 -4.14
N PHE C 143 -14.90 7.64 -3.95
CA PHE C 143 -14.78 6.68 -5.03
C PHE C 143 -14.21 5.39 -4.47
N GLN C 144 -14.16 4.34 -5.29
CA GLN C 144 -13.82 3.01 -4.79
C GLN C 144 -13.15 2.19 -5.86
N ASP C 145 -12.46 1.12 -5.45
CA ASP C 145 -11.97 0.09 -6.35
C ASP C 145 -12.32 -1.29 -5.74
N ASP C 146 -11.75 -2.36 -6.29
CA ASP C 146 -12.07 -3.68 -5.76
C ASP C 146 -11.52 -3.87 -4.36
N ARG C 147 -10.68 -2.93 -3.88
CA ARG C 147 -10.04 -3.07 -2.57
C ARG C 147 -10.42 -1.99 -1.54
N TYR C 148 -10.45 -0.72 -1.95
CA TYR C 148 -10.63 0.41 -1.02
C TYR C 148 -11.72 1.43 -1.39
N LEU C 149 -12.30 2.02 -0.36
CA LEU C 149 -13.12 3.21 -0.48
C LEU C 149 -12.20 4.37 -0.23
N TYR C 150 -12.42 5.47 -0.95
CA TYR C 150 -11.64 6.68 -0.83
C TYR C 150 -12.52 7.86 -0.50
N MET C 151 -12.04 8.72 0.37
CA MET C 151 -12.72 9.96 0.56
C MET C 151 -11.68 11.04 0.54
N VAL C 152 -11.84 11.94 -0.40
CA VAL C 152 -10.89 13.03 -0.59
C VAL C 152 -11.43 14.27 0.07
N MET C 153 -10.76 14.65 1.15
CA MET C 153 -11.25 15.65 2.07
C MET C 153 -10.24 16.78 2.15
N GLU C 154 -10.71 17.96 2.62
CA GLU C 154 -9.86 19.13 2.83
C GLU C 154 -8.81 18.81 3.87
N TYR C 155 -7.56 19.04 3.51
CA TYR C 155 -6.48 18.81 4.45
C TYR C 155 -6.68 19.68 5.68
N MET C 156 -6.25 19.18 6.83
CA MET C 156 -6.24 19.99 8.04
C MET C 156 -4.81 20.08 8.57
N PRO C 157 -4.03 21.03 8.04
CA PRO C 157 -2.64 21.18 8.51
C PRO C 157 -2.66 21.30 10.03
N GLY C 158 -3.71 21.93 10.55
CA GLY C 158 -3.89 22.13 11.97
C GLY C 158 -3.50 20.94 12.81
N GLY C 159 -4.38 19.95 12.87
CA GLY C 159 -4.04 18.74 13.60
C GLY C 159 -5.10 18.37 14.60
N ASP C 160 -4.90 17.24 15.28
CA ASP C 160 -5.85 16.74 16.27
C ASP C 160 -5.70 17.47 17.59
N LEU C 161 -6.81 17.66 18.29
CA LEU C 161 -6.79 18.42 19.52
C LEU C 161 -6.36 17.57 20.70
N VAL C 162 -5.78 16.41 20.42
CA VAL C 162 -5.16 15.64 21.49
C VAL C 162 -3.65 15.83 21.39
N ASN C 163 -3.19 16.17 20.17
CA ASN C 163 -1.79 16.52 19.95
C ASN C 163 -1.49 17.91 20.51
N LEU C 164 -2.47 18.82 20.36
CA LEU C 164 -2.37 20.13 20.99
C LEU C 164 -2.14 19.97 22.48
N MET C 165 -2.79 18.97 23.06
CA MET C 165 -2.69 18.73 24.48
C MET C 165 -1.49 17.83 24.78
N SER C 166 -0.67 17.62 23.76
CA SER C 166 0.54 16.83 23.90
C SER C 166 1.72 17.57 23.27
N ASN C 167 1.56 18.88 23.12
CA ASN C 167 2.66 19.77 22.73
C ASN C 167 2.44 21.17 23.31
N TYR C 168 1.53 21.27 24.27
CA TYR C 168 1.11 22.54 24.87
C TYR C 168 0.57 22.34 26.28
N ASP C 169 -0.20 23.33 26.74
CA ASP C 169 -1.05 23.23 27.93
C ASP C 169 -2.08 24.34 27.89
N VAL C 170 -3.20 24.06 27.25
CA VAL C 170 -4.24 25.06 27.10
C VAL C 170 -4.60 25.73 28.41
N PRO C 171 -4.52 27.06 28.43
CA PRO C 171 -5.03 27.93 29.50
C PRO C 171 -6.56 28.00 29.44
N GLU C 172 -7.21 28.17 30.59
CA GLU C 172 -8.66 28.12 30.65
C GLU C 172 -9.35 29.11 29.71
N LYS C 173 -8.61 30.10 29.21
CA LYS C 173 -9.18 31.05 28.26
C LYS C 173 -9.12 30.52 26.83
N TRP C 174 -8.19 29.60 26.57
CA TRP C 174 -8.18 28.85 25.32
C TRP C 174 -9.30 27.82 25.37
N ALA C 175 -9.45 27.21 26.55
CA ALA C 175 -10.44 26.15 26.75
C ALA C 175 -11.84 26.63 26.41
N ARG C 176 -12.19 27.79 26.94
CA ARG C 176 -13.49 28.38 26.63
C ARG C 176 -13.63 28.48 25.12
N PHE C 177 -12.50 28.68 24.43
CA PHE C 177 -12.50 28.78 22.98
C PHE C 177 -12.76 27.45 22.27
N TYR C 178 -11.90 26.47 22.49
CA TYR C 178 -12.06 25.15 21.89
C TYR C 178 -13.43 24.60 22.20
N THR C 179 -13.69 24.42 23.50
CA THR C 179 -14.97 23.94 23.98
C THR C 179 -16.13 24.66 23.31
N ALA C 180 -15.97 25.96 23.06
CA ALA C 180 -17.02 26.74 22.41
C ALA C 180 -17.24 26.22 21.00
N GLU C 181 -16.19 26.24 20.20
CA GLU C 181 -16.29 25.75 18.82
C GLU C 181 -16.82 24.33 18.75
N VAL C 182 -16.37 23.47 19.65
CA VAL C 182 -16.85 22.08 19.70
C VAL C 182 -18.34 22.08 19.97
N VAL C 183 -18.77 22.96 20.86
CA VAL C 183 -20.17 23.06 21.20
C VAL C 183 -20.96 23.54 19.98
N LEU C 184 -20.34 24.39 19.17
CA LEU C 184 -20.99 24.91 17.96
C LEU C 184 -21.06 23.86 16.87
N ALA C 185 -19.90 23.30 16.57
CA ALA C 185 -19.79 22.29 15.52
C ALA C 185 -20.81 21.18 15.74
N LEU C 186 -20.88 20.69 16.97
CA LEU C 186 -21.85 19.66 17.33
C LEU C 186 -23.30 20.06 17.04
N ASP C 187 -23.71 21.25 17.45
CA ASP C 187 -25.10 21.63 17.22
C ASP C 187 -25.41 21.64 15.73
N ALA C 188 -24.39 21.84 14.91
CA ALA C 188 -24.58 21.77 13.47
C ALA C 188 -25.08 20.38 13.12
N ILE C 189 -24.35 19.37 13.60
CA ILE C 189 -24.70 17.96 13.36
C ILE C 189 -26.10 17.63 13.84
N HIS C 190 -26.36 17.96 15.10
CA HIS C 190 -27.65 17.69 15.69
C HIS C 190 -28.73 18.22 14.77
N SER C 191 -28.58 19.48 14.37
CA SER C 191 -29.56 20.16 13.56
C SER C 191 -29.74 19.43 12.25
N MET C 192 -28.72 18.66 11.87
CA MET C 192 -28.74 17.84 10.67
C MET C 192 -29.39 16.51 10.96
N GLY C 193 -29.79 16.33 12.21
CA GLY C 193 -30.51 15.15 12.62
C GLY C 193 -29.58 14.01 12.97
N PHE C 194 -28.32 14.34 13.20
CA PHE C 194 -27.35 13.31 13.58
C PHE C 194 -26.91 13.46 15.02
N ILE C 195 -26.69 12.33 15.65
CA ILE C 195 -26.09 12.29 16.97
C ILE C 195 -24.76 11.61 16.80
N HIS C 196 -23.68 12.31 17.11
CA HIS C 196 -22.34 11.84 16.78
C HIS C 196 -21.99 10.53 17.47
N ARG C 197 -22.01 10.53 18.79
CA ARG C 197 -21.83 9.32 19.58
C ARG C 197 -20.37 8.92 19.80
N ASP C 198 -19.43 9.83 19.53
CA ASP C 198 -18.02 9.53 19.75
C ASP C 198 -17.17 10.78 19.73
N VAL C 199 -17.46 11.70 20.62
CA VAL C 199 -16.66 12.90 20.70
C VAL C 199 -15.33 12.53 21.35
N LYS C 200 -14.31 13.34 21.08
CA LYS C 200 -12.97 13.14 21.63
C LYS C 200 -11.94 13.95 20.84
N PRO C 201 -10.79 14.27 21.47
CA PRO C 201 -9.82 15.12 20.78
C PRO C 201 -9.27 14.40 19.55
N ASP C 202 -9.44 13.10 19.44
CA ASP C 202 -8.96 12.39 18.27
C ASP C 202 -9.74 12.81 17.06
N ASN C 203 -10.98 13.24 17.29
CA ASN C 203 -11.89 13.59 16.20
C ASN C 203 -11.96 15.07 15.89
N MET C 204 -11.12 15.86 16.54
CA MET C 204 -11.12 17.32 16.41
C MET C 204 -9.87 17.82 15.71
N LEU C 205 -10.06 18.51 14.59
CA LEU C 205 -8.96 18.98 13.76
C LEU C 205 -8.97 20.49 13.59
N LEU C 206 -7.81 21.02 13.25
CA LEU C 206 -7.64 22.46 13.11
C LEU C 206 -7.19 22.84 11.70
N ASP C 207 -7.81 23.87 11.14
CA ASP C 207 -7.48 24.29 9.77
C ASP C 207 -6.32 25.27 9.71
N LYS C 208 -6.02 25.76 8.51
CA LYS C 208 -4.90 26.67 8.31
C LYS C 208 -4.92 27.84 9.32
N SER C 209 -6.09 28.14 9.90
CA SER C 209 -6.22 29.24 10.86
C SER C 209 -6.52 28.78 12.28
N GLY C 210 -5.99 27.62 12.65
CA GLY C 210 -6.13 27.10 14.01
C GLY C 210 -7.54 26.86 14.50
N HIS C 211 -8.50 26.83 13.57
CA HIS C 211 -9.92 26.60 13.91
C HIS C 211 -10.35 25.17 13.74
N LEU C 212 -11.16 24.70 14.67
CA LEU C 212 -11.50 23.29 14.77
C LEU C 212 -12.71 22.87 13.96
N LYS C 213 -12.61 21.66 13.43
CA LYS C 213 -13.70 20.98 12.74
C LYS C 213 -13.75 19.60 13.35
N LEU C 214 -14.76 18.81 13.03
CA LEU C 214 -14.74 17.38 13.39
C LEU C 214 -14.38 16.55 12.19
N ALA C 215 -13.83 15.36 12.39
CA ALA C 215 -13.32 14.62 11.23
C ALA C 215 -13.82 13.18 11.04
N ASP C 216 -14.17 12.50 12.12
CA ASP C 216 -14.65 11.12 12.01
C ASP C 216 -16.10 11.08 12.38
N PHE C 217 -16.89 10.32 11.64
CA PHE C 217 -18.32 10.26 11.92
C PHE C 217 -18.85 8.84 11.87
N GLY C 218 -17.92 7.89 11.75
CA GLY C 218 -18.25 6.47 11.66
C GLY C 218 -18.93 5.92 12.89
N THR C 219 -20.06 6.52 13.23
CA THR C 219 -20.68 6.36 14.51
C THR C 219 -22.01 7.06 14.39
N CYS C 220 -22.00 8.28 13.87
CA CYS C 220 -23.21 9.11 13.76
C CYS C 220 -24.44 8.31 13.36
N MET C 221 -25.57 8.63 13.96
CA MET C 221 -26.80 7.94 13.64
C MET C 221 -27.90 8.97 13.58
N LYS C 222 -28.83 8.80 12.65
CA LYS C 222 -29.90 9.79 12.51
C LYS C 222 -31.00 9.61 13.52
N MET C 223 -31.30 10.67 14.27
CA MET C 223 -32.39 10.67 15.22
C MET C 223 -33.74 10.73 14.51
N ASN C 224 -34.70 9.94 14.98
CA ASN C 224 -36.05 10.00 14.46
C ASN C 224 -36.66 11.38 14.70
N LYS C 225 -37.87 11.56 14.19
CA LYS C 225 -38.55 12.85 14.26
C LYS C 225 -38.65 13.43 15.68
N GLU C 226 -38.43 12.58 16.68
CA GLU C 226 -38.53 12.97 18.09
C GLU C 226 -37.16 13.14 18.75
N GLY C 227 -36.16 13.49 17.96
CA GLY C 227 -34.82 13.71 18.48
C GLY C 227 -34.19 12.53 19.19
N MET C 228 -34.77 11.35 19.02
CA MET C 228 -34.24 10.15 19.70
C MET C 228 -33.68 9.10 18.75
N VAL C 229 -32.93 8.16 19.32
CA VAL C 229 -32.35 7.07 18.56
C VAL C 229 -32.68 5.75 19.25
N ARG C 230 -32.86 4.69 18.45
CA ARG C 230 -33.22 3.39 19.03
C ARG C 230 -32.12 2.34 18.89
N CYS C 231 -30.88 2.72 19.22
CA CYS C 231 -29.78 1.76 19.21
C CYS C 231 -29.80 0.88 20.45
N THR C 237 -14.91 5.71 22.29
CA THR C 237 -13.78 5.64 23.23
C THR C 237 -14.28 5.37 24.63
N PRO C 238 -13.64 4.43 25.34
CA PRO C 238 -14.10 4.12 26.69
C PRO C 238 -14.14 5.38 27.55
N ASP C 239 -13.00 6.06 27.65
CA ASP C 239 -12.82 7.19 28.55
C ASP C 239 -13.81 8.33 28.32
N TYR C 240 -14.71 8.17 27.35
CA TYR C 240 -15.70 9.21 27.06
C TYR C 240 -17.12 8.70 27.09
N ILE C 241 -17.30 7.46 26.64
CA ILE C 241 -18.64 6.93 26.48
C ILE C 241 -19.49 7.36 27.67
N SER C 242 -20.75 7.69 27.41
CA SER C 242 -21.64 8.15 28.48
C SER C 242 -22.42 6.98 29.09
N PRO C 243 -23.06 7.21 30.25
CA PRO C 243 -23.72 6.13 31.02
C PRO C 243 -24.81 5.47 30.24
N GLU C 244 -25.64 6.30 29.62
CA GLU C 244 -26.80 5.88 28.88
C GLU C 244 -26.41 4.91 27.74
N VAL C 245 -25.24 5.12 27.15
CA VAL C 245 -24.76 4.30 26.03
C VAL C 245 -24.24 2.95 26.52
N LEU C 246 -23.95 2.87 27.82
CA LEU C 246 -23.47 1.63 28.43
C LEU C 246 -24.64 0.71 28.80
N LYS C 247 -25.70 1.30 29.31
CA LYS C 247 -26.91 0.55 29.64
C LYS C 247 -27.65 0.21 28.36
N SER C 248 -26.95 0.30 27.24
CA SER C 248 -27.53 0.19 25.90
C SER C 248 -28.46 -0.98 25.57
N GLN C 249 -28.05 -2.24 25.76
CA GLN C 249 -28.93 -3.32 25.26
C GLN C 249 -30.18 -3.55 26.12
N GLY C 250 -31.17 -2.67 25.98
CA GLY C 250 -32.39 -2.76 26.74
C GLY C 250 -33.19 -1.47 26.65
N ARG C 257 -30.52 13.36 22.01
CA ARG C 257 -29.33 14.04 21.52
C ARG C 257 -28.59 14.77 22.64
N GLU C 258 -28.43 14.09 23.77
CA GLU C 258 -27.83 14.66 24.98
C GLU C 258 -26.52 13.95 25.35
N CYS C 259 -26.33 12.76 24.80
CA CYS C 259 -25.15 11.93 25.07
C CYS C 259 -23.87 12.55 24.55
N ASP C 260 -24.01 13.35 23.49
CA ASP C 260 -22.86 13.97 22.84
C ASP C 260 -22.31 15.11 23.70
N TRP C 261 -23.17 15.72 24.50
CA TRP C 261 -22.71 16.76 25.40
C TRP C 261 -21.94 16.12 26.56
N TRP C 262 -22.43 14.98 27.07
CA TRP C 262 -21.68 14.26 28.10
C TRP C 262 -20.20 14.22 27.73
N SER C 263 -19.93 13.87 26.48
CA SER C 263 -18.57 13.82 25.96
C SER C 263 -17.88 15.17 26.07
N VAL C 264 -18.61 16.25 25.78
CA VAL C 264 -18.04 17.59 25.88
C VAL C 264 -17.44 17.84 27.27
N GLY C 265 -18.16 17.41 28.31
CA GLY C 265 -17.65 17.50 29.66
C GLY C 265 -16.33 16.75 29.80
N VAL C 266 -16.27 15.55 29.21
CA VAL C 266 -15.06 14.75 29.25
C VAL C 266 -13.91 15.45 28.52
N PHE C 267 -14.25 16.20 27.48
CA PHE C 267 -13.27 17.02 26.77
C PHE C 267 -12.75 18.09 27.71
N LEU C 268 -13.65 18.96 28.14
CA LEU C 268 -13.29 20.10 28.97
C LEU C 268 -12.47 19.66 30.17
N TYR C 269 -12.90 18.56 30.79
CA TYR C 269 -12.17 18.04 31.93
C TYR C 269 -10.74 17.69 31.56
N GLU C 270 -10.58 16.67 30.71
CA GLU C 270 -9.26 16.27 30.25
C GLU C 270 -8.43 17.46 29.76
N MET C 271 -9.11 18.44 29.17
CA MET C 271 -8.43 19.59 28.59
C MET C 271 -7.74 20.47 29.64
N LEU C 272 -8.48 20.82 30.69
CA LEU C 272 -7.93 21.60 31.79
C LEU C 272 -7.05 20.73 32.69
N VAL C 273 -7.62 19.59 33.10
CA VAL C 273 -6.98 18.63 34.00
C VAL C 273 -5.69 18.05 33.42
N GLY C 274 -5.79 16.88 32.78
CA GLY C 274 -4.63 16.21 32.22
C GLY C 274 -4.95 14.81 31.77
N ASP C 275 -5.89 14.18 32.49
CA ASP C 275 -6.44 12.88 32.10
C ASP C 275 -7.98 12.90 32.24
N THR C 276 -8.63 11.95 31.58
CA THR C 276 -10.08 11.87 31.60
C THR C 276 -10.60 11.72 33.02
N PRO C 277 -11.81 12.24 33.29
CA PRO C 277 -12.40 12.16 34.63
C PRO C 277 -12.90 10.77 34.99
N PHE C 278 -12.33 9.72 34.38
CA PHE C 278 -12.66 8.36 34.79
C PHE C 278 -11.54 7.39 34.42
N TYR C 279 -10.34 7.92 34.20
CA TYR C 279 -9.22 7.08 33.82
C TYR C 279 -9.11 5.84 34.69
N ALA C 280 -8.58 4.76 34.12
CA ALA C 280 -8.30 3.56 34.88
C ALA C 280 -7.09 2.86 34.30
N ASP C 281 -6.27 2.35 35.19
CA ASP C 281 -5.14 1.54 34.81
C ASP C 281 -5.66 0.33 34.05
N SER C 282 -6.82 -0.16 34.47
CA SER C 282 -7.53 -1.19 33.70
C SER C 282 -8.83 -0.61 33.18
N LEU C 283 -8.86 -0.34 31.88
CA LEU C 283 -10.00 0.32 31.27
C LEU C 283 -11.29 -0.32 31.77
N VAL C 284 -11.26 -1.64 31.93
CA VAL C 284 -12.32 -2.38 32.58
C VAL C 284 -13.04 -1.58 33.67
N GLY C 285 -12.26 -1.02 34.58
CA GLY C 285 -12.79 -0.24 35.68
C GLY C 285 -13.52 1.01 35.22
N THR C 286 -12.95 1.68 34.23
CA THR C 286 -13.53 2.90 33.66
C THR C 286 -15.05 2.76 33.41
N TYR C 287 -15.49 1.53 33.12
CA TYR C 287 -16.91 1.26 32.91
C TYR C 287 -17.71 1.59 34.15
N SER C 288 -17.38 0.92 35.25
CA SER C 288 -18.01 1.18 36.54
C SER C 288 -17.79 2.65 36.94
N LYS C 289 -16.58 3.14 36.65
CA LYS C 289 -16.27 4.55 36.86
C LYS C 289 -17.39 5.45 36.34
N ILE C 290 -17.58 5.43 35.03
CA ILE C 290 -18.56 6.29 34.39
C ILE C 290 -19.99 6.05 34.91
N MET C 291 -20.29 4.81 35.28
CA MET C 291 -21.61 4.47 35.77
C MET C 291 -21.87 5.10 37.16
N ASN C 292 -20.82 5.21 37.96
CA ASN C 292 -20.88 5.93 39.24
C ASN C 292 -20.45 7.37 39.05
N HIS C 293 -20.91 7.99 37.98
CA HIS C 293 -20.58 9.38 37.66
C HIS C 293 -20.74 10.27 38.89
N LYS C 294 -21.89 10.14 39.54
CA LYS C 294 -22.19 10.88 40.77
C LYS C 294 -20.98 10.88 41.69
N ASN C 295 -20.56 9.68 42.07
CA ASN C 295 -19.46 9.52 43.01
C ASN C 295 -18.10 9.57 42.32
N SER C 296 -17.77 8.52 41.58
CA SER C 296 -16.47 8.39 40.91
C SER C 296 -15.85 9.72 40.50
N LEU C 297 -16.69 10.70 40.16
CA LEU C 297 -16.24 12.04 39.78
C LEU C 297 -15.23 12.65 40.76
N THR C 298 -13.94 12.48 40.47
CA THR C 298 -12.87 13.02 41.31
C THR C 298 -12.56 14.48 40.90
N PHE C 299 -11.54 15.07 41.51
CA PHE C 299 -11.22 16.49 41.29
C PHE C 299 -9.92 16.89 41.98
N PRO C 300 -8.93 17.38 41.21
CA PRO C 300 -7.67 17.84 41.82
C PRO C 300 -7.77 19.26 42.38
N ASP C 304 -7.72 23.44 41.27
CA ASP C 304 -6.85 24.23 40.42
C ASP C 304 -7.61 25.16 39.47
N ILE C 305 -8.89 24.84 39.21
CA ILE C 305 -9.68 25.56 38.20
C ILE C 305 -10.70 26.56 38.75
N SER C 306 -11.55 27.05 37.84
CA SER C 306 -12.55 28.07 38.15
C SER C 306 -13.77 27.51 38.86
N LYS C 307 -14.77 28.37 39.02
CA LYS C 307 -16.05 27.97 39.58
C LYS C 307 -17.00 27.71 38.41
N GLU C 308 -16.75 28.41 37.32
CA GLU C 308 -17.60 28.28 36.14
C GLU C 308 -17.22 27.06 35.32
N ALA C 309 -15.93 26.72 35.33
CA ALA C 309 -15.49 25.47 34.73
C ALA C 309 -16.22 24.31 35.43
N LYS C 310 -16.04 24.20 36.75
CA LYS C 310 -16.70 23.13 37.52
C LYS C 310 -18.21 23.11 37.29
N ASN C 311 -18.86 24.27 37.48
CA ASN C 311 -20.31 24.42 37.26
C ASN C 311 -20.75 23.78 35.96
N LEU C 312 -19.91 23.93 34.94
CA LEU C 312 -20.14 23.37 33.63
C LEU C 312 -19.95 21.86 33.64
N ILE C 313 -18.70 21.45 33.82
CA ILE C 313 -18.35 20.04 33.83
C ILE C 313 -19.34 19.19 34.63
N CYS C 314 -19.54 19.54 35.90
CA CYS C 314 -20.42 18.76 36.77
C CYS C 314 -21.91 19.03 36.47
N ALA C 315 -22.19 19.48 35.26
CA ALA C 315 -23.56 19.64 34.78
C ALA C 315 -23.76 18.87 33.46
N PHE C 316 -22.64 18.52 32.83
CA PHE C 316 -22.65 17.65 31.67
C PHE C 316 -22.45 16.22 32.15
N LEU C 317 -21.49 16.03 33.05
CA LEU C 317 -21.26 14.72 33.67
C LEU C 317 -22.37 14.37 34.66
N THR C 318 -23.58 14.84 34.36
CA THR C 318 -24.76 14.55 35.15
C THR C 318 -25.56 13.46 34.49
N ASP C 319 -26.50 12.87 35.21
CA ASP C 319 -27.31 11.82 34.62
C ASP C 319 -28.11 12.37 33.45
N ARG C 320 -28.23 11.55 32.42
CA ARG C 320 -28.90 11.95 31.18
C ARG C 320 -30.21 12.69 31.45
N GLU C 321 -31.04 12.13 32.31
CA GLU C 321 -32.31 12.71 32.68
C GLU C 321 -32.22 14.22 32.83
N VAL C 322 -31.04 14.71 33.18
CA VAL C 322 -30.77 16.14 33.06
C VAL C 322 -29.29 16.51 33.25
N LEU C 336 -22.56 30.16 32.03
CA LEU C 336 -21.74 31.17 32.67
C LEU C 336 -20.28 31.12 32.28
N PHE C 337 -19.73 29.91 32.24
CA PHE C 337 -18.33 29.76 31.91
C PHE C 337 -17.98 30.42 30.58
N PHE C 338 -18.98 30.57 29.70
CA PHE C 338 -18.76 31.16 28.38
C PHE C 338 -18.67 32.67 28.43
N LYS C 339 -19.22 33.27 29.47
CA LYS C 339 -19.14 34.71 29.61
C LYS C 339 -17.69 35.15 29.42
N ASN C 340 -17.48 36.01 28.43
CA ASN C 340 -16.16 36.55 28.18
C ASN C 340 -16.23 37.73 27.22
N ASP C 341 -15.07 38.27 26.87
CA ASP C 341 -15.01 39.45 26.00
C ASP C 341 -13.78 39.43 25.09
N GLN C 342 -13.78 38.51 24.14
CA GLN C 342 -12.73 38.42 23.13
C GLN C 342 -13.29 37.77 21.86
N TRP C 343 -14.44 37.12 22.02
CA TRP C 343 -15.19 36.52 20.92
C TRP C 343 -16.65 36.34 21.35
N ALA C 344 -17.53 36.07 20.40
CA ALA C 344 -18.94 35.95 20.71
C ALA C 344 -19.55 34.82 19.89
N TRP C 345 -20.49 34.09 20.50
CA TRP C 345 -21.19 33.04 19.76
C TRP C 345 -21.17 33.32 18.28
N GLU C 346 -21.90 34.35 17.87
CA GLU C 346 -22.06 34.69 16.46
C GLU C 346 -20.86 35.44 15.89
N THR C 347 -19.67 34.93 16.15
CA THR C 347 -18.45 35.45 15.53
C THR C 347 -17.23 34.55 15.82
N LEU C 348 -17.37 33.70 16.83
CA LEU C 348 -16.27 32.88 17.36
C LEU C 348 -15.22 32.46 16.33
N ARG C 349 -15.68 32.10 15.13
CA ARG C 349 -14.77 31.62 14.10
C ARG C 349 -14.00 32.74 13.42
N ASP C 350 -14.61 33.91 13.30
CA ASP C 350 -13.91 35.01 12.62
C ASP C 350 -12.77 35.56 13.47
N THR C 351 -12.86 35.35 14.78
CA THR C 351 -11.81 35.74 15.72
C THR C 351 -10.48 35.06 15.34
N VAL C 352 -9.49 35.14 16.22
CA VAL C 352 -8.24 34.43 15.98
C VAL C 352 -8.06 33.31 16.98
N ALA C 353 -7.54 32.20 16.47
CA ALA C 353 -7.34 31.00 17.25
C ALA C 353 -6.26 31.15 18.31
N PRO C 354 -6.48 30.47 19.45
CA PRO C 354 -5.49 30.24 20.48
C PRO C 354 -4.15 29.96 19.84
N VAL C 355 -4.16 29.09 18.83
CA VAL C 355 -2.93 28.75 18.12
C VAL C 355 -3.20 28.76 16.63
N VAL C 356 -2.20 29.22 15.86
CA VAL C 356 -2.28 29.30 14.41
C VAL C 356 -1.18 28.52 13.71
N PRO C 357 -1.56 27.78 12.66
CA PRO C 357 -0.65 26.90 11.90
C PRO C 357 0.62 27.59 11.45
N ASP C 358 1.73 27.25 12.06
CA ASP C 358 3.01 27.74 11.60
C ASP C 358 3.48 26.81 10.51
N LEU C 359 2.90 26.95 9.34
CA LEU C 359 3.14 26.02 8.25
C LEU C 359 4.29 26.46 7.35
N SER C 360 5.14 25.50 7.00
CA SER C 360 6.25 25.70 6.08
C SER C 360 5.71 26.00 4.70
N SER C 361 4.77 25.17 4.27
CA SER C 361 4.22 25.27 2.94
C SER C 361 2.84 24.66 2.95
N ASP C 362 2.46 24.05 1.83
CA ASP C 362 1.16 23.42 1.67
C ASP C 362 1.11 22.03 2.27
N ILE C 363 2.27 21.38 2.37
CA ILE C 363 2.35 20.00 2.87
C ILE C 363 3.13 19.83 4.17
N ASP C 364 3.00 20.79 5.07
CA ASP C 364 3.73 20.71 6.34
C ASP C 364 3.05 19.69 7.27
N THR C 365 3.56 18.47 7.23
CA THR C 365 3.06 17.34 8.01
C THR C 365 3.50 17.42 9.48
N SER C 366 3.78 18.65 9.90
CA SER C 366 4.40 18.94 11.19
C SER C 366 3.60 18.48 12.39
N ASN C 367 2.32 18.86 12.46
CA ASN C 367 1.51 18.62 13.65
C ASN C 367 1.02 17.18 13.81
N PHE C 368 1.44 16.31 12.88
CA PHE C 368 1.05 14.91 12.88
C PHE C 368 2.24 14.00 13.09
N ASP C 369 2.11 13.04 14.01
CA ASP C 369 3.17 12.05 14.31
C ASP C 369 3.47 11.09 13.15
N ASP C 370 4.45 11.39 12.29
CA ASP C 370 4.68 10.59 11.08
C ASP C 370 4.86 9.09 11.37
N LEU C 371 4.45 8.26 10.41
CA LEU C 371 4.64 6.81 10.54
C LEU C 371 5.04 6.12 9.22
N GLU C 372 5.28 4.81 9.33
CA GLU C 372 6.12 4.05 8.40
C GLU C 372 5.54 3.61 7.05
N GLU C 373 4.24 3.79 6.85
CA GLU C 373 3.56 3.34 5.63
C GLU C 373 3.86 1.89 5.22
N ASP C 374 3.01 0.95 5.66
CA ASP C 374 3.09 -0.43 5.21
C ASP C 374 2.39 -0.58 3.87
N LYS C 375 2.93 -1.42 2.99
CA LYS C 375 2.24 -1.76 1.76
C LYS C 375 0.86 -2.27 2.11
N GLY C 376 -0.15 -1.84 1.37
CA GLY C 376 -1.51 -2.31 1.60
C GLY C 376 -1.71 -3.75 1.14
N GLU C 377 -0.79 -4.63 1.54
CA GLU C 377 -0.87 -6.04 1.18
C GLU C 377 -1.69 -6.82 2.20
N GLU C 378 -2.39 -6.11 3.07
CA GLU C 378 -3.17 -6.77 4.11
C GLU C 378 -4.07 -7.82 3.47
N GLU C 379 -4.82 -8.53 4.31
CA GLU C 379 -5.76 -9.54 3.81
C GLU C 379 -6.42 -9.05 2.52
N THR C 380 -6.32 -9.87 1.47
CA THR C 380 -6.96 -9.62 0.18
C THR C 380 -8.08 -10.62 -0.02
N PHE C 381 -9.18 -10.18 -0.62
CA PHE C 381 -10.37 -11.03 -0.74
C PHE C 381 -10.05 -12.36 -1.39
N PRO C 382 -10.78 -13.40 -1.02
CA PRO C 382 -10.55 -14.72 -1.59
C PRO C 382 -11.20 -14.87 -2.96
N ILE C 383 -10.59 -15.61 -3.88
CA ILE C 383 -11.22 -15.84 -5.17
C ILE C 383 -12.39 -16.78 -4.97
N PRO C 384 -13.59 -16.34 -5.40
CA PRO C 384 -14.87 -17.04 -5.23
C PRO C 384 -15.09 -18.27 -6.12
N LYS C 385 -15.80 -19.26 -5.57
CA LYS C 385 -16.16 -20.46 -6.31
C LYS C 385 -17.62 -20.36 -6.75
N ALA C 386 -18.15 -19.14 -6.67
CA ALA C 386 -19.52 -18.85 -7.05
C ALA C 386 -19.70 -17.36 -6.93
N PHE C 387 -20.89 -16.84 -7.18
CA PHE C 387 -21.07 -15.41 -7.03
C PHE C 387 -21.35 -15.04 -5.57
N VAL C 388 -20.58 -14.10 -5.06
CA VAL C 388 -20.69 -13.73 -3.67
C VAL C 388 -21.12 -12.30 -3.58
N GLY C 389 -20.67 -11.48 -4.53
CA GLY C 389 -21.06 -10.08 -4.56
C GLY C 389 -20.49 -9.25 -3.41
N ASN C 390 -19.19 -9.32 -3.24
CA ASN C 390 -18.61 -8.59 -2.16
C ASN C 390 -18.72 -7.10 -2.38
N GLN C 391 -18.84 -6.68 -3.64
CA GLN C 391 -18.88 -5.26 -4.03
C GLN C 391 -20.24 -4.61 -3.90
N LEU C 392 -21.21 -5.40 -3.47
CA LEU C 392 -22.59 -4.99 -3.56
C LEU C 392 -22.97 -3.92 -2.55
N PRO C 393 -22.35 -3.93 -1.37
CA PRO C 393 -22.79 -2.98 -0.35
C PRO C 393 -22.14 -1.63 -0.54
N PHE C 394 -21.08 -1.58 -1.35
CA PHE C 394 -20.33 -0.36 -1.60
C PHE C 394 -20.79 0.37 -2.85
N VAL C 395 -21.89 -0.12 -3.41
CA VAL C 395 -22.40 0.47 -4.62
C VAL C 395 -23.06 1.75 -4.24
N GLY C 396 -22.60 2.83 -4.87
CA GLY C 396 -23.26 4.12 -4.74
C GLY C 396 -22.44 5.14 -3.98
N PHE C 397 -21.36 4.66 -3.38
CA PHE C 397 -20.47 5.52 -2.62
C PHE C 397 -19.93 6.64 -3.51
N THR C 398 -19.36 6.29 -4.66
CA THR C 398 -18.73 7.22 -5.61
C THR C 398 -19.47 8.56 -5.68
N TYR C 399 -18.74 9.63 -5.38
CA TYR C 399 -19.30 10.97 -5.25
C TYR C 399 -18.39 12.06 -5.80
N TYR C 400 -18.64 12.50 -7.02
CA TYR C 400 -17.93 13.66 -7.56
C TYR C 400 -18.76 14.88 -7.24
N SER C 401 -18.15 15.89 -6.66
CA SER C 401 -18.83 17.15 -6.50
C SER C 401 -17.85 18.23 -6.08
N ASN C 402 -17.49 19.09 -7.02
CA ASN C 402 -17.92 18.99 -8.41
C ASN C 402 -16.71 18.88 -9.31
N PHE D 7 -8.53 16.89 -16.24
CA PHE D 7 -9.59 17.03 -15.23
C PHE D 7 -10.78 17.71 -15.87
N GLU D 8 -10.52 18.80 -16.57
CA GLU D 8 -11.53 19.36 -17.45
C GLU D 8 -11.55 18.43 -18.65
N THR D 9 -10.56 17.53 -18.71
CA THR D 9 -10.55 16.47 -19.73
C THR D 9 -11.45 15.28 -19.38
N ARG D 10 -11.91 15.18 -18.13
CA ARG D 10 -12.78 14.05 -17.74
C ARG D 10 -14.18 14.47 -17.35
N PHE D 11 -14.32 15.21 -16.25
CA PHE D 11 -15.61 15.71 -15.81
C PHE D 11 -16.52 16.08 -16.98
N GLU D 12 -15.93 16.60 -18.04
CA GLU D 12 -16.65 16.89 -19.25
C GLU D 12 -16.90 15.60 -20.04
N LYS D 13 -15.82 14.87 -20.33
CA LYS D 13 -15.91 13.61 -21.08
C LYS D 13 -16.95 12.63 -20.54
N MET D 14 -17.31 12.79 -19.27
CA MET D 14 -18.21 11.82 -18.65
C MET D 14 -19.64 12.14 -18.98
N ASP D 15 -20.06 13.38 -18.71
CA ASP D 15 -21.44 13.80 -18.99
C ASP D 15 -21.91 13.33 -20.37
N ASN D 16 -21.02 13.40 -21.35
CA ASN D 16 -21.30 12.89 -22.69
C ASN D 16 -21.89 11.48 -22.62
N LEU D 17 -21.09 10.57 -22.09
CA LEU D 17 -21.49 9.17 -22.06
C LEU D 17 -22.77 8.90 -21.25
N LEU D 18 -23.17 9.80 -20.37
CA LEU D 18 -24.39 9.56 -19.64
C LEU D 18 -25.59 10.22 -20.28
N ARG D 19 -25.36 10.83 -21.43
CA ARG D 19 -26.44 11.46 -22.16
C ARG D 19 -26.55 10.94 -23.59
N ASP D 20 -25.40 10.61 -24.21
CA ASP D 20 -25.34 10.12 -25.62
C ASP D 20 -26.02 8.77 -25.90
N PRO D 21 -27.16 8.82 -26.61
CA PRO D 21 -27.96 7.61 -26.80
C PRO D 21 -27.18 6.51 -27.44
N LYS D 22 -26.14 6.84 -28.22
CA LYS D 22 -25.30 5.78 -28.78
C LYS D 22 -24.40 5.11 -27.75
N SER D 23 -24.19 5.75 -26.60
CA SER D 23 -23.28 5.19 -25.61
C SER D 23 -23.88 3.97 -24.91
N GLU D 24 -23.03 3.07 -24.46
CA GLU D 24 -23.46 1.85 -23.79
C GLU D 24 -23.85 2.08 -22.29
N VAL D 25 -23.51 3.27 -21.79
CA VAL D 25 -23.60 3.61 -20.37
C VAL D 25 -24.49 4.82 -20.05
N ASN D 26 -25.53 5.05 -20.85
CA ASN D 26 -26.36 6.25 -20.72
C ASN D 26 -27.33 6.05 -19.56
N SER D 27 -27.90 7.18 -19.10
CA SER D 27 -28.90 7.20 -18.05
C SER D 27 -29.65 5.88 -18.12
N ASP D 28 -30.43 5.69 -19.18
CA ASP D 28 -31.30 4.53 -19.39
C ASP D 28 -30.62 3.17 -19.32
N CYS D 29 -29.37 3.09 -19.73
CA CYS D 29 -28.68 1.79 -19.73
C CYS D 29 -28.17 1.37 -18.38
N LEU D 30 -27.78 2.33 -17.55
CA LEU D 30 -27.19 1.98 -16.27
C LEU D 30 -28.27 1.47 -15.32
N LEU D 31 -29.44 2.00 -15.50
CA LEU D 31 -30.60 1.54 -14.80
C LEU D 31 -30.88 0.09 -15.12
N ASP D 32 -30.80 -0.21 -16.41
CA ASP D 32 -31.05 -1.55 -16.92
C ASP D 32 -30.30 -2.57 -16.09
N GLY D 33 -29.03 -2.26 -15.80
CA GLY D 33 -28.17 -3.15 -15.07
C GLY D 33 -28.64 -3.23 -13.65
N LEU D 34 -29.04 -2.08 -13.13
CA LEU D 34 -29.52 -2.00 -11.76
C LEU D 34 -30.82 -2.78 -11.65
N ASP D 35 -31.70 -2.50 -12.60
CA ASP D 35 -32.95 -3.23 -12.67
C ASP D 35 -32.69 -4.73 -12.71
N ALA D 36 -31.79 -5.11 -13.61
CA ALA D 36 -31.51 -6.52 -13.89
C ALA D 36 -31.00 -7.27 -12.69
N LEU D 37 -30.04 -6.68 -12.00
CA LEU D 37 -29.56 -7.24 -10.77
C LEU D 37 -30.71 -7.56 -9.84
N VAL D 38 -31.53 -6.57 -9.58
CA VAL D 38 -32.62 -6.78 -8.66
C VAL D 38 -33.49 -7.95 -9.10
N TYR D 39 -33.51 -8.24 -10.41
CA TYR D 39 -34.23 -9.39 -10.90
C TYR D 39 -33.47 -10.70 -10.61
N ASP D 40 -32.27 -10.85 -11.19
CA ASP D 40 -31.53 -12.10 -11.08
C ASP D 40 -30.99 -12.40 -9.67
N LEU D 41 -31.47 -11.68 -8.67
CA LEU D 41 -30.98 -11.90 -7.31
C LEU D 41 -32.10 -12.21 -6.34
N ASP D 42 -33.29 -11.71 -6.64
CA ASP D 42 -34.36 -11.70 -5.66
C ASP D 42 -35.01 -13.05 -5.38
N PHE D 43 -34.40 -14.14 -5.82
CA PHE D 43 -34.95 -15.46 -5.56
C PHE D 43 -34.33 -15.93 -4.27
N PRO D 44 -35.17 -16.04 -3.22
CA PRO D 44 -34.81 -16.35 -1.84
C PRO D 44 -33.66 -17.37 -1.68
N ALA D 45 -33.54 -18.31 -2.62
CA ALA D 45 -32.40 -19.23 -2.64
C ALA D 45 -31.08 -18.46 -2.47
N LEU D 46 -31.03 -17.22 -2.96
CA LEU D 46 -29.81 -16.40 -2.93
C LEU D 46 -29.81 -15.41 -1.80
N ARG D 47 -30.99 -14.91 -1.45
CA ARG D 47 -31.14 -13.98 -0.35
C ARG D 47 -30.52 -14.57 0.92
N LYS D 48 -30.10 -15.82 0.81
CA LYS D 48 -29.43 -16.48 1.90
C LYS D 48 -28.01 -15.94 2.02
N ASN D 49 -27.66 -15.05 1.10
CA ASN D 49 -26.35 -14.42 1.09
C ASN D 49 -26.45 -13.07 1.76
N LYS D 50 -25.73 -12.89 2.85
CA LYS D 50 -25.76 -11.64 3.59
C LYS D 50 -25.78 -10.44 2.66
N ASN D 51 -24.77 -10.35 1.81
CA ASN D 51 -24.62 -9.27 0.82
C ASN D 51 -25.82 -9.03 -0.07
N ILE D 52 -26.23 -10.09 -0.77
CA ILE D 52 -27.35 -9.98 -1.68
C ILE D 52 -28.61 -9.50 -0.96
N ASP D 53 -28.82 -9.98 0.26
CA ASP D 53 -30.02 -9.62 1.01
C ASP D 53 -29.91 -8.17 1.40
N ASN D 54 -28.84 -7.84 2.10
CA ASN D 54 -28.60 -6.46 2.46
C ASN D 54 -28.73 -5.50 1.28
N PHE D 55 -28.48 -6.00 0.07
CA PHE D 55 -28.56 -5.16 -1.13
C PHE D 55 -30.01 -4.95 -1.55
N LEU D 56 -30.76 -6.02 -1.77
CA LEU D 56 -32.14 -5.86 -2.18
C LEU D 56 -32.94 -5.11 -1.09
N SER D 57 -32.46 -5.19 0.15
CA SER D 57 -33.07 -4.42 1.23
C SER D 57 -33.06 -2.98 0.77
N ARG D 58 -31.86 -2.53 0.44
CA ARG D 58 -31.56 -1.14 0.14
C ARG D 58 -32.23 -0.59 -1.14
N TYR D 59 -32.58 -1.46 -2.08
CA TYR D 59 -33.16 -1.05 -3.36
C TYR D 59 -34.60 -1.54 -3.57
N LYS D 60 -34.76 -2.86 -3.54
CA LYS D 60 -36.05 -3.51 -3.75
C LYS D 60 -37.15 -2.48 -3.99
N ASP D 61 -37.55 -1.78 -2.93
CA ASP D 61 -38.61 -0.78 -3.00
C ASP D 61 -38.37 0.32 -4.03
N THR D 62 -37.28 1.06 -3.87
CA THR D 62 -36.89 2.07 -4.85
C THR D 62 -37.09 1.53 -6.26
N ILE D 63 -36.24 0.58 -6.63
CA ILE D 63 -36.33 -0.03 -7.92
C ILE D 63 -37.79 -0.25 -8.32
N ASN D 64 -38.57 -0.83 -7.42
CA ASN D 64 -39.99 -1.06 -7.66
C ASN D 64 -40.69 0.20 -8.16
N LYS D 65 -40.33 1.32 -7.57
CA LYS D 65 -40.93 2.60 -7.96
C LYS D 65 -40.36 3.08 -9.29
N ILE D 66 -39.04 3.00 -9.42
CA ILE D 66 -38.40 3.23 -10.71
C ILE D 66 -39.07 2.44 -11.86
N ARG D 67 -39.54 1.24 -11.56
CA ARG D 67 -40.15 0.45 -12.62
C ARG D 67 -41.59 0.87 -12.89
N ASP D 68 -42.09 1.73 -12.01
CA ASP D 68 -43.39 2.33 -12.18
C ASP D 68 -43.28 3.49 -13.15
N LEU D 69 -42.19 4.24 -13.05
CA LEU D 69 -41.95 5.39 -13.92
C LEU D 69 -41.54 4.97 -15.32
N ARG D 70 -40.53 4.11 -15.40
CA ARG D 70 -40.01 3.73 -16.70
C ARG D 70 -41.13 3.17 -17.52
N MET D 71 -40.97 3.23 -18.83
CA MET D 71 -42.05 2.86 -19.69
C MET D 71 -42.34 1.39 -19.58
N LYS D 72 -43.32 1.01 -18.77
CA LYS D 72 -43.69 -0.39 -18.64
C LYS D 72 -44.60 -0.85 -19.78
N ALA D 73 -44.64 -2.15 -20.03
CA ALA D 73 -45.47 -2.66 -21.10
C ALA D 73 -46.93 -2.28 -20.88
N GLU D 74 -47.33 -2.14 -19.62
CA GLU D 74 -48.70 -1.81 -19.27
C GLU D 74 -49.14 -0.49 -19.91
N ASP D 75 -48.25 0.49 -19.91
CA ASP D 75 -48.49 1.79 -20.55
C ASP D 75 -49.09 1.68 -21.97
N TYR D 76 -49.16 0.48 -22.55
CA TYR D 76 -49.70 0.34 -23.91
C TYR D 76 -50.99 -0.47 -23.97
N GLU D 77 -51.84 -0.11 -24.94
CA GLU D 77 -53.12 -0.79 -25.14
C GLU D 77 -53.01 -1.75 -26.32
N VAL D 78 -53.27 -3.02 -26.03
CA VAL D 78 -53.14 -4.11 -26.98
C VAL D 78 -54.27 -4.11 -28.00
N VAL D 79 -53.94 -3.96 -29.28
CA VAL D 79 -54.97 -3.98 -30.34
C VAL D 79 -55.19 -5.38 -30.92
N LYS D 80 -54.29 -5.81 -31.80
CA LYS D 80 -54.33 -7.17 -32.29
C LYS D 80 -52.96 -7.60 -32.77
N VAL D 81 -52.73 -8.90 -32.73
CA VAL D 81 -51.45 -9.49 -33.11
C VAL D 81 -51.13 -9.44 -34.63
N ILE D 82 -50.72 -8.27 -35.12
CA ILE D 82 -50.48 -8.05 -36.53
C ILE D 82 -49.43 -8.98 -37.07
N GLY D 83 -48.62 -9.55 -36.19
CA GLY D 83 -47.51 -10.37 -36.64
C GLY D 83 -47.09 -11.41 -35.64
N ARG D 84 -46.24 -12.32 -36.09
CA ARG D 84 -45.73 -13.33 -35.20
C ARG D 84 -44.54 -14.00 -35.84
N GLY D 85 -43.53 -14.29 -35.01
CA GLY D 85 -42.34 -14.94 -35.48
C GLY D 85 -41.88 -15.99 -34.51
N ALA D 86 -40.73 -16.59 -34.79
CA ALA D 86 -40.21 -17.65 -33.96
C ALA D 86 -40.06 -17.24 -32.50
N PHE D 87 -39.39 -16.10 -32.30
CA PHE D 87 -38.99 -15.67 -30.96
C PHE D 87 -39.99 -14.77 -30.26
N GLY D 88 -41.05 -14.39 -30.94
CA GLY D 88 -42.01 -13.48 -30.34
C GLY D 88 -43.15 -13.12 -31.26
N GLU D 89 -43.43 -11.82 -31.39
CA GLU D 89 -44.55 -11.34 -32.18
C GLU D 89 -44.63 -9.82 -32.18
N VAL D 90 -45.23 -9.25 -33.22
CA VAL D 90 -45.46 -7.81 -33.29
C VAL D 90 -46.90 -7.48 -33.00
N GLN D 91 -47.15 -6.32 -32.42
CA GLN D 91 -48.51 -5.93 -32.07
C GLN D 91 -48.79 -4.50 -32.55
N LEU D 92 -50.06 -4.22 -32.85
CA LEU D 92 -50.53 -2.86 -33.08
C LEU D 92 -51.00 -2.39 -31.74
N VAL D 93 -50.58 -1.19 -31.33
CA VAL D 93 -50.93 -0.69 -30.00
C VAL D 93 -51.12 0.84 -29.95
N ARG D 94 -52.00 1.28 -29.05
CA ARG D 94 -52.18 2.70 -28.77
C ARG D 94 -51.65 3.02 -27.37
N HIS D 95 -50.65 3.89 -27.31
CA HIS D 95 -50.06 4.28 -26.04
C HIS D 95 -51.17 4.74 -25.11
N LYS D 96 -51.43 3.96 -24.06
CA LYS D 96 -52.52 4.27 -23.12
C LYS D 96 -52.57 5.73 -22.65
N SER D 97 -51.40 6.36 -22.51
CA SER D 97 -51.36 7.77 -22.16
C SER D 97 -51.68 8.63 -23.37
N THR D 98 -50.65 8.94 -24.15
CA THR D 98 -50.81 9.89 -25.25
C THR D 98 -51.49 9.29 -26.50
N ARG D 99 -52.37 8.31 -26.29
CA ARG D 99 -53.19 7.68 -27.34
C ARG D 99 -52.53 7.53 -28.72
N LYS D 100 -51.19 7.62 -28.75
CA LYS D 100 -50.41 7.42 -29.97
C LYS D 100 -50.52 5.96 -30.38
N VAL D 101 -50.36 5.66 -31.68
CA VAL D 101 -50.42 4.27 -32.10
C VAL D 101 -49.16 3.85 -32.82
N TYR D 102 -48.65 2.73 -32.37
CA TYR D 102 -47.33 2.28 -32.72
C TYR D 102 -47.40 0.79 -33.04
N ALA D 103 -46.28 0.24 -33.51
CA ALA D 103 -46.14 -1.20 -33.70
C ALA D 103 -45.12 -1.71 -32.70
N MET D 104 -45.57 -2.55 -31.80
CA MET D 104 -44.75 -3.03 -30.71
C MET D 104 -44.39 -4.52 -30.79
N LYS D 105 -43.19 -4.82 -31.29
CA LYS D 105 -42.66 -6.18 -31.31
C LYS D 105 -42.22 -6.62 -29.92
N LEU D 106 -42.52 -7.86 -29.59
CA LEU D 106 -42.03 -8.45 -28.36
C LEU D 106 -41.07 -9.56 -28.70
N LEU D 107 -40.01 -9.69 -27.92
CA LEU D 107 -39.05 -10.77 -28.14
C LEU D 107 -39.03 -11.48 -26.82
N SER D 108 -38.76 -12.77 -26.81
CA SER D 108 -38.78 -13.46 -25.53
C SER D 108 -37.40 -13.69 -24.95
N LYS D 109 -37.18 -13.04 -23.81
CA LYS D 109 -35.95 -13.20 -23.11
C LYS D 109 -35.76 -14.68 -23.00
N PHE D 110 -36.85 -15.38 -22.74
CA PHE D 110 -36.72 -16.78 -22.54
C PHE D 110 -36.26 -17.59 -23.77
N GLU D 111 -37.06 -17.62 -24.82
CA GLU D 111 -36.65 -18.37 -26.00
C GLU D 111 -35.25 -17.98 -26.42
N MET D 112 -34.97 -16.68 -26.45
CA MET D 112 -33.69 -16.21 -26.97
C MET D 112 -32.50 -16.70 -26.18
N ILE D 113 -32.75 -17.23 -24.99
CA ILE D 113 -31.72 -17.87 -24.19
C ILE D 113 -31.62 -19.32 -24.62
N LYS D 114 -32.76 -20.00 -24.54
CA LYS D 114 -32.84 -21.38 -24.95
C LYS D 114 -32.29 -21.57 -26.38
N ARG D 115 -32.68 -20.71 -27.31
CA ARG D 115 -32.11 -20.71 -28.65
C ARG D 115 -30.67 -20.19 -28.63
N SER D 116 -29.82 -20.78 -29.45
CA SER D 116 -28.39 -20.51 -29.40
C SER D 116 -28.00 -19.04 -29.34
N ASP D 117 -28.55 -18.22 -30.23
CA ASP D 117 -28.12 -16.83 -30.26
C ASP D 117 -29.16 -15.83 -29.75
N SER D 118 -28.66 -14.87 -28.96
CA SER D 118 -29.42 -13.71 -28.49
C SER D 118 -28.59 -12.43 -28.57
N ALA D 119 -28.08 -12.17 -29.76
CA ALA D 119 -27.25 -11.00 -30.00
C ALA D 119 -27.79 -10.22 -31.18
N PHE D 120 -28.83 -10.76 -31.80
CA PHE D 120 -29.29 -10.29 -33.10
C PHE D 120 -30.05 -8.99 -33.03
N PHE D 121 -30.70 -8.76 -31.90
CA PHE D 121 -31.57 -7.62 -31.77
C PHE D 121 -30.78 -6.34 -31.62
N TRP D 122 -29.56 -6.46 -31.13
CA TRP D 122 -28.71 -5.33 -30.98
C TRP D 122 -28.59 -4.59 -32.32
N GLU D 123 -28.22 -5.32 -33.37
CA GLU D 123 -28.07 -4.74 -34.70
C GLU D 123 -29.42 -4.16 -35.13
N GLU D 124 -30.50 -4.79 -34.72
CA GLU D 124 -31.84 -4.28 -35.02
C GLU D 124 -32.05 -2.87 -34.43
N ARG D 125 -32.31 -2.83 -33.12
CA ARG D 125 -32.41 -1.59 -32.32
C ARG D 125 -31.50 -0.46 -32.80
N ASP D 126 -30.19 -0.65 -32.71
CA ASP D 126 -29.21 0.28 -33.26
C ASP D 126 -29.73 0.96 -34.53
N ILE D 127 -30.05 0.14 -35.52
CA ILE D 127 -30.48 0.59 -36.85
C ILE D 127 -31.78 1.35 -36.89
N MET D 128 -32.83 0.61 -36.55
CA MET D 128 -34.22 1.06 -36.56
C MET D 128 -34.41 2.40 -35.88
N ALA D 129 -33.47 2.69 -34.99
CA ALA D 129 -33.54 3.79 -34.07
C ALA D 129 -32.76 4.98 -34.58
N PHE D 130 -31.60 4.71 -35.14
CA PHE D 130 -30.66 5.73 -35.52
C PHE D 130 -30.58 5.96 -37.02
N ALA D 131 -31.12 5.02 -37.79
CA ALA D 131 -31.03 5.08 -39.25
C ALA D 131 -31.47 6.46 -39.76
N ASN D 132 -32.60 6.94 -39.27
CA ASN D 132 -33.03 8.29 -39.61
C ASN D 132 -33.22 8.41 -41.11
N SER D 133 -34.21 7.69 -41.62
CA SER D 133 -34.42 7.64 -43.05
C SER D 133 -35.79 7.07 -43.34
N PRO D 134 -36.42 7.56 -44.42
CA PRO D 134 -37.75 7.15 -44.84
C PRO D 134 -37.71 5.77 -45.44
N TRP D 135 -36.51 5.19 -45.55
CA TRP D 135 -36.32 3.84 -46.08
C TRP D 135 -36.34 2.78 -45.00
N VAL D 136 -36.04 3.17 -43.77
CA VAL D 136 -36.11 2.24 -42.66
C VAL D 136 -37.20 2.61 -41.67
N VAL D 137 -37.91 1.59 -41.19
CA VAL D 137 -38.86 1.76 -40.14
C VAL D 137 -38.15 2.42 -38.95
N GLN D 138 -38.91 3.15 -38.14
CA GLN D 138 -38.37 3.99 -37.07
C GLN D 138 -38.59 3.33 -35.71
N LEU D 139 -37.59 3.36 -34.85
CA LEU D 139 -37.80 2.88 -33.50
C LEU D 139 -37.95 4.08 -32.59
N PHE D 140 -39.02 4.09 -31.79
CA PHE D 140 -39.29 5.23 -30.92
C PHE D 140 -38.87 4.89 -29.51
N TYR D 141 -39.12 3.67 -29.07
CA TYR D 141 -38.86 3.30 -27.70
C TYR D 141 -38.47 1.87 -27.66
N ALA D 142 -37.76 1.50 -26.61
CA ALA D 142 -37.40 0.11 -26.35
C ALA D 142 -37.22 -0.08 -24.88
N PHE D 143 -37.57 -1.26 -24.42
CA PHE D 143 -37.45 -1.55 -23.01
C PHE D 143 -37.76 -3.03 -22.76
N GLN D 144 -37.60 -3.44 -21.50
CA GLN D 144 -37.64 -4.84 -21.14
C GLN D 144 -38.34 -5.03 -19.81
N ASP D 145 -38.76 -6.27 -19.54
CA ASP D 145 -39.03 -6.71 -18.18
C ASP D 145 -38.26 -8.01 -18.02
N ASP D 146 -38.67 -8.86 -17.10
CA ASP D 146 -37.94 -10.08 -16.92
C ASP D 146 -38.34 -11.11 -17.97
N ARG D 147 -39.39 -10.80 -18.72
CA ARG D 147 -39.94 -11.75 -19.66
C ARG D 147 -39.59 -11.38 -21.11
N TYR D 148 -39.85 -10.13 -21.49
CA TYR D 148 -39.77 -9.73 -22.88
C TYR D 148 -38.96 -8.46 -23.17
N LEU D 149 -38.52 -8.31 -24.41
CA LEU D 149 -37.95 -7.10 -24.90
C LEU D 149 -39.02 -6.54 -25.80
N TYR D 150 -39.31 -5.23 -25.70
CA TYR D 150 -40.31 -4.60 -26.56
C TYR D 150 -39.66 -3.53 -27.39
N MET D 151 -40.10 -3.40 -28.63
CA MET D 151 -39.62 -2.30 -29.45
C MET D 151 -40.78 -1.63 -30.12
N VAL D 152 -40.95 -0.37 -29.79
CA VAL D 152 -42.10 0.35 -30.22
C VAL D 152 -41.76 1.17 -31.45
N MET D 153 -42.37 0.80 -32.58
CA MET D 153 -41.98 1.39 -33.83
C MET D 153 -43.18 1.94 -34.61
N GLU D 154 -42.88 2.76 -35.60
CA GLU D 154 -43.89 3.35 -36.48
C GLU D 154 -44.71 2.27 -37.17
N TYR D 155 -45.98 2.17 -36.81
CA TYR D 155 -46.86 1.20 -37.45
C TYR D 155 -46.79 1.39 -38.95
N MET D 156 -47.03 0.31 -39.67
CA MET D 156 -47.07 0.39 -41.11
C MET D 156 -48.39 -0.15 -41.61
N PRO D 157 -49.42 0.70 -41.67
CA PRO D 157 -50.71 0.19 -42.14
C PRO D 157 -50.54 -0.45 -43.51
N GLY D 158 -49.54 -0.02 -44.27
CA GLY D 158 -49.27 -0.55 -45.59
C GLY D 158 -49.33 -2.07 -45.67
N GLY D 159 -48.34 -2.74 -45.09
CA GLY D 159 -48.34 -4.19 -45.08
C GLY D 159 -47.09 -4.77 -45.73
N ASP D 160 -46.94 -6.08 -45.64
CA ASP D 160 -45.79 -6.74 -46.25
C ASP D 160 -45.94 -6.87 -47.77
N LEU D 161 -44.82 -6.91 -48.47
CA LEU D 161 -44.83 -6.97 -49.93
C LEU D 161 -45.05 -8.38 -50.45
N VAL D 162 -45.25 -9.32 -49.56
CA VAL D 162 -45.54 -10.65 -50.04
C VAL D 162 -47.04 -10.73 -50.11
N ASN D 163 -47.68 -9.93 -49.27
CA ASN D 163 -49.13 -9.88 -49.25
C ASN D 163 -49.66 -9.13 -50.45
N LEU D 164 -48.96 -8.06 -50.82
CA LEU D 164 -49.24 -7.37 -52.07
C LEU D 164 -49.17 -8.32 -53.27
N MET D 165 -48.33 -9.34 -53.15
CA MET D 165 -48.17 -10.34 -54.17
C MET D 165 -49.15 -11.49 -54.00
N SER D 166 -50.11 -11.32 -53.10
CA SER D 166 -51.17 -12.32 -52.93
C SER D 166 -52.49 -11.58 -53.05
N ASN D 167 -52.43 -10.40 -53.65
CA ASN D 167 -53.59 -9.55 -53.84
C ASN D 167 -53.42 -8.61 -55.03
N TYR D 168 -52.50 -8.97 -55.92
CA TYR D 168 -52.33 -8.31 -57.21
C TYR D 168 -51.56 -9.21 -58.16
N ASP D 169 -51.31 -8.72 -59.37
CA ASP D 169 -50.35 -9.40 -60.21
C ASP D 169 -49.37 -8.41 -60.80
N VAL D 170 -48.54 -7.87 -59.93
CA VAL D 170 -47.48 -6.93 -60.30
C VAL D 170 -47.28 -6.75 -61.80
N PRO D 171 -47.56 -5.55 -62.30
CA PRO D 171 -47.21 -5.13 -63.65
C PRO D 171 -45.78 -4.59 -63.66
N GLU D 172 -45.04 -4.86 -64.73
CA GLU D 172 -43.69 -4.34 -64.98
C GLU D 172 -43.37 -2.95 -64.40
N LYS D 173 -44.26 -1.98 -64.61
CA LYS D 173 -44.11 -0.63 -64.06
C LYS D 173 -44.00 -0.68 -62.55
N TRP D 174 -45.01 -1.27 -61.93
CA TRP D 174 -45.05 -1.44 -60.49
C TRP D 174 -43.77 -2.04 -60.00
N ALA D 175 -43.29 -3.05 -60.70
CA ALA D 175 -42.11 -3.77 -60.26
C ALA D 175 -40.91 -2.85 -60.29
N ARG D 176 -40.74 -2.07 -61.36
CA ARG D 176 -39.58 -1.19 -61.43
C ARG D 176 -39.62 -0.26 -60.26
N PHE D 177 -40.84 0.08 -59.86
CA PHE D 177 -41.05 0.97 -58.73
C PHE D 177 -40.61 0.38 -57.38
N TYR D 178 -41.20 -0.75 -57.01
CA TYR D 178 -40.87 -1.41 -55.75
C TYR D 178 -39.40 -1.79 -55.75
N THR D 179 -38.98 -2.47 -56.80
CA THR D 179 -37.59 -2.82 -57.02
C THR D 179 -36.64 -1.62 -56.80
N ALA D 180 -37.00 -0.48 -57.38
CA ALA D 180 -36.16 0.70 -57.20
C ALA D 180 -36.10 1.12 -55.73
N GLU D 181 -37.27 1.21 -55.07
CA GLU D 181 -37.35 1.54 -53.64
C GLU D 181 -36.46 0.63 -52.78
N VAL D 182 -36.47 -0.66 -53.08
CA VAL D 182 -35.69 -1.65 -52.34
C VAL D 182 -34.21 -1.55 -52.63
N VAL D 183 -33.87 -1.12 -53.84
CA VAL D 183 -32.48 -0.85 -54.18
C VAL D 183 -31.96 0.37 -53.41
N LEU D 184 -32.87 1.29 -53.11
CA LEU D 184 -32.52 2.51 -52.38
C LEU D 184 -32.44 2.27 -50.88
N ALA D 185 -33.48 1.62 -50.34
CA ALA D 185 -33.54 1.32 -48.91
C ALA D 185 -32.30 0.56 -48.48
N LEU D 186 -31.89 -0.40 -49.29
CA LEU D 186 -30.69 -1.17 -48.96
C LEU D 186 -29.40 -0.34 -48.96
N ASP D 187 -29.17 0.52 -49.97
CA ASP D 187 -27.95 1.33 -50.01
C ASP D 187 -27.85 2.22 -48.78
N ALA D 188 -29.00 2.54 -48.21
CA ALA D 188 -29.03 3.27 -46.97
C ALA D 188 -28.27 2.45 -45.94
N ILE D 189 -28.72 1.21 -45.76
CA ILE D 189 -28.15 0.30 -44.79
C ILE D 189 -26.68 0.02 -45.04
N HIS D 190 -26.31 -0.25 -46.29
CA HIS D 190 -24.92 -0.48 -46.65
C HIS D 190 -24.06 0.72 -46.23
N SER D 191 -24.59 1.92 -46.49
CA SER D 191 -23.88 3.16 -46.16
C SER D 191 -23.65 3.25 -44.67
N MET D 192 -24.55 2.63 -43.91
CA MET D 192 -24.44 2.55 -42.46
C MET D 192 -23.42 1.51 -42.05
N GLY D 193 -22.89 0.81 -43.03
CA GLY D 193 -21.89 -0.21 -42.79
C GLY D 193 -22.53 -1.53 -42.37
N PHE D 194 -23.78 -1.72 -42.75
CA PHE D 194 -24.47 -2.97 -42.45
C PHE D 194 -24.79 -3.72 -43.74
N ILE D 195 -24.62 -5.03 -43.71
CA ILE D 195 -25.11 -5.88 -44.78
C ILE D 195 -26.32 -6.60 -44.22
N HIS D 196 -27.45 -6.50 -44.90
CA HIS D 196 -28.68 -7.02 -44.33
C HIS D 196 -28.64 -8.52 -44.09
N ARG D 197 -28.56 -9.26 -45.20
CA ARG D 197 -28.45 -10.72 -45.19
C ARG D 197 -29.76 -11.49 -45.04
N ASP D 198 -30.87 -10.89 -45.44
CA ASP D 198 -32.15 -11.60 -45.47
C ASP D 198 -33.20 -10.67 -46.09
N VAL D 199 -32.95 -10.29 -47.33
CA VAL D 199 -33.93 -9.60 -48.13
C VAL D 199 -35.06 -10.59 -48.48
N LYS D 200 -36.28 -10.10 -48.68
CA LYS D 200 -37.45 -10.93 -48.98
C LYS D 200 -38.72 -10.16 -48.69
N PRO D 201 -39.80 -10.45 -49.42
CA PRO D 201 -41.02 -9.65 -49.25
C PRO D 201 -41.56 -9.66 -47.83
N ASP D 202 -41.20 -10.68 -47.04
CA ASP D 202 -41.59 -10.72 -45.64
C ASP D 202 -41.10 -9.48 -44.84
N ASN D 203 -39.98 -8.91 -45.26
CA ASN D 203 -39.34 -7.86 -44.48
C ASN D 203 -39.54 -6.48 -45.08
N MET D 204 -40.46 -6.41 -46.02
CA MET D 204 -40.74 -5.19 -46.75
C MET D 204 -42.14 -4.66 -46.43
N LEU D 205 -42.21 -3.54 -45.73
CA LEU D 205 -43.51 -3.03 -45.34
C LEU D 205 -43.82 -1.68 -45.98
N LEU D 206 -45.08 -1.28 -45.91
CA LEU D 206 -45.57 -0.10 -46.61
C LEU D 206 -46.26 0.85 -45.64
N ASP D 207 -46.05 2.15 -45.84
CA ASP D 207 -46.57 3.16 -44.94
C ASP D 207 -47.90 3.71 -45.45
N LYS D 208 -48.48 4.64 -44.68
CA LYS D 208 -49.74 5.26 -45.05
C LYS D 208 -49.80 5.66 -46.52
N SER D 209 -48.64 5.80 -47.15
CA SER D 209 -48.60 6.25 -48.54
C SER D 209 -48.04 5.21 -49.51
N GLY D 210 -48.28 3.94 -49.20
CA GLY D 210 -47.90 2.85 -50.07
C GLY D 210 -46.43 2.81 -50.44
N HIS D 211 -45.58 3.52 -49.69
CA HIS D 211 -44.13 3.45 -49.90
C HIS D 211 -43.47 2.50 -48.91
N LEU D 212 -42.41 1.84 -49.34
CA LEU D 212 -41.86 0.75 -48.57
C LEU D 212 -40.64 1.11 -47.75
N LYS D 213 -40.53 0.41 -46.63
CA LYS D 213 -39.39 0.51 -45.76
C LYS D 213 -39.01 -0.92 -45.46
N LEU D 214 -37.88 -1.12 -44.81
CA LEU D 214 -37.51 -2.45 -44.40
C LEU D 214 -37.81 -2.59 -42.89
N ALA D 215 -38.07 -3.79 -42.41
CA ALA D 215 -38.59 -3.92 -41.05
C ALA D 215 -37.94 -4.94 -40.11
N ASP D 216 -37.29 -5.96 -40.65
CA ASP D 216 -36.59 -6.90 -39.79
C ASP D 216 -35.12 -6.84 -40.09
N PHE D 217 -34.27 -6.95 -39.08
CA PHE D 217 -32.86 -6.78 -39.33
C PHE D 217 -32.07 -7.80 -38.54
N GLY D 218 -32.79 -8.82 -38.06
CA GLY D 218 -32.20 -9.84 -37.21
C GLY D 218 -31.16 -10.69 -37.92
N THR D 219 -30.23 -10.05 -38.57
CA THR D 219 -29.18 -10.77 -39.22
C THR D 219 -28.10 -9.78 -39.56
N CYS D 220 -28.52 -8.57 -39.91
CA CYS D 220 -27.58 -7.56 -40.32
C CYS D 220 -26.27 -7.68 -39.55
N MET D 221 -25.19 -7.48 -40.27
CA MET D 221 -23.87 -7.56 -39.69
C MET D 221 -23.05 -6.41 -40.24
N LYS D 222 -22.26 -5.79 -39.38
CA LYS D 222 -21.48 -4.63 -39.76
C LYS D 222 -20.21 -5.04 -40.51
N MET D 223 -20.03 -4.51 -41.72
CA MET D 223 -18.85 -4.81 -42.51
C MET D 223 -17.63 -4.06 -42.01
N ASN D 224 -16.47 -4.71 -42.06
CA ASN D 224 -15.23 -4.07 -41.68
C ASN D 224 -14.89 -2.93 -42.63
N LYS D 225 -13.78 -2.26 -42.36
CA LYS D 225 -13.42 -1.06 -43.12
C LYS D 225 -13.26 -1.30 -44.62
N GLU D 226 -13.19 -2.57 -45.03
CA GLU D 226 -13.04 -2.90 -46.44
C GLU D 226 -14.30 -3.54 -47.02
N GLY D 227 -15.45 -3.11 -46.51
CA GLY D 227 -16.73 -3.54 -47.04
C GLY D 227 -17.03 -5.02 -46.92
N MET D 228 -16.20 -5.76 -46.20
CA MET D 228 -16.36 -7.21 -46.11
C MET D 228 -16.85 -7.67 -44.74
N VAL D 229 -17.24 -8.94 -44.64
CA VAL D 229 -17.68 -9.53 -43.38
C VAL D 229 -16.98 -10.86 -43.20
N ARG D 230 -16.78 -11.29 -41.96
CA ARG D 230 -16.04 -12.51 -41.73
C ARG D 230 -16.91 -13.62 -41.15
N CYS D 231 -18.12 -13.76 -41.68
CA CYS D 231 -19.08 -14.68 -41.11
C CYS D 231 -18.86 -16.08 -41.59
N ASP D 232 -19.45 -17.07 -40.93
CA ASP D 232 -19.30 -18.46 -41.34
C ASP D 232 -20.45 -19.33 -40.85
N THR D 233 -21.66 -18.81 -41.01
CA THR D 233 -22.85 -19.60 -40.76
C THR D 233 -23.96 -18.93 -41.56
N ALA D 234 -24.70 -19.73 -42.33
CA ALA D 234 -25.72 -19.20 -43.22
C ALA D 234 -26.92 -18.58 -42.51
N VAL D 235 -27.43 -17.50 -43.08
CA VAL D 235 -28.58 -16.83 -42.51
C VAL D 235 -29.58 -16.44 -43.60
N GLY D 236 -30.86 -16.50 -43.28
CA GLY D 236 -31.86 -15.94 -44.17
C GLY D 236 -33.09 -16.81 -44.33
N THR D 237 -33.51 -16.96 -45.58
CA THR D 237 -34.64 -17.79 -45.94
C THR D 237 -34.17 -18.59 -47.17
N PRO D 238 -34.50 -19.90 -47.26
CA PRO D 238 -33.85 -20.69 -48.31
C PRO D 238 -33.97 -20.04 -49.67
N ASP D 239 -35.19 -19.77 -50.14
CA ASP D 239 -35.38 -19.43 -51.55
C ASP D 239 -34.60 -18.22 -51.97
N TYR D 240 -33.97 -17.55 -51.01
CA TYR D 240 -33.31 -16.27 -51.30
C TYR D 240 -31.83 -16.32 -51.05
N ILE D 241 -31.45 -17.05 -50.01
CA ILE D 241 -30.05 -17.13 -49.63
C ILE D 241 -29.19 -17.12 -50.88
N SER D 242 -28.09 -16.38 -50.84
CA SER D 242 -27.17 -16.36 -51.96
C SER D 242 -26.16 -17.49 -51.87
N PRO D 243 -25.46 -17.75 -52.98
CA PRO D 243 -24.44 -18.78 -53.13
C PRO D 243 -23.36 -18.71 -52.06
N GLU D 244 -22.73 -17.55 -51.96
CA GLU D 244 -21.61 -17.37 -51.06
C GLU D 244 -21.94 -17.55 -49.57
N VAL D 245 -23.20 -17.34 -49.21
CA VAL D 245 -23.59 -17.47 -47.81
C VAL D 245 -23.87 -18.95 -47.47
N LEU D 246 -24.00 -19.77 -48.52
CA LEU D 246 -24.18 -21.23 -48.43
C LEU D 246 -22.82 -21.92 -48.30
N LYS D 247 -21.87 -21.48 -49.12
CA LYS D 247 -20.48 -21.92 -49.05
C LYS D 247 -19.82 -21.31 -47.82
N SER D 248 -20.63 -20.65 -47.00
CA SER D 248 -20.10 -19.91 -45.86
C SER D 248 -19.74 -20.90 -44.76
N GLN D 249 -20.61 -21.92 -44.59
CA GLN D 249 -20.44 -22.98 -43.60
C GLN D 249 -19.03 -23.17 -43.06
N GLY D 250 -18.86 -22.69 -41.82
CA GLY D 250 -17.67 -22.92 -41.02
C GLY D 250 -16.35 -23.13 -41.72
N GLY D 251 -15.63 -22.03 -41.89
CA GLY D 251 -14.30 -21.99 -42.42
C GLY D 251 -13.95 -20.80 -43.30
N ASP D 252 -14.81 -20.48 -44.27
CA ASP D 252 -14.45 -19.53 -45.33
C ASP D 252 -15.43 -18.36 -45.58
N GLY D 253 -16.56 -18.37 -44.89
CA GLY D 253 -17.53 -17.30 -45.07
C GLY D 253 -16.84 -15.95 -45.09
N TYR D 254 -16.73 -15.35 -46.26
CA TYR D 254 -16.12 -14.03 -46.40
C TYR D 254 -16.69 -13.28 -47.57
N TYR D 255 -17.62 -12.36 -47.29
CA TYR D 255 -18.31 -11.67 -48.36
C TYR D 255 -18.61 -10.24 -48.06
N GLY D 256 -19.11 -9.58 -49.10
CA GLY D 256 -19.37 -8.16 -49.00
C GLY D 256 -20.82 -7.84 -49.22
N ARG D 257 -21.10 -6.58 -49.51
CA ARG D 257 -22.46 -6.15 -49.72
C ARG D 257 -23.16 -6.98 -50.79
N GLU D 258 -22.42 -7.33 -51.84
CA GLU D 258 -22.97 -7.99 -53.03
C GLU D 258 -24.13 -8.98 -52.79
N CYS D 259 -24.03 -9.77 -51.73
CA CYS D 259 -25.02 -10.81 -51.44
C CYS D 259 -26.43 -10.26 -51.24
N ASP D 260 -26.54 -9.00 -50.80
CA ASP D 260 -27.85 -8.42 -50.57
C ASP D 260 -28.52 -8.09 -51.92
N TRP D 261 -27.71 -7.94 -52.96
CA TRP D 261 -28.25 -7.70 -54.29
C TRP D 261 -28.81 -9.00 -54.87
N TRP D 262 -28.07 -10.09 -54.69
CA TRP D 262 -28.52 -11.40 -55.12
C TRP D 262 -30.00 -11.56 -54.81
N SER D 263 -30.34 -11.30 -53.56
CA SER D 263 -31.73 -11.43 -53.10
C SER D 263 -32.63 -10.44 -53.84
N VAL D 264 -32.09 -9.28 -54.18
CA VAL D 264 -32.78 -8.34 -55.02
C VAL D 264 -33.34 -9.08 -56.22
N GLY D 265 -32.45 -9.76 -56.92
CA GLY D 265 -32.83 -10.56 -58.08
C GLY D 265 -34.00 -11.47 -57.76
N VAL D 266 -33.88 -12.22 -56.68
CA VAL D 266 -34.92 -13.18 -56.31
C VAL D 266 -36.24 -12.47 -55.98
N PHE D 267 -36.14 -11.23 -55.52
CA PHE D 267 -37.30 -10.40 -55.29
C PHE D 267 -37.95 -10.12 -56.64
N LEU D 268 -37.21 -9.40 -57.47
CA LEU D 268 -37.64 -9.06 -58.82
C LEU D 268 -38.27 -10.27 -59.49
N TYR D 269 -37.60 -11.40 -59.39
CA TYR D 269 -38.09 -12.62 -60.00
C TYR D 269 -39.48 -13.00 -59.52
N GLU D 270 -39.57 -13.46 -58.27
CA GLU D 270 -40.86 -13.90 -57.74
C GLU D 270 -41.92 -12.84 -57.99
N MET D 271 -41.49 -11.59 -58.08
CA MET D 271 -42.35 -10.45 -58.23
C MET D 271 -43.11 -10.49 -59.55
N LEU D 272 -42.33 -10.61 -60.63
CA LEU D 272 -42.82 -10.73 -62.00
C LEU D 272 -43.52 -12.06 -62.20
N VAL D 273 -42.75 -13.10 -62.02
CA VAL D 273 -43.18 -14.46 -62.25
C VAL D 273 -44.31 -14.92 -61.32
N GLY D 274 -43.99 -15.44 -60.13
CA GLY D 274 -45.02 -15.87 -59.20
C GLY D 274 -44.46 -16.76 -58.11
N ASP D 275 -43.32 -17.37 -58.46
CA ASP D 275 -42.58 -18.25 -57.58
C ASP D 275 -41.08 -17.94 -57.67
N THR D 276 -40.37 -18.15 -56.58
CA THR D 276 -38.93 -17.90 -56.55
C THR D 276 -38.25 -18.68 -57.67
N PRO D 277 -37.11 -18.18 -58.17
CA PRO D 277 -36.35 -18.84 -59.21
C PRO D 277 -35.53 -20.03 -58.75
N PHE D 278 -35.88 -20.61 -57.60
CA PHE D 278 -35.26 -21.86 -57.18
C PHE D 278 -36.21 -22.66 -56.31
N TYR D 279 -37.51 -22.38 -56.46
CA TYR D 279 -38.57 -23.13 -55.81
C TYR D 279 -38.24 -24.62 -55.80
N ALA D 280 -38.56 -25.31 -54.70
CA ALA D 280 -38.40 -26.76 -54.63
C ALA D 280 -39.43 -27.41 -53.72
N ASP D 281 -40.07 -28.45 -54.23
CA ASP D 281 -41.03 -29.20 -53.46
C ASP D 281 -40.36 -29.71 -52.20
N SER D 282 -39.06 -29.91 -52.29
CA SER D 282 -38.23 -30.28 -51.16
C SER D 282 -37.17 -29.22 -51.03
N LEU D 283 -37.34 -28.33 -50.06
CA LEU D 283 -36.42 -27.22 -49.86
C LEU D 283 -35.03 -27.71 -50.10
N VAL D 284 -34.67 -28.85 -49.52
CA VAL D 284 -33.31 -29.37 -49.60
C VAL D 284 -32.78 -29.10 -50.97
N GLY D 285 -33.63 -29.35 -51.95
CA GLY D 285 -33.23 -29.21 -53.32
C GLY D 285 -32.83 -27.82 -53.72
N THR D 286 -33.58 -26.84 -53.24
CA THR D 286 -33.26 -25.46 -53.54
C THR D 286 -31.82 -25.06 -53.13
N TYR D 287 -31.17 -25.87 -52.28
CA TYR D 287 -29.78 -25.55 -51.93
C TYR D 287 -28.91 -25.73 -53.16
N SER D 288 -29.00 -26.94 -53.74
CA SER D 288 -28.28 -27.30 -54.96
C SER D 288 -28.75 -26.39 -56.07
N LYS D 289 -30.07 -26.23 -56.21
CA LYS D 289 -30.65 -25.25 -57.11
C LYS D 289 -29.85 -23.93 -57.12
N ILE D 290 -29.78 -23.25 -55.98
CA ILE D 290 -29.11 -21.96 -55.96
C ILE D 290 -27.61 -22.07 -56.23
N MET D 291 -27.01 -23.20 -55.90
CA MET D 291 -25.59 -23.41 -56.20
C MET D 291 -25.30 -23.57 -57.70
N ASN D 292 -26.25 -24.10 -58.45
CA ASN D 292 -26.14 -24.12 -59.89
C ASN D 292 -26.95 -23.01 -60.51
N HIS D 293 -26.85 -21.82 -59.91
CA HIS D 293 -27.59 -20.66 -60.39
C HIS D 293 -27.42 -20.53 -61.89
N LYS D 294 -26.19 -20.72 -62.36
CA LYS D 294 -25.89 -20.63 -63.78
C LYS D 294 -26.87 -21.48 -64.56
N ASN D 295 -27.04 -22.73 -64.16
CA ASN D 295 -27.96 -23.61 -64.88
C ASN D 295 -29.38 -23.59 -64.34
N SER D 296 -29.58 -24.16 -63.17
CA SER D 296 -30.89 -24.19 -62.51
C SER D 296 -31.84 -23.05 -62.90
N LEU D 297 -31.27 -21.88 -63.18
CA LEU D 297 -32.00 -20.68 -63.61
C LEU D 297 -33.00 -20.88 -64.75
N THR D 298 -34.22 -21.29 -64.43
CA THR D 298 -35.25 -21.51 -65.45
C THR D 298 -35.89 -20.20 -65.86
N PHE D 299 -36.89 -20.28 -66.73
CA PHE D 299 -37.67 -19.12 -67.14
C PHE D 299 -39.00 -19.63 -67.67
N PRO D 300 -40.04 -18.78 -67.69
CA PRO D 300 -41.32 -19.20 -68.25
C PRO D 300 -41.26 -19.17 -69.79
N ASP D 301 -41.47 -20.33 -70.43
CA ASP D 301 -41.37 -20.44 -71.89
C ASP D 301 -42.27 -19.41 -72.57
N ASP D 302 -43.17 -18.82 -71.78
CA ASP D 302 -44.01 -17.70 -72.19
C ASP D 302 -43.36 -16.37 -71.83
N ASN D 303 -42.59 -15.81 -72.74
CA ASN D 303 -41.91 -14.55 -72.47
C ASN D 303 -42.85 -13.38 -72.23
N ASP D 304 -43.48 -13.34 -71.05
CA ASP D 304 -44.38 -12.23 -70.74
C ASP D 304 -43.59 -11.16 -69.97
N ILE D 305 -42.30 -11.09 -70.28
CA ILE D 305 -41.39 -10.19 -69.56
C ILE D 305 -40.54 -9.38 -70.53
N SER D 306 -39.88 -8.35 -70.00
CA SER D 306 -39.05 -7.45 -70.80
C SER D 306 -37.61 -7.90 -70.89
N LYS D 307 -36.92 -7.36 -71.88
CA LYS D 307 -35.52 -7.70 -72.10
C LYS D 307 -34.68 -7.08 -70.99
N GLU D 308 -35.19 -5.98 -70.45
CA GLU D 308 -34.46 -5.25 -69.41
C GLU D 308 -34.66 -5.89 -68.03
N ALA D 309 -35.84 -6.44 -67.79
CA ALA D 309 -36.06 -7.23 -66.60
C ALA D 309 -35.01 -8.33 -66.60
N LYS D 310 -35.06 -9.19 -67.62
CA LYS D 310 -34.13 -10.31 -67.73
C LYS D 310 -32.69 -9.87 -67.51
N ASN D 311 -32.22 -8.94 -68.35
CA ASN D 311 -30.86 -8.46 -68.26
C ASN D 311 -30.43 -8.11 -66.84
N LEU D 312 -31.40 -7.64 -66.07
CA LEU D 312 -31.14 -7.27 -64.68
C LEU D 312 -31.02 -8.54 -63.86
N ILE D 313 -32.11 -9.29 -63.84
CA ILE D 313 -32.23 -10.48 -63.02
C ILE D 313 -31.01 -11.34 -63.24
N CYS D 314 -30.76 -11.67 -64.49
CA CYS D 314 -29.66 -12.57 -64.83
C CYS D 314 -28.32 -11.89 -64.66
N ALA D 315 -28.33 -10.75 -63.97
CA ALA D 315 -27.10 -10.03 -63.69
C ALA D 315 -26.90 -9.96 -62.18
N PHE D 316 -27.97 -10.20 -61.45
CA PHE D 316 -27.93 -10.27 -60.01
C PHE D 316 -27.75 -11.71 -59.60
N LEU D 317 -28.52 -12.58 -60.24
CA LEU D 317 -28.45 -14.00 -60.00
C LEU D 317 -27.19 -14.55 -60.67
N THR D 318 -26.13 -13.75 -60.70
CA THR D 318 -24.84 -14.18 -61.25
C THR D 318 -23.85 -14.46 -60.14
N ASP D 319 -22.74 -15.11 -60.48
CA ASP D 319 -21.74 -15.48 -59.48
C ASP D 319 -21.23 -14.23 -58.76
N ARG D 320 -21.04 -14.31 -57.43
CA ARG D 320 -20.62 -13.14 -56.63
C ARG D 320 -19.48 -12.34 -57.24
N GLU D 321 -18.46 -13.07 -57.69
CA GLU D 321 -17.26 -12.47 -58.26
C GLU D 321 -17.64 -11.48 -59.36
N VAL D 322 -18.83 -11.62 -59.90
CA VAL D 322 -19.33 -10.63 -60.85
C VAL D 322 -20.84 -10.58 -60.84
N ARG D 323 -21.32 -9.65 -60.03
CA ARG D 323 -22.75 -9.44 -59.91
C ARG D 323 -22.96 -7.95 -60.06
N LEU D 324 -24.08 -7.57 -60.65
CA LEU D 324 -24.36 -6.15 -60.80
C LEU D 324 -24.23 -5.50 -59.42
N GLY D 325 -23.21 -4.65 -59.30
CA GLY D 325 -23.01 -3.93 -58.06
C GLY D 325 -21.82 -4.44 -57.30
N ARG D 326 -21.05 -5.34 -57.89
CA ARG D 326 -19.83 -5.80 -57.25
C ARG D 326 -19.18 -4.60 -56.59
N ASN D 327 -19.20 -3.50 -57.33
CA ASN D 327 -18.67 -2.24 -56.86
C ASN D 327 -19.52 -1.09 -57.38
N GLY D 328 -19.93 -0.20 -56.47
CA GLY D 328 -20.68 0.97 -56.87
C GLY D 328 -22.13 0.66 -57.17
N VAL D 329 -22.99 1.17 -56.30
CA VAL D 329 -24.42 1.01 -56.41
C VAL D 329 -24.94 1.68 -57.67
N GLU D 330 -24.17 2.63 -58.18
CA GLU D 330 -24.62 3.37 -59.33
C GLU D 330 -24.90 2.49 -60.54
N GLU D 331 -23.98 1.57 -60.84
CA GLU D 331 -24.13 0.72 -62.01
C GLU D 331 -25.47 -0.01 -62.01
N ILE D 332 -25.95 -0.31 -60.81
CA ILE D 332 -27.25 -0.94 -60.61
C ILE D 332 -28.35 0.03 -61.07
N LYS D 333 -28.19 1.30 -60.69
CA LYS D 333 -29.18 2.30 -60.96
C LYS D 333 -29.26 2.66 -62.43
N ARG D 334 -28.11 2.93 -63.02
CA ARG D 334 -28.04 3.23 -64.43
C ARG D 334 -28.01 1.93 -65.21
N HIS D 335 -28.93 1.04 -64.87
CA HIS D 335 -29.17 -0.16 -65.69
C HIS D 335 -30.51 0.01 -66.37
N LEU D 336 -30.52 -0.34 -67.64
CA LEU D 336 -31.64 -0.05 -68.51
C LEU D 336 -32.98 -0.25 -67.84
N PHE D 337 -33.10 -1.29 -67.03
CA PHE D 337 -34.39 -1.70 -66.45
C PHE D 337 -35.09 -0.51 -65.80
N PHE D 338 -34.27 0.37 -65.23
CA PHE D 338 -34.77 1.51 -64.47
C PHE D 338 -35.25 2.63 -65.37
N LYS D 339 -34.69 2.71 -66.56
CA LYS D 339 -35.07 3.75 -67.51
C LYS D 339 -36.59 3.92 -67.52
N ASN D 340 -37.04 5.10 -67.11
CA ASN D 340 -38.46 5.40 -67.07
C ASN D 340 -38.71 6.91 -67.01
N ASP D 341 -39.99 7.27 -66.98
CA ASP D 341 -40.39 8.65 -66.86
C ASP D 341 -41.72 8.77 -66.12
N GLN D 342 -41.68 8.52 -64.82
CA GLN D 342 -42.83 8.76 -63.95
C GLN D 342 -42.30 9.04 -62.56
N TRP D 343 -41.00 8.79 -62.40
CA TRP D 343 -40.27 9.11 -61.18
C TRP D 343 -38.79 9.11 -61.52
N ALA D 344 -37.97 9.60 -60.60
CA ALA D 344 -36.52 9.53 -60.79
C ALA D 344 -35.85 9.23 -59.46
N TRP D 345 -34.70 8.57 -59.54
CA TRP D 345 -33.99 8.16 -58.32
C TRP D 345 -34.18 9.21 -57.26
N GLU D 346 -33.74 10.41 -57.57
CA GLU D 346 -33.75 11.52 -56.66
C GLU D 346 -35.15 12.11 -56.50
N THR D 347 -36.14 11.25 -56.29
CA THR D 347 -37.49 11.71 -55.94
C THR D 347 -38.47 10.59 -55.79
N LEU D 348 -38.07 9.41 -56.24
CA LEU D 348 -38.95 8.25 -56.28
C LEU D 348 -39.98 8.24 -55.15
N ARG D 349 -39.57 8.65 -53.95
CA ARG D 349 -40.43 8.57 -52.78
C ARG D 349 -41.53 9.61 -52.79
N ASP D 350 -41.19 10.80 -53.29
CA ASP D 350 -42.13 11.90 -53.29
C ASP D 350 -43.28 11.59 -54.22
N THR D 351 -43.00 10.80 -55.25
CA THR D 351 -44.01 10.46 -56.23
C THR D 351 -45.14 9.69 -55.57
N VAL D 352 -45.99 9.03 -56.35
CA VAL D 352 -47.06 8.25 -55.74
C VAL D 352 -46.97 6.75 -55.97
N ALA D 353 -47.15 6.02 -54.88
CA ALA D 353 -47.02 4.57 -54.85
C ALA D 353 -48.04 3.87 -55.72
N PRO D 354 -47.62 2.78 -56.39
CA PRO D 354 -48.46 1.89 -57.18
C PRO D 354 -49.68 1.41 -56.40
N VAL D 355 -49.59 1.40 -55.08
CA VAL D 355 -50.72 1.04 -54.24
C VAL D 355 -50.77 1.97 -53.03
N VAL D 356 -51.95 2.47 -52.70
CA VAL D 356 -52.10 3.39 -51.58
C VAL D 356 -53.06 2.83 -50.53
N PRO D 357 -52.69 2.95 -49.25
CA PRO D 357 -53.47 2.45 -48.12
C PRO D 357 -54.91 2.98 -48.04
N ASP D 358 -55.84 2.09 -48.32
CA ASP D 358 -57.26 2.37 -48.20
C ASP D 358 -57.66 2.18 -46.74
N LEU D 359 -57.21 3.08 -45.88
CA LEU D 359 -57.39 2.94 -44.44
C LEU D 359 -58.75 3.43 -43.97
N SER D 360 -59.36 2.65 -43.10
CA SER D 360 -60.59 3.07 -42.46
C SER D 360 -60.25 4.13 -41.43
N SER D 361 -59.18 3.88 -40.71
CA SER D 361 -58.84 4.73 -39.60
C SER D 361 -57.36 4.63 -39.31
N ASP D 362 -57.00 4.92 -38.08
CA ASP D 362 -55.62 4.83 -37.65
C ASP D 362 -55.23 3.39 -37.37
N ILE D 363 -56.23 2.53 -37.12
CA ILE D 363 -55.96 1.14 -36.77
C ILE D 363 -56.59 0.11 -37.71
N ASP D 364 -56.50 0.40 -39.00
CA ASP D 364 -57.01 -0.49 -40.03
C ASP D 364 -56.00 -1.61 -40.26
N THR D 365 -56.20 -2.73 -39.57
CA THR D 365 -55.35 -3.92 -39.71
C THR D 365 -55.85 -4.79 -40.83
N SER D 366 -56.27 -4.16 -41.90
CA SER D 366 -56.91 -4.84 -43.01
C SER D 366 -55.90 -5.65 -43.82
N ASN D 367 -54.76 -5.04 -44.06
CA ASN D 367 -53.78 -5.64 -44.94
C ASN D 367 -52.92 -6.70 -44.23
N PHE D 368 -53.32 -7.01 -42.99
CA PHE D 368 -52.62 -7.97 -42.14
C PHE D 368 -53.52 -9.14 -41.72
N ASP D 369 -53.16 -10.37 -42.08
CA ASP D 369 -53.97 -11.56 -41.78
C ASP D 369 -54.14 -11.79 -40.28
N ASP D 370 -55.34 -11.52 -39.74
CA ASP D 370 -55.67 -11.71 -38.31
C ASP D 370 -55.08 -12.94 -37.63
N LEU D 371 -54.70 -12.79 -36.35
CA LEU D 371 -54.03 -13.80 -35.52
C LEU D 371 -54.68 -13.98 -34.15
N GLU D 372 -54.60 -15.19 -33.61
CA GLU D 372 -55.36 -15.58 -32.42
C GLU D 372 -54.98 -14.93 -31.08
N GLU D 373 -53.78 -14.39 -30.96
CA GLU D 373 -53.39 -13.60 -29.79
C GLU D 373 -53.23 -14.39 -28.46
N ASP D 374 -52.18 -15.21 -28.38
CA ASP D 374 -51.84 -15.84 -27.10
C ASP D 374 -50.66 -15.09 -26.46
N LYS D 375 -50.85 -14.65 -25.22
CA LYS D 375 -49.80 -13.93 -24.50
C LYS D 375 -49.34 -14.63 -23.23
N GLY D 376 -48.04 -14.82 -23.12
CA GLY D 376 -47.44 -15.42 -21.93
C GLY D 376 -47.45 -16.94 -21.87
N GLU D 377 -48.26 -17.55 -22.73
CA GLU D 377 -48.44 -19.00 -22.64
C GLU D 377 -47.18 -19.81 -22.94
N GLU D 378 -46.28 -19.29 -23.77
CA GLU D 378 -45.06 -20.02 -24.07
C GLU D 378 -44.22 -20.24 -22.80
N GLU D 379 -42.89 -20.25 -22.91
CA GLU D 379 -42.13 -20.73 -21.76
C GLU D 379 -41.85 -19.67 -20.71
N THR D 380 -41.41 -20.12 -19.54
CA THR D 380 -41.02 -19.19 -18.49
C THR D 380 -39.76 -19.69 -17.74
N PHE D 381 -38.82 -18.78 -17.48
CA PHE D 381 -37.54 -19.10 -16.82
C PHE D 381 -37.71 -19.95 -15.57
N PRO D 382 -36.72 -20.80 -15.26
CA PRO D 382 -36.72 -21.65 -14.06
C PRO D 382 -36.18 -20.88 -12.88
N ILE D 383 -36.67 -21.13 -11.68
CA ILE D 383 -36.08 -20.46 -10.52
C ILE D 383 -34.75 -21.05 -10.18
N PRO D 384 -33.77 -20.18 -9.99
CA PRO D 384 -32.34 -20.48 -9.83
C PRO D 384 -32.01 -21.01 -8.44
N LYS D 385 -31.07 -21.95 -8.38
CA LYS D 385 -30.56 -22.45 -7.12
C LYS D 385 -29.23 -21.75 -6.83
N ALA D 386 -28.97 -20.69 -7.57
CA ALA D 386 -27.77 -19.87 -7.42
C ALA D 386 -27.79 -18.79 -8.48
N PHE D 387 -26.74 -17.98 -8.55
CA PHE D 387 -26.77 -16.87 -9.48
C PHE D 387 -26.53 -17.34 -10.93
N VAL D 388 -27.42 -16.93 -11.81
CA VAL D 388 -27.37 -17.28 -13.22
C VAL D 388 -27.24 -16.02 -14.08
N GLY D 389 -27.86 -14.95 -13.63
CA GLY D 389 -27.91 -13.71 -14.36
C GLY D 389 -28.50 -13.84 -15.76
N ASN D 390 -29.73 -14.30 -15.85
CA ASN D 390 -30.34 -14.42 -17.16
C ASN D 390 -30.51 -13.07 -17.81
N GLN D 391 -30.53 -12.05 -16.97
CA GLN D 391 -30.85 -10.68 -17.40
C GLN D 391 -29.69 -9.90 -18.03
N LEU D 392 -28.49 -10.45 -17.87
CA LEU D 392 -27.27 -9.75 -18.18
C LEU D 392 -27.07 -9.44 -19.66
N PRO D 393 -27.64 -10.24 -20.53
CA PRO D 393 -27.38 -10.04 -21.96
C PRO D 393 -28.22 -8.93 -22.55
N PHE D 394 -29.31 -8.63 -21.84
CA PHE D 394 -30.30 -7.66 -22.27
C PHE D 394 -30.16 -6.35 -21.50
N VAL D 395 -29.05 -6.17 -20.80
CA VAL D 395 -28.81 -4.96 -20.06
C VAL D 395 -28.27 -3.88 -21.00
N GLY D 396 -29.05 -2.83 -21.20
CA GLY D 396 -28.62 -1.74 -22.05
C GLY D 396 -29.55 -1.64 -23.23
N PHE D 397 -30.51 -2.54 -23.29
CA PHE D 397 -31.48 -2.52 -24.35
C PHE D 397 -32.30 -1.24 -24.33
N THR D 398 -32.94 -0.96 -23.19
CA THR D 398 -33.82 0.21 -23.06
C THR D 398 -33.37 1.47 -23.79
N TYR D 399 -34.26 2.02 -24.61
CA TYR D 399 -33.93 3.21 -25.37
C TYR D 399 -35.14 4.14 -25.53
N TYR D 400 -35.18 5.23 -24.76
CA TYR D 400 -36.20 6.27 -24.91
C TYR D 400 -35.62 7.33 -25.82
N SER D 401 -36.36 7.74 -26.82
CA SER D 401 -35.96 8.89 -27.61
C SER D 401 -36.98 9.12 -28.69
N ASN D 402 -37.60 10.30 -28.72
CA ASN D 402 -37.36 11.35 -27.76
C ASN D 402 -38.41 11.32 -26.65
#